data_8XIL
#
_entry.id   8XIL
#
_cell.length_a   83.208
_cell.length_b   88.778
_cell.length_c   88.761
_cell.angle_alpha   98.576
_cell.angle_beta   110.545
_cell.angle_gamma   110.564
#
_symmetry.space_group_name_H-M   'P 1'
#
loop_
_entity.id
_entity.type
_entity.pdbx_description
1 polymer 'Cellodextrin phosphorylase'
2 branched beta-D-glucopyranose-(1-4)-beta-D-glucopyranose-(1-4)-beta-D-glucopyranose
3 non-polymer 'ACETATE ION'
4 non-polymer 2-AMINO-2-HYDROXYMETHYL-PROPANE-1,3-DIOL
5 non-polymer 'SULFATE ION'
6 non-polymer DI(HYDROXYETHYL)ETHER
7 non-polymer GLYCEROL
8 non-polymer 'CHLORIDE ION'
9 water water
#
_entity_poly.entity_id   1
_entity_poly.type   'polypeptide(L)'
_entity_poly.pdbx_seq_one_letter_code
;MITKVTARNNKITPVELLNQKFGNKINLGNFADAVFTDAAFKNVAGIANLPMKAPVMQVLMENSIVSKYLKQFVPDRSVS
FVEEGQKFYIVLEDGQKIEVPEDVNKALKATVSDVKHWAGYLTEDGEHVIDLLKPAPGPHFYVNLLIGNRLGFKRTLQTT
PKSVVDRFGRGSFRSHAATQVLATRFDMRQEENGFPANRQFYLYEDGKQIFYSALIDDNIVEATSKHSSNRTVIKYKTAS
NLEITRTIFLVPHKKGFPLATELQRIEIKNASDKARNLSITYTGMFGTGAVHAIFEDVTYTNVIMQSAALYNDKGEFIGI
TPDYYPEEFKQDTRFVTMIVRNGDEKSFPQSFSTDYNDFVGTGTLEHPAGGSNLNNKLNRKGPGFFALGAPFTVEPGKTV
IIDTFTGLSSSKDNENYSDAVMLRELDNLLRYFEKSESVEETLNEIINFHENYGKYFQFNTGNKLFDSGFNRNLAFQVLY
QTFMSRSFGQTQKGYREIGFREIQDLFASMYYFINIGYQDFVKELLFEWTANVYKMGYANHNFYWVGKQPGLYSDDSLWL
LQAYYRYIIYTKDTSVLNEEVPVADGNNEKRAVRETLKAIIQYSASISVGDHGLPLLDLADWNDSLKIDSNSIDGATKEK
LYYEQLKKTNGKYGDRFMSDYSESVMNAFLLKLAIDHLAEIATLDNDTQLAQQMSELSKEVTDRIQKHAWKENFFARVLI
NRYKDGSYTYLGAKGDKLSADPNIDGVYFLNSFAWSVLSDVATDEQIAIMVDVIKKHLLTPYGLRLVTPADLNKIANDTA
TGHYFFGDRENGAVFKHASMMAVAALIKAAKKVKDNELAKEMARIAYFMIDLVLPYKNLENPFQVAGNPRISTQYINTDT
GENIGPLLSGTATWLNLNLISLAGIEYTRDGISFNPILREEETQLNFTLKAPKSSYKFSITKPVGFARMESSEYELFVDG
QKIDNTVIPMYTDEKEHIVTLKFKLEHHHHHH
;
_entity_poly.pdbx_strand_id   A,B
#
# COMPACT_ATOMS: atom_id res chain seq x y z
N MET A 1 -29.76 22.93 8.56
CA MET A 1 -28.76 23.95 8.33
C MET A 1 -28.07 23.63 7.01
N ILE A 2 -26.91 22.93 7.09
CA ILE A 2 -26.18 22.51 5.91
C ILE A 2 -26.84 21.28 5.32
N THR A 3 -26.94 21.22 3.99
CA THR A 3 -27.48 20.06 3.32
C THR A 3 -26.42 19.39 2.43
N LYS A 4 -26.72 18.17 2.03
CA LYS A 4 -25.80 17.29 1.31
C LYS A 4 -26.54 16.73 0.11
N VAL A 5 -25.86 16.75 -1.04
CA VAL A 5 -26.41 16.24 -2.29
C VAL A 5 -25.38 15.28 -2.86
N THR A 6 -25.74 14.01 -2.98
CA THR A 6 -24.82 13.01 -3.50
C THR A 6 -24.86 12.95 -5.02
N ALA A 7 -23.82 12.36 -5.61
CA ALA A 7 -23.77 12.20 -7.06
C ALA A 7 -25.06 11.55 -7.56
N ARG A 8 -25.50 10.48 -6.90
CA ARG A 8 -26.68 9.75 -7.34
C ARG A 8 -27.99 10.48 -7.04
N ASN A 9 -28.04 11.28 -5.97
N ASN A 9 -28.07 11.26 -5.97
CA ASN A 9 -29.28 12.00 -5.64
CA ASN A 9 -29.32 11.95 -5.67
C ASN A 9 -29.44 13.31 -6.38
C ASN A 9 -29.42 13.33 -6.32
N ASN A 10 -28.42 13.73 -7.11
CA ASN A 10 -28.52 14.97 -7.89
C ASN A 10 -29.72 14.88 -8.82
N LYS A 11 -30.61 15.88 -8.73
CA LYS A 11 -31.90 15.78 -9.38
C LYS A 11 -31.78 15.59 -10.89
N ILE A 12 -30.99 16.44 -11.56
CA ILE A 12 -30.95 16.47 -13.02
C ILE A 12 -29.51 16.54 -13.52
N THR A 13 -29.32 16.05 -14.74
CA THR A 13 -28.01 16.00 -15.36
C THR A 13 -27.78 17.23 -16.22
N PRO A 14 -26.52 17.53 -16.55
CA PRO A 14 -26.26 18.67 -17.44
C PRO A 14 -26.98 18.55 -18.78
N VAL A 15 -26.98 17.37 -19.37
CA VAL A 15 -27.57 17.21 -20.69
C VAL A 15 -29.08 17.34 -20.61
N GLU A 16 -29.68 16.85 -19.53
CA GLU A 16 -31.11 17.08 -19.34
C GLU A 16 -31.42 18.56 -19.24
N LEU A 17 -30.61 19.31 -18.49
CA LEU A 17 -30.87 20.75 -18.38
C LEU A 17 -30.61 21.47 -19.70
N LEU A 18 -29.63 21.00 -20.48
CA LEU A 18 -29.39 21.57 -21.80
C LEU A 18 -30.61 21.40 -22.70
N ASN A 19 -31.18 20.18 -22.73
CA ASN A 19 -32.38 19.94 -23.51
C ASN A 19 -33.54 20.79 -23.00
N GLN A 20 -33.69 20.88 -21.68
CA GLN A 20 -34.78 21.69 -21.12
C GLN A 20 -34.68 23.13 -21.58
N LYS A 21 -33.47 23.68 -21.63
CA LYS A 21 -33.28 25.09 -21.98
C LYS A 21 -33.20 25.35 -23.48
N PHE A 22 -32.77 24.36 -24.29
CA PHE A 22 -32.50 24.62 -25.69
C PHE A 22 -33.18 23.68 -26.68
N GLY A 23 -33.82 22.61 -26.22
CA GLY A 23 -34.24 21.51 -27.10
C GLY A 23 -35.26 21.87 -28.17
N ASN A 24 -35.81 23.08 -28.17
CA ASN A 24 -36.73 23.48 -29.21
C ASN A 24 -36.37 24.82 -29.84
N LYS A 25 -35.15 25.29 -29.60
CA LYS A 25 -34.53 26.33 -30.40
C LYS A 25 -33.46 25.77 -31.32
N ILE A 26 -32.92 24.60 -31.00
CA ILE A 26 -31.94 23.90 -31.83
C ILE A 26 -32.22 22.41 -31.71
N ASN A 27 -31.73 21.66 -32.70
CA ASN A 27 -31.85 20.20 -32.68
C ASN A 27 -30.64 19.65 -31.94
N LEU A 28 -30.87 19.09 -30.76
CA LEU A 28 -29.78 18.54 -29.98
C LEU A 28 -29.36 17.15 -30.46
N GLY A 29 -30.09 16.58 -31.42
CA GLY A 29 -29.70 15.31 -32.00
C GLY A 29 -29.86 14.16 -31.03
N ASN A 30 -29.19 13.05 -31.36
CA ASN A 30 -29.29 11.85 -30.55
C ASN A 30 -28.32 11.85 -29.38
N PHE A 31 -27.20 12.54 -29.50
CA PHE A 31 -26.23 12.64 -28.43
C PHE A 31 -25.78 14.08 -28.30
N ALA A 32 -25.57 14.51 -27.06
CA ALA A 32 -25.09 15.83 -26.76
C ALA A 32 -24.14 15.72 -25.58
N ASP A 33 -23.46 16.80 -25.26
CA ASP A 33 -22.64 16.85 -24.06
C ASP A 33 -22.83 18.19 -23.39
N ALA A 34 -22.68 18.22 -22.06
CA ALA A 34 -22.88 19.44 -21.31
C ALA A 34 -22.19 19.33 -19.97
N VAL A 35 -21.88 20.51 -19.39
CA VAL A 35 -21.35 20.62 -18.05
C VAL A 35 -22.11 21.72 -17.31
N PHE A 36 -22.33 21.52 -16.01
CA PHE A 36 -22.84 22.61 -15.19
C PHE A 36 -21.78 23.70 -15.11
N THR A 37 -22.21 24.96 -15.15
CA THR A 37 -21.32 26.11 -15.18
C THR A 37 -20.95 26.59 -13.79
N ASP A 38 -21.60 26.09 -12.75
CA ASP A 38 -21.32 26.50 -11.38
C ASP A 38 -21.71 25.37 -10.44
N ALA A 39 -21.28 25.50 -9.19
CA ALA A 39 -21.43 24.45 -8.20
C ALA A 39 -22.84 24.29 -7.67
N ALA A 40 -23.75 25.20 -8.00
CA ALA A 40 -25.16 25.04 -7.66
C ALA A 40 -25.99 24.49 -8.82
N PHE A 41 -25.37 24.18 -9.95
CA PHE A 41 -25.99 23.46 -11.05
C PHE A 41 -27.13 24.23 -11.72
N LYS A 42 -27.16 25.55 -11.64
CA LYS A 42 -28.29 26.28 -12.21
C LYS A 42 -28.19 26.46 -13.72
N ASN A 43 -26.97 26.52 -14.26
CA ASN A 43 -26.79 26.77 -15.69
C ASN A 43 -25.83 25.74 -16.29
N VAL A 44 -25.85 25.67 -17.63
CA VAL A 44 -25.08 24.68 -18.35
C VAL A 44 -24.43 25.30 -19.58
N ALA A 45 -23.31 24.71 -19.99
CA ALA A 45 -22.71 24.94 -21.30
C ALA A 45 -22.63 23.59 -21.98
N GLY A 46 -23.11 23.52 -23.23
CA GLY A 46 -23.14 22.24 -23.91
C GLY A 46 -22.92 22.38 -25.40
N ILE A 47 -23.01 21.24 -26.08
CA ILE A 47 -22.80 21.15 -27.52
C ILE A 47 -23.75 20.09 -28.08
N ALA A 48 -24.36 20.40 -29.22
CA ALA A 48 -25.42 19.60 -29.79
C ALA A 48 -24.90 18.58 -30.79
N ASN A 49 -25.68 17.52 -30.99
CA ASN A 49 -25.61 16.66 -32.18
C ASN A 49 -24.25 15.98 -32.35
N LEU A 50 -23.79 15.30 -31.30
CA LEU A 50 -22.60 14.50 -31.38
C LEU A 50 -22.94 13.10 -31.93
N PRO A 51 -21.95 12.40 -32.48
CA PRO A 51 -22.23 11.06 -33.03
C PRO A 51 -22.33 9.96 -31.99
N MET A 52 -21.83 10.19 -30.79
CA MET A 52 -21.95 9.26 -29.67
C MET A 52 -21.66 10.06 -28.42
N LYS A 53 -21.89 9.45 -27.27
CA LYS A 53 -21.54 10.08 -26.01
C LYS A 53 -20.03 10.25 -25.93
N ALA A 54 -19.59 11.41 -25.50
CA ALA A 54 -18.16 11.64 -25.39
C ALA A 54 -17.92 12.91 -24.58
N PRO A 55 -16.79 13.02 -23.90
CA PRO A 55 -16.51 14.19 -23.03
C PRO A 55 -16.01 15.39 -23.82
N VAL A 56 -16.87 15.88 -24.72
CA VAL A 56 -16.48 16.93 -25.63
C VAL A 56 -16.31 18.25 -24.90
N MET A 57 -17.20 18.57 -23.98
CA MET A 57 -17.06 19.82 -23.26
C MET A 57 -15.75 19.86 -22.48
N GLN A 58 -15.35 18.73 -21.91
CA GLN A 58 -14.07 18.69 -21.18
C GLN A 58 -12.90 19.02 -22.11
N VAL A 59 -12.89 18.43 -23.29
CA VAL A 59 -11.80 18.67 -24.23
C VAL A 59 -11.84 20.13 -24.72
N LEU A 60 -13.04 20.64 -25.01
CA LEU A 60 -13.16 22.04 -25.42
C LEU A 60 -12.64 22.98 -24.35
N MET A 61 -12.91 22.67 -23.08
N MET A 61 -12.91 22.67 -23.08
CA MET A 61 -12.47 23.56 -22.01
CA MET A 61 -12.47 23.55 -22.01
C MET A 61 -10.96 23.54 -21.81
C MET A 61 -10.96 23.56 -21.88
N GLU A 62 -10.28 22.47 -22.26
CA GLU A 62 -8.82 22.47 -22.24
C GLU A 62 -8.25 23.36 -23.35
N ASN A 63 -9.07 23.76 -24.32
CA ASN A 63 -8.63 24.61 -25.43
C ASN A 63 -8.73 26.06 -24.98
N SER A 64 -7.58 26.75 -25.01
CA SER A 64 -7.51 28.11 -24.48
C SER A 64 -8.46 29.04 -25.21
N ILE A 65 -8.58 28.90 -26.53
CA ILE A 65 -9.40 29.81 -27.32
C ILE A 65 -10.88 29.61 -27.01
N VAL A 66 -11.33 28.36 -26.94
CA VAL A 66 -12.74 28.11 -26.67
C VAL A 66 -13.08 28.45 -25.23
N SER A 67 -12.17 28.10 -24.30
CA SER A 67 -12.40 28.38 -22.89
C SER A 67 -12.56 29.88 -22.65
N LYS A 68 -11.68 30.69 -23.24
CA LYS A 68 -11.79 32.14 -23.08
C LYS A 68 -13.09 32.66 -23.70
N TYR A 69 -13.45 32.15 -24.89
CA TYR A 69 -14.68 32.61 -25.51
C TYR A 69 -15.90 32.31 -24.62
N LEU A 70 -15.93 31.13 -24.00
CA LEU A 70 -17.07 30.78 -23.17
C LEU A 70 -17.22 31.72 -21.98
N LYS A 71 -16.12 32.28 -21.47
CA LYS A 71 -16.18 33.14 -20.30
C LYS A 71 -16.92 34.44 -20.57
N GLN A 72 -17.18 34.79 -21.83
CA GLN A 72 -18.03 35.93 -22.11
C GLN A 72 -19.48 35.67 -21.74
N PHE A 73 -19.87 34.41 -21.55
CA PHE A 73 -21.24 34.05 -21.23
C PHE A 73 -21.35 33.30 -19.91
N VAL A 74 -20.50 32.31 -19.67
CA VAL A 74 -20.61 31.50 -18.45
C VAL A 74 -19.81 32.21 -17.35
N PRO A 75 -20.20 32.05 -16.09
CA PRO A 75 -21.25 31.17 -15.58
C PRO A 75 -22.68 31.71 -15.56
N ASP A 76 -22.90 33.01 -15.80
CA ASP A 76 -24.21 33.58 -15.52
C ASP A 76 -25.26 33.14 -16.55
N ARG A 77 -24.84 32.82 -17.77
CA ARG A 77 -25.76 32.47 -18.85
C ARG A 77 -25.47 31.09 -19.38
N SER A 78 -26.53 30.28 -19.53
CA SER A 78 -26.41 29.00 -20.20
C SER A 78 -26.22 29.19 -21.70
N VAL A 79 -25.50 28.23 -22.32
CA VAL A 79 -25.14 28.32 -23.73
C VAL A 79 -25.10 26.92 -24.33
N SER A 80 -25.34 26.87 -25.64
CA SER A 80 -25.09 25.65 -26.40
C SER A 80 -24.43 26.01 -27.72
N PHE A 81 -23.37 25.27 -28.06
CA PHE A 81 -22.79 25.33 -29.38
C PHE A 81 -23.62 24.49 -30.34
N VAL A 82 -23.76 24.97 -31.58
N VAL A 82 -23.72 24.95 -31.58
CA VAL A 82 -24.44 24.24 -32.63
CA VAL A 82 -24.43 24.22 -32.62
C VAL A 82 -23.71 24.51 -33.94
C VAL A 82 -23.74 24.51 -33.94
N GLU A 83 -23.67 23.49 -34.80
CA GLU A 83 -23.09 23.61 -36.13
C GLU A 83 -24.22 23.59 -37.15
N GLU A 84 -24.23 24.59 -38.03
CA GLU A 84 -25.20 24.65 -39.12
C GLU A 84 -24.44 25.11 -40.36
N GLY A 85 -24.66 24.40 -41.47
CA GLY A 85 -23.92 24.73 -42.68
C GLY A 85 -22.42 24.68 -42.50
N GLN A 86 -21.93 23.75 -41.67
CA GLN A 86 -20.50 23.55 -41.47
C GLN A 86 -19.83 24.75 -40.82
N LYS A 87 -20.58 25.56 -40.09
CA LYS A 87 -20.03 26.66 -39.29
C LYS A 87 -20.73 26.66 -37.93
N PHE A 88 -20.02 27.14 -36.90
CA PHE A 88 -20.51 27.05 -35.54
C PHE A 88 -21.14 28.35 -35.04
N TYR A 89 -22.18 28.19 -34.23
CA TYR A 89 -22.82 29.27 -33.53
C TYR A 89 -22.91 28.91 -32.06
N ILE A 90 -23.11 29.92 -31.24
CA ILE A 90 -23.44 29.73 -29.84
C ILE A 90 -24.84 30.31 -29.62
N VAL A 91 -25.68 29.55 -28.95
CA VAL A 91 -27.08 29.88 -28.73
C VAL A 91 -27.28 30.21 -27.27
N LEU A 92 -28.03 31.27 -27.00
CA LEU A 92 -28.36 31.71 -25.66
C LEU A 92 -29.81 31.39 -25.38
N GLU A 93 -30.17 31.44 -24.10
CA GLU A 93 -31.53 31.11 -23.71
C GLU A 93 -32.54 32.13 -24.21
N ASP A 94 -32.14 33.39 -24.36
CA ASP A 94 -33.05 34.40 -24.88
C ASP A 94 -33.30 34.24 -26.37
N GLY A 95 -32.65 33.28 -27.03
CA GLY A 95 -32.86 33.02 -28.44
C GLY A 95 -31.77 33.53 -29.36
N GLN A 96 -30.88 34.39 -28.88
CA GLN A 96 -29.77 34.84 -29.69
C GLN A 96 -29.00 33.64 -30.23
N LYS A 97 -28.61 33.72 -31.49
CA LYS A 97 -27.72 32.75 -32.13
C LYS A 97 -26.57 33.55 -32.75
N ILE A 98 -25.38 33.39 -32.19
CA ILE A 98 -24.22 34.20 -32.54
C ILE A 98 -23.23 33.33 -33.29
N GLU A 99 -22.86 33.75 -34.50
CA GLU A 99 -21.79 33.08 -35.23
C GLU A 99 -20.49 33.31 -34.48
N VAL A 100 -19.82 32.23 -34.11
CA VAL A 100 -18.63 32.36 -33.26
C VAL A 100 -17.46 32.85 -34.10
N PRO A 101 -16.47 33.51 -33.49
CA PRO A 101 -15.31 33.95 -34.25
C PRO A 101 -14.63 32.79 -34.97
N GLU A 102 -13.84 33.13 -35.99
CA GLU A 102 -13.24 32.11 -36.85
C GLU A 102 -12.33 31.18 -36.06
N ASP A 103 -11.57 31.70 -35.10
CA ASP A 103 -10.64 30.84 -34.37
C ASP A 103 -11.38 29.86 -33.47
N VAL A 104 -12.50 30.29 -32.89
CA VAL A 104 -13.35 29.39 -32.11
C VAL A 104 -13.99 28.36 -33.03
N ASN A 105 -14.45 28.79 -34.19
CA ASN A 105 -15.05 27.88 -35.16
C ASN A 105 -14.07 26.78 -35.55
N LYS A 106 -12.83 27.15 -35.85
CA LYS A 106 -11.83 26.14 -36.21
C LYS A 106 -11.61 25.16 -35.08
N ALA A 107 -11.50 25.65 -33.84
CA ALA A 107 -11.29 24.77 -32.70
C ALA A 107 -12.48 23.83 -32.49
N LEU A 108 -13.70 24.35 -32.62
CA LEU A 108 -14.87 23.49 -32.47
C LEU A 108 -14.93 22.44 -33.57
N LYS A 109 -14.68 22.86 -34.81
CA LYS A 109 -14.72 21.90 -35.92
C LYS A 109 -13.69 20.80 -35.73
N ALA A 110 -12.45 21.19 -35.40
CA ALA A 110 -11.42 20.18 -35.20
C ALA A 110 -11.80 19.22 -34.08
N THR A 111 -12.38 19.76 -33.01
CA THR A 111 -12.68 18.92 -31.85
C THR A 111 -13.75 17.90 -32.16
N VAL A 112 -14.81 18.31 -32.86
CA VAL A 112 -15.91 17.38 -33.12
C VAL A 112 -15.63 16.46 -34.30
N SER A 113 -14.57 16.73 -35.08
CA SER A 113 -14.42 16.09 -36.38
C SER A 113 -14.31 14.56 -36.28
N ASP A 114 -13.65 14.03 -35.23
CA ASP A 114 -13.39 12.60 -35.15
C ASP A 114 -13.83 12.00 -33.83
N VAL A 115 -14.90 12.55 -33.24
CA VAL A 115 -15.39 12.08 -31.95
C VAL A 115 -15.66 10.58 -31.95
N LYS A 116 -16.17 10.04 -33.06
CA LYS A 116 -16.48 8.63 -33.12
C LYS A 116 -15.27 7.74 -32.84
N HIS A 117 -14.05 8.26 -32.98
CA HIS A 117 -12.87 7.45 -32.75
C HIS A 117 -12.06 7.90 -31.56
N TRP A 118 -12.65 8.66 -30.63
CA TRP A 118 -11.87 9.18 -29.51
C TRP A 118 -11.31 8.09 -28.60
N ALA A 119 -11.97 6.94 -28.50
CA ALA A 119 -11.47 5.85 -27.69
C ALA A 119 -10.64 4.87 -28.51
N GLY A 120 -10.23 5.26 -29.71
CA GLY A 120 -9.38 4.46 -30.56
C GLY A 120 -10.20 3.63 -31.52
N TYR A 121 -9.52 2.72 -32.20
CA TYR A 121 -10.17 1.84 -33.15
C TYR A 121 -9.40 0.53 -33.21
N LEU A 122 -10.04 -0.47 -33.80
CA LEU A 122 -9.43 -1.78 -33.97
C LEU A 122 -8.97 -1.98 -35.42
N THR A 123 -7.75 -2.51 -35.58
CA THR A 123 -7.29 -2.90 -36.90
C THR A 123 -8.03 -4.16 -37.34
N GLU A 124 -7.84 -4.53 -38.61
CA GLU A 124 -8.49 -5.74 -39.11
C GLU A 124 -8.06 -6.96 -38.31
N ASP A 125 -6.85 -6.93 -37.75
CA ASP A 125 -6.35 -8.03 -36.93
C ASP A 125 -6.70 -7.89 -35.45
N GLY A 126 -7.54 -6.92 -35.09
CA GLY A 126 -8.02 -6.82 -33.73
C GLY A 126 -7.13 -6.12 -32.75
N GLU A 127 -6.20 -5.32 -33.26
CA GLU A 127 -5.27 -4.55 -32.44
C GLU A 127 -5.86 -3.19 -32.16
N HIS A 128 -5.71 -2.70 -30.94
CA HIS A 128 -6.33 -1.46 -30.53
C HIS A 128 -5.34 -0.33 -30.71
N VAL A 129 -5.67 0.60 -31.62
CA VAL A 129 -4.87 1.78 -31.90
C VAL A 129 -5.48 2.93 -31.11
N ILE A 130 -4.67 3.51 -30.23
CA ILE A 130 -5.08 4.44 -29.18
C ILE A 130 -4.33 5.75 -29.37
N ASP A 131 -5.03 6.86 -29.22
CA ASP A 131 -4.43 8.20 -29.23
C ASP A 131 -4.03 8.54 -27.80
N LEU A 132 -2.78 8.97 -27.62
CA LEU A 132 -2.27 9.21 -26.28
C LEU A 132 -2.82 10.47 -25.64
N LEU A 133 -3.56 11.30 -26.38
CA LEU A 133 -4.17 12.49 -25.79
C LEU A 133 -5.62 12.29 -25.36
N LYS A 134 -6.30 11.36 -25.92
CA LYS A 134 -7.74 11.28 -25.73
C LYS A 134 -8.10 10.73 -24.35
N PRO A 135 -9.24 11.11 -23.80
CA PRO A 135 -9.63 10.57 -22.48
C PRO A 135 -9.91 9.08 -22.54
N ALA A 136 -9.80 8.44 -21.38
CA ALA A 136 -10.06 7.02 -21.27
C ALA A 136 -11.51 6.78 -20.86
N PRO A 137 -12.17 5.82 -21.49
CA PRO A 137 -13.50 5.45 -21.01
C PRO A 137 -13.53 4.96 -19.58
N GLY A 138 -12.49 4.24 -19.15
CA GLY A 138 -12.38 3.68 -17.83
C GLY A 138 -10.98 3.12 -17.66
N PRO A 139 -10.64 2.66 -16.44
CA PRO A 139 -9.25 2.36 -16.11
C PRO A 139 -8.73 1.04 -16.63
N HIS A 140 -9.58 0.23 -17.27
CA HIS A 140 -9.15 -1.01 -17.89
C HIS A 140 -9.14 -0.93 -19.40
N PHE A 141 -9.59 0.18 -19.98
CA PHE A 141 -9.90 0.22 -21.42
C PHE A 141 -8.65 0.24 -22.28
N TYR A 142 -7.61 0.97 -21.86
CA TYR A 142 -6.39 1.12 -22.62
C TYR A 142 -5.24 0.21 -22.13
N VAL A 143 -5.58 -0.99 -21.66
CA VAL A 143 -4.65 -1.92 -21.04
C VAL A 143 -4.43 -3.13 -21.91
N ASN A 144 -3.17 -3.54 -21.98
CA ASN A 144 -2.78 -4.81 -22.57
C ASN A 144 -2.13 -5.69 -21.50
N LEU A 145 -2.25 -7.01 -21.68
CA LEU A 145 -1.70 -8.01 -20.78
C LEU A 145 -0.71 -8.86 -21.56
N LEU A 146 0.50 -9.00 -21.03
CA LEU A 146 1.58 -9.75 -21.65
C LEU A 146 1.91 -10.98 -20.80
N ILE A 147 2.43 -12.01 -21.46
CA ILE A 147 2.81 -13.25 -20.79
C ILE A 147 4.04 -13.81 -21.47
N GLY A 148 4.87 -14.48 -20.67
CA GLY A 148 5.99 -15.23 -21.19
C GLY A 148 5.53 -16.58 -21.71
N ASN A 149 6.47 -17.53 -21.77
CA ASN A 149 6.16 -18.87 -22.24
C ASN A 149 7.11 -19.85 -21.55
N ARG A 150 6.55 -20.65 -20.65
CA ARG A 150 7.29 -21.67 -19.94
C ARG A 150 6.90 -23.09 -20.37
N LEU A 151 6.21 -23.22 -21.50
CA LEU A 151 5.93 -24.56 -22.01
C LEU A 151 7.23 -25.31 -22.27
N GLY A 152 7.26 -26.57 -21.87
CA GLY A 152 8.47 -27.35 -21.95
C GLY A 152 9.41 -27.19 -20.78
N PHE A 153 9.05 -26.39 -19.79
CA PHE A 153 9.86 -26.17 -18.59
C PHE A 153 8.97 -26.44 -17.37
N LYS A 154 9.60 -26.45 -16.20
CA LYS A 154 8.93 -26.90 -14.99
C LYS A 154 8.02 -25.84 -14.38
N ARG A 155 6.95 -26.30 -13.76
CA ARG A 155 6.05 -25.51 -12.94
C ARG A 155 5.57 -24.29 -13.73
N THR A 156 4.93 -24.57 -14.85
N THR A 156 4.95 -24.57 -14.87
CA THR A 156 4.61 -23.53 -15.82
CA THR A 156 4.61 -23.50 -15.82
C THR A 156 3.64 -22.50 -15.26
C THR A 156 3.66 -22.48 -15.20
N LEU A 157 2.60 -22.94 -14.53
CA LEU A 157 1.66 -21.99 -13.97
C LEU A 157 2.36 -21.05 -12.99
N GLN A 158 3.25 -21.61 -12.17
CA GLN A 158 3.85 -20.86 -11.08
C GLN A 158 5.03 -20.02 -11.51
N THR A 159 5.58 -20.23 -12.70
CA THR A 159 6.81 -19.55 -13.10
C THR A 159 6.72 -18.69 -14.35
N THR A 160 5.61 -18.73 -15.08
CA THR A 160 5.50 -17.90 -16.28
C THR A 160 5.46 -16.42 -15.90
N PRO A 161 6.30 -15.59 -16.49
CA PRO A 161 6.24 -14.16 -16.15
C PRO A 161 5.05 -13.49 -16.83
N LYS A 162 4.68 -12.33 -16.29
CA LYS A 162 3.49 -11.63 -16.76
C LYS A 162 3.64 -10.14 -16.50
N SER A 163 3.04 -9.35 -17.39
CA SER A 163 3.15 -7.91 -17.33
C SER A 163 1.85 -7.23 -17.71
N VAL A 164 1.66 -6.04 -17.20
N VAL A 164 1.67 -6.03 -17.18
CA VAL A 164 0.55 -5.19 -17.59
CA VAL A 164 0.56 -5.15 -17.51
C VAL A 164 1.10 -3.89 -18.12
C VAL A 164 1.14 -3.88 -18.13
N VAL A 165 0.55 -3.46 -19.25
CA VAL A 165 1.05 -2.32 -20.02
C VAL A 165 -0.14 -1.49 -20.47
N ASP A 166 -0.17 -0.21 -20.05
CA ASP A 166 -1.20 0.71 -20.56
C ASP A 166 -0.68 1.41 -21.81
N ARG A 167 -1.47 2.35 -22.34
CA ARG A 167 -1.12 2.97 -23.62
C ARG A 167 0.20 3.73 -23.56
N PHE A 168 0.60 4.21 -22.38
CA PHE A 168 1.88 4.90 -22.17
C PHE A 168 2.99 3.95 -21.74
N GLY A 169 2.73 2.65 -21.70
CA GLY A 169 3.71 1.72 -21.22
C GLY A 169 3.77 1.62 -19.71
N ARG A 170 2.86 2.29 -19.01
N ARG A 170 2.88 2.31 -19.00
CA ARG A 170 2.82 2.21 -17.56
CA ARG A 170 2.87 2.23 -17.55
C ARG A 170 2.38 0.83 -17.12
C ARG A 170 2.35 0.87 -17.10
N GLY A 171 2.72 0.50 -15.88
CA GLY A 171 2.32 -0.77 -15.32
C GLY A 171 3.47 -1.44 -14.59
N SER A 172 3.46 -2.77 -14.55
CA SER A 172 4.40 -3.54 -13.77
C SER A 172 4.57 -4.90 -14.40
N PHE A 173 5.49 -5.68 -13.83
CA PHE A 173 6.08 -6.85 -14.44
C PHE A 173 6.44 -7.77 -13.30
N ARG A 174 5.95 -9.01 -13.38
CA ARG A 174 6.13 -10.00 -12.33
C ARG A 174 6.73 -11.30 -12.85
N SER A 175 7.45 -11.97 -11.94
CA SER A 175 7.87 -13.36 -12.13
C SER A 175 6.88 -14.24 -11.38
N HIS A 176 7.36 -15.31 -10.74
CA HIS A 176 6.50 -16.27 -10.06
C HIS A 176 5.63 -15.58 -9.01
N ALA A 177 4.42 -16.12 -8.82
CA ALA A 177 3.52 -15.67 -7.76
C ALA A 177 3.33 -14.17 -7.89
N ALA A 178 3.48 -13.39 -6.84
CA ALA A 178 3.38 -11.95 -6.89
C ALA A 178 4.76 -11.29 -6.80
N THR A 179 5.81 -12.00 -7.22
CA THR A 179 7.15 -11.45 -7.15
C THR A 179 7.28 -10.31 -8.16
N GLN A 180 7.60 -9.12 -7.66
CA GLN A 180 7.65 -7.92 -8.49
C GLN A 180 9.04 -7.72 -9.06
N VAL A 181 9.12 -7.58 -10.38
CA VAL A 181 10.37 -7.20 -11.02
C VAL A 181 10.41 -5.68 -11.06
N LEU A 182 9.47 -5.09 -11.80
CA LEU A 182 9.18 -3.66 -11.73
C LEU A 182 8.04 -3.43 -10.74
N ALA A 183 8.13 -2.33 -10.00
CA ALA A 183 7.29 -2.13 -8.82
C ALA A 183 5.83 -1.89 -9.15
N THR A 184 4.97 -2.67 -8.51
CA THR A 184 3.55 -2.35 -8.40
C THR A 184 3.35 -1.13 -7.51
N ARG A 185 2.26 -0.40 -7.76
CA ARG A 185 1.77 0.67 -6.90
C ARG A 185 0.43 0.27 -6.32
N PHE A 186 0.31 0.35 -5.00
CA PHE A 186 -0.96 0.17 -4.28
C PHE A 186 -1.36 1.53 -3.72
N ASP A 187 -2.16 2.26 -4.49
CA ASP A 187 -2.54 3.62 -4.09
C ASP A 187 -4.02 3.84 -4.41
N MET A 188 -4.41 5.12 -4.52
CA MET A 188 -5.83 5.48 -4.51
C MET A 188 -6.52 5.18 -5.83
N ARG A 189 -5.79 5.15 -6.92
CA ARG A 189 -6.41 5.14 -8.25
C ARG A 189 -6.27 3.79 -8.91
N GLN A 190 -7.35 3.32 -9.52
CA GLN A 190 -7.27 2.11 -10.34
C GLN A 190 -6.31 2.27 -11.49
N GLU A 191 -6.14 3.51 -11.98
CA GLU A 191 -5.26 3.79 -13.09
C GLU A 191 -3.80 3.57 -12.78
N GLU A 192 -3.41 3.49 -11.52
CA GLU A 192 -2.00 3.42 -11.16
C GLU A 192 -1.63 2.01 -10.73
N ASN A 193 -1.24 1.18 -11.70
CA ASN A 193 -0.80 -0.17 -11.43
C ASN A 193 0.66 -0.23 -11.00
N GLY A 194 1.50 0.71 -11.47
CA GLY A 194 2.92 0.64 -11.26
C GLY A 194 3.50 1.96 -10.79
N PHE A 195 4.74 1.88 -10.32
CA PHE A 195 5.46 3.09 -10.00
C PHE A 195 5.59 3.90 -11.28
N PRO A 196 5.48 5.24 -11.23
CA PRO A 196 5.31 6.02 -12.48
C PRO A 196 6.51 5.98 -13.42
N ALA A 197 7.73 5.76 -12.92
CA ALA A 197 8.90 5.71 -13.78
C ALA A 197 8.99 4.45 -14.63
N ASN A 198 8.22 3.42 -14.33
CA ASN A 198 8.44 2.13 -14.96
C ASN A 198 8.30 2.24 -16.48
N ARG A 199 9.32 1.72 -17.18
CA ARG A 199 9.39 1.63 -18.63
C ARG A 199 9.62 2.96 -19.34
N GLN A 200 9.79 4.06 -18.62
CA GLN A 200 9.81 5.38 -19.23
C GLN A 200 11.24 5.89 -19.38
N PHE A 201 11.41 6.84 -20.30
CA PHE A 201 12.74 7.33 -20.62
C PHE A 201 12.64 8.75 -21.15
N TYR A 202 13.79 9.41 -21.15
CA TYR A 202 13.94 10.79 -21.56
C TYR A 202 14.99 10.86 -22.65
N LEU A 203 14.86 11.86 -23.52
CA LEU A 203 15.91 12.19 -24.47
C LEU A 203 16.35 13.62 -24.21
N TYR A 204 17.66 13.84 -24.42
CA TYR A 204 18.31 15.12 -24.21
C TYR A 204 19.07 15.53 -25.46
N GLU A 205 19.22 16.85 -25.63
CA GLU A 205 20.01 17.43 -26.70
C GLU A 205 20.62 18.71 -26.16
N ASP A 206 21.94 18.85 -26.28
CA ASP A 206 22.66 20.03 -25.77
C ASP A 206 22.30 20.28 -24.30
N GLY A 207 22.20 19.21 -23.53
CA GLY A 207 21.94 19.31 -22.11
C GLY A 207 20.51 19.58 -21.72
N LYS A 208 19.59 19.72 -22.68
CA LYS A 208 18.21 20.05 -22.40
C LYS A 208 17.30 18.88 -22.74
N GLN A 209 16.29 18.67 -21.91
CA GLN A 209 15.32 17.61 -22.16
C GLN A 209 14.49 17.98 -23.39
N ILE A 210 14.38 17.04 -24.34
CA ILE A 210 13.54 17.22 -25.52
C ILE A 210 12.39 16.23 -25.58
N PHE A 211 12.34 15.24 -24.68
CA PHE A 211 11.31 14.20 -24.75
C PHE A 211 11.26 13.47 -23.43
N TYR A 212 10.03 13.15 -23.01
CA TYR A 212 9.78 12.16 -21.97
C TYR A 212 8.66 11.26 -22.46
N SER A 213 8.85 9.95 -22.37
CA SER A 213 7.92 9.03 -22.99
C SER A 213 6.52 9.04 -22.37
N ALA A 214 6.37 9.59 -21.17
CA ALA A 214 5.07 9.72 -20.52
C ALA A 214 4.61 11.16 -20.40
N LEU A 215 5.04 12.03 -21.32
CA LEU A 215 4.56 13.41 -21.35
C LEU A 215 4.29 13.79 -22.81
N ILE A 216 3.03 14.08 -23.15
CA ILE A 216 2.70 14.61 -24.46
C ILE A 216 2.53 16.12 -24.31
N ASP A 217 3.39 16.88 -24.95
CA ASP A 217 3.24 18.33 -24.99
C ASP A 217 3.18 18.78 -26.45
N ASP A 218 3.24 20.08 -26.66
CA ASP A 218 3.06 20.62 -28.00
C ASP A 218 4.24 20.34 -28.91
N ASN A 219 5.36 19.88 -28.37
CA ASN A 219 6.45 19.42 -29.21
C ASN A 219 6.24 18.00 -29.72
N ILE A 220 5.15 17.34 -29.32
CA ILE A 220 4.76 16.05 -29.87
C ILE A 220 3.64 16.28 -30.86
N VAL A 221 3.84 15.90 -32.12
CA VAL A 221 2.84 16.13 -33.15
C VAL A 221 2.05 14.88 -33.51
N GLU A 222 2.55 13.70 -33.17
CA GLU A 222 1.78 12.47 -33.26
C GLU A 222 2.16 11.58 -32.08
N ALA A 223 1.19 10.84 -31.53
CA ALA A 223 1.49 9.95 -30.41
C ALA A 223 0.38 8.92 -30.31
N THR A 224 0.71 7.66 -30.58
CA THR A 224 -0.26 6.57 -30.67
C THR A 224 0.32 5.32 -30.01
N SER A 225 -0.57 4.46 -29.56
CA SER A 225 -0.20 3.20 -28.95
C SER A 225 -1.02 2.12 -29.63
N LYS A 226 -0.42 0.97 -29.86
CA LYS A 226 -1.11 -0.15 -30.48
C LYS A 226 -0.94 -1.38 -29.60
N HIS A 227 -2.05 -1.87 -29.05
CA HIS A 227 -2.05 -3.08 -28.26
C HIS A 227 -2.40 -4.25 -29.16
N SER A 228 -1.48 -5.21 -29.27
CA SER A 228 -1.64 -6.40 -30.07
C SER A 228 -1.46 -7.63 -29.19
N SER A 229 -1.55 -8.80 -29.82
N SER A 229 -1.52 -8.79 -29.81
CA SER A 229 -1.40 -10.04 -29.07
CA SER A 229 -1.44 -10.05 -29.07
C SER A 229 0.02 -10.15 -28.52
C SER A 229 -0.03 -10.25 -28.53
N ASN A 230 0.13 -10.06 -27.22
CA ASN A 230 1.37 -10.26 -26.50
C ASN A 230 2.48 -9.26 -26.83
N ARG A 231 2.14 -8.08 -27.34
CA ARG A 231 3.09 -6.97 -27.40
C ARG A 231 2.32 -5.67 -27.52
N THR A 232 2.99 -4.57 -27.19
CA THR A 232 2.48 -3.21 -27.33
C THR A 232 3.57 -2.40 -28.03
N VAL A 233 3.16 -1.57 -28.99
CA VAL A 233 4.06 -0.70 -29.74
C VAL A 233 3.53 0.72 -29.62
N ILE A 234 4.39 1.64 -29.19
CA ILE A 234 4.01 3.03 -28.92
C ILE A 234 4.86 3.91 -29.81
N LYS A 235 4.23 4.82 -30.55
CA LYS A 235 4.93 5.63 -31.54
C LYS A 235 4.68 7.11 -31.30
N TYR A 236 5.74 7.91 -31.47
CA TYR A 236 5.68 9.35 -31.31
C TYR A 236 6.44 10.01 -32.45
N LYS A 237 6.00 11.21 -32.83
CA LYS A 237 6.78 12.07 -33.71
C LYS A 237 6.86 13.44 -33.08
N THR A 238 8.08 13.98 -32.97
CA THR A 238 8.28 15.31 -32.43
C THR A 238 8.15 16.36 -33.55
N ALA A 239 7.93 17.60 -33.13
CA ALA A 239 7.93 18.71 -34.08
C ALA A 239 9.28 18.84 -34.77
N SER A 240 10.37 18.42 -34.10
CA SER A 240 11.70 18.41 -34.68
C SER A 240 11.96 17.19 -35.56
N ASN A 241 10.94 16.36 -35.83
CA ASN A 241 11.01 15.27 -36.80
C ASN A 241 11.86 14.11 -36.30
N LEU A 242 11.84 13.87 -35.00
CA LEU A 242 12.31 12.60 -34.45
C LEU A 242 11.12 11.65 -34.40
N GLU A 243 11.31 10.43 -34.86
CA GLU A 243 10.30 9.38 -34.80
C GLU A 243 10.75 8.34 -33.80
N ILE A 244 9.97 8.15 -32.74
CA ILE A 244 10.32 7.31 -31.61
C ILE A 244 9.33 6.17 -31.54
N THR A 245 9.83 4.93 -31.45
CA THR A 245 8.98 3.75 -31.37
C THR A 245 9.44 2.90 -30.19
N ARG A 246 8.50 2.51 -29.35
CA ARG A 246 8.74 1.60 -28.23
C ARG A 246 8.03 0.29 -28.53
N THR A 247 8.71 -0.84 -28.33
CA THR A 247 8.11 -2.16 -28.48
C THR A 247 8.40 -2.93 -27.20
N ILE A 248 7.34 -3.42 -26.55
CA ILE A 248 7.45 -4.08 -25.26
C ILE A 248 6.90 -5.48 -25.37
N PHE A 249 7.68 -6.48 -24.94
CA PHE A 249 7.22 -7.87 -24.87
C PHE A 249 8.04 -8.64 -23.85
N LEU A 250 7.52 -9.81 -23.46
CA LEU A 250 8.20 -10.74 -22.57
C LEU A 250 8.92 -11.81 -23.38
N VAL A 251 10.14 -12.11 -22.95
CA VAL A 251 10.99 -13.09 -23.62
C VAL A 251 10.49 -14.51 -23.34
N PRO A 252 10.18 -15.31 -24.36
CA PRO A 252 9.88 -16.71 -24.12
C PRO A 252 11.07 -17.42 -23.52
N HIS A 253 10.81 -18.37 -22.61
CA HIS A 253 11.90 -19.01 -21.92
C HIS A 253 12.75 -19.85 -22.86
N LYS A 254 14.07 -19.79 -22.62
N LYS A 254 14.06 -19.80 -22.62
CA LYS A 254 15.03 -20.71 -23.21
CA LYS A 254 15.04 -20.69 -23.21
C LYS A 254 15.92 -21.20 -22.08
C LYS A 254 15.95 -21.19 -22.09
N LYS A 255 16.41 -22.43 -22.21
CA LYS A 255 17.27 -23.00 -21.19
C LYS A 255 18.47 -22.09 -20.98
N GLY A 256 18.72 -21.73 -19.73
CA GLY A 256 19.80 -20.86 -19.35
C GLY A 256 19.44 -19.41 -19.21
N PHE A 257 18.22 -19.03 -19.58
CA PHE A 257 17.80 -17.64 -19.41
C PHE A 257 17.32 -17.38 -17.98
N PRO A 258 17.25 -16.10 -17.58
CA PRO A 258 16.57 -15.75 -16.34
C PRO A 258 15.11 -16.20 -16.35
N LEU A 259 14.56 -16.39 -15.17
CA LEU A 259 13.17 -16.83 -15.11
C LEU A 259 12.18 -15.78 -15.64
N ALA A 260 12.56 -14.51 -15.66
CA ALA A 260 11.68 -13.45 -16.17
C ALA A 260 12.56 -12.41 -16.85
N THR A 261 12.28 -12.11 -18.11
CA THR A 261 12.86 -10.97 -18.80
C THR A 261 11.81 -10.27 -19.65
N GLU A 262 11.70 -8.95 -19.47
CA GLU A 262 10.90 -8.07 -20.31
C GLU A 262 11.85 -7.24 -21.17
N LEU A 263 11.61 -7.24 -22.46
CA LEU A 263 12.40 -6.51 -23.44
C LEU A 263 11.61 -5.30 -23.90
N GLN A 264 12.22 -4.14 -23.80
CA GLN A 264 11.68 -2.94 -24.43
C GLN A 264 12.72 -2.44 -25.42
N ARG A 265 12.36 -2.47 -26.70
CA ARG A 265 13.21 -1.91 -27.75
C ARG A 265 12.72 -0.51 -28.07
N ILE A 266 13.65 0.45 -28.11
CA ILE A 266 13.37 1.84 -28.42
C ILE A 266 14.10 2.16 -29.71
N GLU A 267 13.38 2.61 -30.72
CA GLU A 267 13.97 3.01 -32.00
C GLU A 267 13.79 4.49 -32.16
N ILE A 268 14.88 5.19 -32.46
N ILE A 268 14.88 5.19 -32.49
CA ILE A 268 14.88 6.64 -32.62
CA ILE A 268 14.92 6.64 -32.61
C ILE A 268 15.37 6.93 -34.02
C ILE A 268 15.38 6.95 -34.02
N LYS A 269 14.47 7.42 -34.87
CA LYS A 269 14.80 7.76 -36.25
C LYS A 269 14.87 9.27 -36.40
N ASN A 270 15.98 9.76 -36.94
CA ASN A 270 16.14 11.17 -37.26
C ASN A 270 15.60 11.39 -38.68
N ALA A 271 14.34 11.84 -38.75
CA ALA A 271 13.71 12.13 -40.03
C ALA A 271 13.91 13.57 -40.47
N SER A 272 14.92 14.25 -39.93
CA SER A 272 15.28 15.60 -40.34
C SER A 272 16.50 15.55 -41.25
N ASP A 273 16.89 16.71 -41.77
CA ASP A 273 18.05 16.80 -42.66
C ASP A 273 19.34 17.16 -41.93
N LYS A 274 19.37 17.14 -40.60
CA LYS A 274 20.59 17.47 -39.87
C LYS A 274 20.82 16.45 -38.76
N ALA A 275 22.08 16.06 -38.59
CA ALA A 275 22.44 15.15 -37.52
C ALA A 275 22.09 15.76 -36.17
N ARG A 276 21.79 14.90 -35.21
CA ARG A 276 21.46 15.33 -33.87
C ARG A 276 22.30 14.59 -32.86
N ASN A 277 22.85 15.31 -31.92
CA ASN A 277 23.64 14.75 -30.84
C ASN A 277 22.69 14.60 -29.66
N LEU A 278 22.28 13.37 -29.39
CA LEU A 278 21.26 13.10 -28.40
C LEU A 278 21.83 12.25 -27.27
N SER A 279 21.03 12.08 -26.24
CA SER A 279 21.32 11.06 -25.23
C SER A 279 19.97 10.56 -24.71
N ILE A 280 20.00 9.36 -24.17
CA ILE A 280 18.82 8.76 -23.56
C ILE A 280 19.14 8.52 -22.10
N THR A 281 18.11 8.67 -21.27
CA THR A 281 18.13 8.25 -19.88
C THR A 281 16.92 7.33 -19.70
N TYR A 282 17.19 6.06 -19.44
CA TYR A 282 16.17 5.02 -19.32
C TYR A 282 15.94 4.73 -17.84
N THR A 283 14.69 4.76 -17.39
CA THR A 283 14.42 4.69 -15.96
C THR A 283 13.44 3.58 -15.60
N GLY A 284 13.34 3.35 -14.30
CA GLY A 284 12.36 2.43 -13.78
C GLY A 284 12.53 2.29 -12.28
N MET A 285 11.66 1.48 -11.69
CA MET A 285 11.75 1.21 -10.26
C MET A 285 11.62 -0.29 -10.04
N PHE A 286 12.65 -0.89 -9.45
CA PHE A 286 12.56 -2.29 -9.08
C PHE A 286 11.51 -2.46 -7.98
N GLY A 287 10.77 -3.55 -8.06
CA GLY A 287 9.88 -3.91 -6.96
C GLY A 287 10.69 -4.34 -5.75
N THR A 288 10.13 -4.07 -4.57
CA THR A 288 10.71 -4.57 -3.34
C THR A 288 10.44 -6.05 -3.16
N GLY A 289 11.40 -6.76 -2.57
CA GLY A 289 11.16 -8.10 -2.08
C GLY A 289 10.28 -8.13 -0.84
N ALA A 290 10.20 -7.02 -0.11
CA ALA A 290 9.51 -6.95 1.19
C ALA A 290 8.19 -6.20 1.03
N VAL A 291 7.24 -6.84 0.35
CA VAL A 291 6.03 -6.17 -0.05
C VAL A 291 5.19 -5.75 1.16
N HIS A 292 5.07 -6.63 2.18
CA HIS A 292 4.26 -6.28 3.34
C HIS A 292 4.81 -5.06 4.06
N ALA A 293 6.13 -4.87 4.03
CA ALA A 293 6.72 -3.74 4.72
C ALA A 293 6.47 -2.41 4.01
N ILE A 294 6.01 -2.41 2.76
CA ILE A 294 5.56 -1.14 2.18
C ILE A 294 4.47 -0.54 3.06
N PHE A 295 3.54 -1.38 3.53
N PHE A 295 3.75 -1.37 3.79
CA PHE A 295 2.50 -0.94 4.45
CA PHE A 295 2.63 -0.90 4.55
C PHE A 295 3.04 -0.76 5.87
C PHE A 295 2.84 -0.93 6.04
N GLU A 296 3.82 -1.73 6.35
N GLU A 296 3.82 -1.70 6.51
CA GLU A 296 4.12 -1.82 7.78
CA GLU A 296 4.13 -1.72 7.93
C GLU A 296 5.38 -1.08 8.21
C GLU A 296 5.46 -1.09 8.28
N ASP A 297 6.40 -0.96 7.35
CA ASP A 297 7.70 -0.43 7.72
C ASP A 297 8.47 -0.03 6.46
N VAL A 298 8.14 1.14 5.92
CA VAL A 298 8.78 1.56 4.70
C VAL A 298 10.28 1.75 4.89
N THR A 299 10.71 2.19 6.07
CA THR A 299 12.14 2.34 6.29
C THR A 299 12.86 1.00 6.13
N TYR A 300 12.27 -0.08 6.65
CA TYR A 300 12.82 -1.41 6.45
C TYR A 300 13.05 -1.71 4.98
N THR A 301 12.05 -1.43 4.13
CA THR A 301 12.21 -1.73 2.72
C THR A 301 13.44 -1.02 2.15
N ASN A 302 13.72 0.19 2.63
CA ASN A 302 14.89 0.90 2.14
C ASN A 302 16.20 0.33 2.68
N VAL A 303 16.30 0.08 3.98
CA VAL A 303 17.60 -0.25 4.56
C VAL A 303 18.05 -1.67 4.24
N ILE A 304 17.12 -2.57 3.91
CA ILE A 304 17.52 -3.95 3.67
C ILE A 304 18.21 -4.16 2.32
N MET A 305 18.30 -3.14 1.47
CA MET A 305 18.93 -3.31 0.16
C MET A 305 19.81 -2.12 -0.16
N GLN A 306 20.59 -2.28 -1.22
CA GLN A 306 21.45 -1.24 -1.77
C GLN A 306 21.55 -1.49 -3.26
N SER A 307 21.96 -0.47 -4.01
CA SER A 307 22.17 -0.72 -5.43
C SER A 307 23.56 -1.28 -5.68
N ALA A 308 23.68 -1.99 -6.80
CA ALA A 308 24.93 -2.60 -7.24
C ALA A 308 25.03 -2.46 -8.76
N ALA A 309 26.26 -2.25 -9.23
CA ALA A 309 26.56 -2.13 -10.64
C ALA A 309 27.05 -3.45 -11.20
N LEU A 310 26.71 -3.68 -12.46
CA LEU A 310 27.08 -4.88 -13.21
C LEU A 310 28.07 -4.50 -14.31
N TYR A 311 29.11 -5.32 -14.49
CA TYR A 311 30.19 -5.09 -15.45
C TYR A 311 30.42 -6.34 -16.27
N ASN A 312 30.62 -6.16 -17.57
CA ASN A 312 30.91 -7.29 -18.44
C ASN A 312 32.38 -7.68 -18.35
N ASP A 313 32.77 -8.63 -19.20
CA ASP A 313 34.12 -9.21 -19.22
C ASP A 313 35.18 -8.17 -19.51
N LYS A 314 34.84 -7.16 -20.28
CA LYS A 314 35.73 -6.06 -20.63
C LYS A 314 35.76 -4.96 -19.60
N GLY A 315 35.08 -5.12 -18.47
CA GLY A 315 35.06 -4.09 -17.46
C GLY A 315 34.08 -2.96 -17.75
N GLU A 316 33.24 -3.12 -18.76
CA GLU A 316 32.26 -2.10 -19.12
C GLU A 316 31.00 -2.23 -18.26
N PHE A 317 30.54 -1.11 -17.72
CA PHE A 317 29.27 -1.07 -17.03
C PHE A 317 28.15 -1.50 -17.97
N ILE A 318 27.27 -2.38 -17.48
CA ILE A 318 26.13 -2.80 -18.28
C ILE A 318 24.78 -2.53 -17.62
N GLY A 319 24.70 -2.35 -16.30
CA GLY A 319 23.41 -2.11 -15.67
C GLY A 319 23.47 -2.23 -14.18
N ILE A 320 22.28 -2.39 -13.59
CA ILE A 320 22.08 -2.29 -12.15
C ILE A 320 21.32 -3.51 -11.65
N THR A 321 21.65 -3.93 -10.42
CA THR A 321 20.88 -4.92 -9.68
C THR A 321 20.69 -4.43 -8.25
N PRO A 322 19.49 -4.62 -7.66
CA PRO A 322 19.29 -4.30 -6.26
C PRO A 322 19.74 -5.47 -5.39
N ASP A 323 20.67 -5.20 -4.49
CA ASP A 323 21.33 -6.19 -3.65
C ASP A 323 20.75 -6.17 -2.24
N TYR A 324 20.32 -7.34 -1.76
CA TYR A 324 19.60 -7.46 -0.51
C TYR A 324 20.43 -8.12 0.57
N TYR A 325 20.27 -7.67 1.80
CA TYR A 325 20.92 -8.33 2.92
C TYR A 325 20.19 -9.58 3.39
N PRO A 326 18.87 -9.55 3.67
CA PRO A 326 18.23 -10.74 4.25
C PRO A 326 18.15 -11.89 3.27
N GLU A 327 18.44 -13.10 3.77
CA GLU A 327 18.44 -14.30 2.94
C GLU A 327 17.11 -14.49 2.24
N GLU A 328 16.00 -14.15 2.91
CA GLU A 328 14.71 -14.41 2.30
C GLU A 328 14.50 -13.56 1.05
N PHE A 329 15.22 -12.45 0.89
CA PHE A 329 15.08 -11.59 -0.26
C PHE A 329 16.24 -11.74 -1.24
N LYS A 330 17.08 -12.76 -1.06
CA LYS A 330 18.20 -13.08 -1.94
C LYS A 330 17.91 -14.29 -2.81
N GLN A 331 16.69 -14.84 -2.74
CA GLN A 331 16.34 -16.02 -3.52
C GLN A 331 15.81 -15.68 -4.91
N ASP A 332 15.64 -14.39 -5.19
CA ASP A 332 15.41 -13.83 -6.51
C ASP A 332 16.46 -12.75 -6.67
N THR A 333 16.88 -12.46 -7.90
CA THR A 333 17.86 -11.40 -8.14
C THR A 333 17.46 -10.65 -9.38
N ARG A 334 17.17 -9.36 -9.24
CA ARG A 334 16.70 -8.53 -10.33
C ARG A 334 17.86 -7.88 -11.09
N PHE A 335 17.58 -7.45 -12.33
CA PHE A 335 18.57 -6.77 -13.14
C PHE A 335 17.88 -5.84 -14.13
N VAL A 336 18.65 -4.85 -14.59
CA VAL A 336 18.30 -4.06 -15.76
C VAL A 336 19.59 -3.75 -16.50
N THR A 337 19.55 -3.85 -17.83
N THR A 337 19.54 -3.86 -17.83
CA THR A 337 20.69 -3.52 -18.66
CA THR A 337 20.69 -3.65 -18.71
C THR A 337 20.19 -2.97 -19.98
C THR A 337 20.19 -3.02 -20.01
N MET A 338 21.10 -2.40 -20.76
CA MET A 338 20.74 -1.76 -22.02
C MET A 338 21.91 -1.78 -22.97
N ILE A 339 21.57 -1.91 -24.26
CA ILE A 339 22.53 -1.90 -25.37
C ILE A 339 22.08 -0.82 -26.35
N VAL A 340 23.00 0.02 -26.78
CA VAL A 340 22.73 1.09 -27.75
C VAL A 340 23.39 0.69 -29.06
N ARG A 341 22.61 0.64 -30.12
CA ARG A 341 23.07 0.20 -31.43
C ARG A 341 22.97 1.42 -32.35
N ASN A 342 24.13 1.91 -32.80
CA ASN A 342 24.21 3.14 -33.59
C ASN A 342 25.09 2.82 -34.79
N GLY A 343 24.47 2.43 -35.90
CA GLY A 343 25.24 2.03 -37.06
C GLY A 343 26.04 0.77 -36.75
N ASP A 344 27.34 0.85 -37.01
CA ASP A 344 28.24 -0.26 -36.69
C ASP A 344 28.47 -0.40 -35.20
N GLU A 345 28.22 0.66 -34.43
CA GLU A 345 28.66 0.73 -33.05
C GLU A 345 27.62 0.10 -32.14
N LYS A 346 28.10 -0.72 -31.20
CA LYS A 346 27.31 -1.17 -30.06
C LYS A 346 27.94 -0.60 -28.81
N SER A 347 27.14 -0.07 -27.90
CA SER A 347 27.68 0.50 -26.68
C SER A 347 26.74 0.22 -25.51
N PHE A 348 27.30 0.24 -24.33
CA PHE A 348 26.58 0.08 -23.08
C PHE A 348 26.46 1.43 -22.38
N PRO A 349 25.67 1.52 -21.32
CA PRO A 349 25.43 2.84 -20.72
C PRO A 349 26.74 3.44 -20.23
N GLN A 350 26.86 4.77 -20.37
CA GLN A 350 28.04 5.46 -19.90
C GLN A 350 27.87 6.04 -18.51
N SER A 351 26.63 6.15 -18.00
CA SER A 351 26.38 6.70 -16.68
C SER A 351 25.10 6.09 -16.13
N PHE A 352 24.91 6.27 -14.81
CA PHE A 352 23.71 5.79 -14.15
C PHE A 352 23.45 6.64 -12.91
N SER A 353 22.20 6.59 -12.46
N SER A 353 22.19 6.58 -12.46
CA SER A 353 21.82 7.04 -11.12
CA SER A 353 21.78 7.06 -11.14
C SER A 353 20.95 5.98 -10.49
C SER A 353 20.94 5.97 -10.49
N THR A 354 20.98 5.92 -9.16
CA THR A 354 20.17 4.96 -8.42
C THR A 354 19.48 5.57 -7.21
N ASP A 355 19.37 6.89 -7.15
CA ASP A 355 18.68 7.56 -6.06
C ASP A 355 17.67 8.52 -6.66
N TYR A 356 16.40 8.20 -6.49
CA TYR A 356 15.31 9.01 -7.02
C TYR A 356 15.47 10.48 -6.65
N ASN A 357 15.87 10.76 -5.41
CA ASN A 357 15.96 12.15 -4.98
C ASN A 357 17.03 12.90 -5.75
N ASP A 358 18.19 12.28 -5.96
CA ASP A 358 19.27 12.94 -6.72
C ASP A 358 18.85 13.12 -8.16
N PHE A 359 18.09 12.18 -8.70
CA PHE A 359 17.68 12.20 -10.10
C PHE A 359 16.67 13.33 -10.34
N VAL A 360 15.61 13.37 -9.54
CA VAL A 360 14.59 14.41 -9.72
C VAL A 360 15.13 15.77 -9.28
N GLY A 361 15.89 15.79 -8.19
CA GLY A 361 16.45 17.04 -7.69
C GLY A 361 15.35 18.04 -7.44
N THR A 362 15.57 19.27 -7.89
CA THR A 362 14.59 20.34 -7.76
C THR A 362 13.47 20.27 -8.78
N GLY A 363 13.46 19.27 -9.63
CA GLY A 363 12.49 19.15 -10.70
C GLY A 363 11.31 18.27 -10.34
N THR A 364 10.76 17.61 -11.35
CA THR A 364 9.65 16.66 -11.21
C THR A 364 10.04 15.40 -11.97
N LEU A 365 9.24 14.35 -11.84
CA LEU A 365 9.56 13.16 -12.63
C LEU A 365 9.42 13.45 -14.12
N GLU A 366 8.50 14.32 -14.51
CA GLU A 366 8.36 14.62 -15.93
C GLU A 366 9.50 15.49 -16.44
N HIS A 367 10.10 16.29 -15.56
N HIS A 367 10.15 16.26 -15.56
CA HIS A 367 11.22 17.17 -15.90
CA HIS A 367 11.25 17.15 -15.93
C HIS A 367 12.25 17.07 -14.78
C HIS A 367 12.31 17.10 -14.85
N PRO A 368 13.05 15.99 -14.76
CA PRO A 368 13.97 15.78 -13.63
C PRO A 368 15.21 16.64 -13.76
N ALA A 369 15.59 17.28 -12.65
CA ALA A 369 16.72 18.21 -12.74
C ALA A 369 18.07 17.48 -12.89
N GLY A 370 18.17 16.23 -12.47
CA GLY A 370 19.39 15.46 -12.61
C GLY A 370 19.41 14.46 -13.73
N GLY A 371 18.45 14.54 -14.66
CA GLY A 371 18.31 13.51 -15.67
C GLY A 371 19.39 13.52 -16.74
N SER A 372 19.99 14.68 -17.01
N SER A 372 19.99 14.68 -17.00
CA SER A 372 21.02 14.79 -18.04
CA SER A 372 21.02 14.86 -18.02
C SER A 372 22.43 14.68 -17.49
C SER A 372 22.43 14.78 -17.48
N ASN A 373 22.59 14.56 -16.18
CA ASN A 373 23.90 14.50 -15.54
C ASN A 373 23.82 13.44 -14.45
N LEU A 374 23.78 12.17 -14.84
CA LEU A 374 23.63 11.11 -13.86
C LEU A 374 24.89 11.05 -13.00
N ASN A 375 24.72 10.71 -11.74
CA ASN A 375 25.79 10.93 -10.78
C ASN A 375 26.70 9.73 -10.54
N ASN A 376 26.39 8.58 -11.13
CA ASN A 376 27.21 7.39 -10.99
C ASN A 376 27.43 7.00 -9.53
N LYS A 377 26.43 7.29 -8.69
CA LYS A 377 26.48 6.95 -7.28
C LYS A 377 25.60 5.74 -7.03
N LEU A 378 26.18 4.69 -6.49
CA LEU A 378 25.40 3.54 -6.03
C LEU A 378 24.78 3.87 -4.68
N ASN A 379 23.47 3.83 -4.64
CA ASN A 379 22.73 4.15 -3.42
C ASN A 379 22.95 3.07 -2.39
N ARG A 380 23.27 3.48 -1.15
CA ARG A 380 23.41 2.55 -0.07
C ARG A 380 22.09 1.95 0.38
N LYS A 381 20.97 2.56 0.01
CA LYS A 381 19.62 2.16 0.42
C LYS A 381 18.77 1.93 -0.82
N GLY A 382 17.62 1.29 -0.60
CA GLY A 382 16.52 1.40 -1.54
C GLY A 382 15.78 2.72 -1.35
N PRO A 383 14.75 2.92 -2.18
CA PRO A 383 14.25 1.95 -3.16
C PRO A 383 15.13 1.85 -4.40
N GLY A 384 14.94 0.76 -5.13
CA GLY A 384 15.72 0.46 -6.31
C GLY A 384 15.32 1.22 -7.56
N PHE A 385 15.40 2.54 -7.49
CA PHE A 385 15.25 3.38 -8.65
C PHE A 385 16.49 3.23 -9.51
N PHE A 386 16.31 3.31 -10.83
CA PHE A 386 17.46 3.27 -11.71
C PHE A 386 17.23 4.23 -12.86
N ALA A 387 18.36 4.78 -13.33
CA ALA A 387 18.42 5.56 -14.55
C ALA A 387 19.73 5.17 -15.24
N LEU A 388 19.64 4.81 -16.52
CA LEU A 388 20.81 4.43 -17.31
C LEU A 388 20.94 5.42 -18.45
N GLY A 389 22.13 5.99 -18.62
CA GLY A 389 22.35 7.05 -19.60
C GLY A 389 23.33 6.64 -20.67
N ALA A 390 23.07 7.10 -21.91
CA ALA A 390 24.02 6.86 -22.99
C ALA A 390 23.87 7.92 -24.06
N PRO A 391 24.97 8.40 -24.64
CA PRO A 391 24.92 9.36 -25.74
C PRO A 391 24.94 8.66 -27.09
N PHE A 392 24.40 9.36 -28.09
CA PHE A 392 24.47 8.88 -29.46
C PHE A 392 24.18 10.04 -30.41
N THR A 393 24.95 10.09 -31.49
CA THR A 393 24.66 10.99 -32.59
C THR A 393 23.93 10.19 -33.66
N VAL A 394 22.82 10.73 -34.14
CA VAL A 394 22.01 10.05 -35.14
C VAL A 394 21.99 10.92 -36.40
N GLU A 395 22.47 10.34 -37.49
CA GLU A 395 22.60 11.08 -38.73
C GLU A 395 21.27 11.21 -39.45
N PRO A 396 21.17 12.13 -40.41
CA PRO A 396 19.90 12.33 -41.12
C PRO A 396 19.43 11.03 -41.78
N GLY A 397 18.16 10.71 -41.56
CA GLY A 397 17.57 9.52 -42.13
C GLY A 397 17.89 8.22 -41.42
N LYS A 398 18.74 8.25 -40.39
CA LYS A 398 19.22 7.05 -39.73
C LYS A 398 18.47 6.80 -38.43
N THR A 399 18.63 5.59 -37.92
CA THR A 399 17.95 5.14 -36.71
C THR A 399 18.97 4.60 -35.72
N VAL A 400 18.75 4.89 -34.45
CA VAL A 400 19.48 4.29 -33.34
C VAL A 400 18.49 3.41 -32.59
N ILE A 401 18.94 2.23 -32.20
CA ILE A 401 18.11 1.25 -31.51
C ILE A 401 18.69 1.06 -30.11
N ILE A 402 17.85 1.21 -29.09
CA ILE A 402 18.24 0.94 -27.72
C ILE A 402 17.40 -0.24 -27.24
N ASP A 403 18.06 -1.35 -26.92
CA ASP A 403 17.39 -2.53 -26.39
C ASP A 403 17.62 -2.58 -24.88
N THR A 404 16.53 -2.63 -24.12
CA THR A 404 16.59 -2.75 -22.69
C THR A 404 16.10 -4.14 -22.28
N PHE A 405 16.72 -4.69 -21.25
CA PHE A 405 16.41 -6.01 -20.72
C PHE A 405 16.24 -5.84 -19.22
N THR A 406 15.05 -6.14 -18.72
CA THR A 406 14.75 -5.99 -17.29
C THR A 406 14.24 -7.35 -16.84
N GLY A 407 14.68 -7.81 -15.69
CA GLY A 407 14.26 -9.15 -15.33
C GLY A 407 14.71 -9.60 -13.96
N LEU A 408 14.57 -10.91 -13.76
CA LEU A 408 14.86 -11.54 -12.50
C LEU A 408 15.25 -12.98 -12.74
N SER A 409 16.26 -13.43 -11.99
CA SER A 409 16.62 -14.83 -11.85
C SER A 409 16.16 -15.32 -10.48
N SER A 410 15.97 -16.65 -10.37
CA SER A 410 15.31 -17.15 -9.17
C SER A 410 15.72 -18.57 -8.80
N SER A 411 15.74 -18.80 -7.49
CA SER A 411 15.87 -20.14 -6.95
C SER A 411 14.70 -21.03 -7.32
N LYS A 412 13.56 -20.45 -7.71
N LYS A 412 13.56 -20.45 -7.69
CA LYS A 412 12.41 -21.27 -8.10
CA LYS A 412 12.42 -21.28 -8.08
C LYS A 412 12.68 -22.07 -9.36
C LYS A 412 12.75 -22.15 -9.29
N ASP A 413 13.78 -21.78 -10.06
CA ASP A 413 14.14 -22.52 -11.26
C ASP A 413 15.58 -23.02 -11.22
N ASN A 414 16.25 -22.95 -10.07
CA ASN A 414 17.68 -23.28 -10.01
C ASN A 414 18.06 -23.75 -8.62
N GLU A 415 18.68 -24.92 -8.56
CA GLU A 415 19.25 -25.38 -7.30
C GLU A 415 20.52 -24.61 -6.98
N ASN A 416 20.92 -24.68 -5.71
CA ASN A 416 22.16 -24.04 -5.25
C ASN A 416 22.21 -22.57 -5.71
N TYR A 417 21.15 -21.84 -5.37
CA TYR A 417 20.94 -20.52 -5.93
C TYR A 417 21.78 -19.48 -5.21
N SER A 418 22.33 -18.55 -5.98
CA SER A 418 22.88 -17.31 -5.44
C SER A 418 22.87 -16.30 -6.59
N ASP A 419 23.31 -15.08 -6.30
CA ASP A 419 23.40 -14.07 -7.36
C ASP A 419 24.34 -14.50 -8.48
N ALA A 420 25.27 -15.44 -8.24
CA ALA A 420 26.11 -15.93 -9.33
C ALA A 420 25.26 -16.57 -10.42
N VAL A 421 24.16 -17.21 -10.03
CA VAL A 421 23.27 -17.79 -11.04
C VAL A 421 22.70 -16.70 -11.93
N MET A 422 22.25 -15.59 -11.32
CA MET A 422 21.71 -14.48 -12.09
C MET A 422 22.75 -13.99 -13.09
N LEU A 423 23.99 -13.80 -12.63
CA LEU A 423 25.04 -13.28 -13.50
C LEU A 423 25.27 -14.20 -14.69
N ARG A 424 25.21 -15.51 -14.48
CA ARG A 424 25.40 -16.44 -15.59
C ARG A 424 24.20 -16.39 -16.54
N GLU A 425 22.97 -16.34 -16.00
CA GLU A 425 21.78 -16.31 -16.85
C GLU A 425 21.69 -15.01 -17.63
N LEU A 426 22.10 -13.90 -17.00
CA LEU A 426 22.12 -12.61 -17.68
C LEU A 426 23.13 -12.63 -18.80
N ASP A 427 24.29 -13.24 -18.58
CA ASP A 427 25.27 -13.41 -19.65
C ASP A 427 24.67 -14.20 -20.80
N ASN A 428 23.98 -15.30 -20.50
CA ASN A 428 23.36 -16.09 -21.57
C ASN A 428 22.38 -15.25 -22.37
N LEU A 429 21.52 -14.51 -21.67
CA LEU A 429 20.52 -13.67 -22.31
C LEU A 429 21.16 -12.63 -23.21
N LEU A 430 22.16 -11.91 -22.69
CA LEU A 430 22.75 -10.83 -23.48
C LEU A 430 23.53 -11.37 -24.67
N ARG A 431 24.15 -12.55 -24.53
N ARG A 431 24.13 -12.55 -24.55
CA ARG A 431 24.80 -13.17 -25.68
CA ARG A 431 24.80 -13.14 -25.71
C ARG A 431 23.78 -13.52 -26.74
C ARG A 431 23.79 -13.57 -26.76
N TYR A 432 22.65 -14.10 -26.33
CA TYR A 432 21.62 -14.49 -27.28
C TYR A 432 21.12 -13.29 -28.07
N PHE A 433 20.98 -12.14 -27.41
CA PHE A 433 20.43 -10.93 -28.03
C PHE A 433 21.53 -9.98 -28.50
N GLU A 434 22.74 -10.49 -28.71
CA GLU A 434 23.85 -9.65 -29.16
C GLU A 434 23.59 -9.04 -30.53
N LYS A 435 23.07 -9.83 -31.47
CA LYS A 435 22.85 -9.33 -32.83
C LYS A 435 21.51 -8.61 -32.88
N SER A 436 21.46 -7.48 -33.60
CA SER A 436 20.26 -6.65 -33.61
C SER A 436 19.04 -7.44 -34.06
N GLU A 437 19.21 -8.31 -35.05
CA GLU A 437 18.09 -9.06 -35.63
C GLU A 437 17.48 -10.06 -34.66
N SER A 438 18.19 -10.44 -33.60
CA SER A 438 17.66 -11.44 -32.68
C SER A 438 16.39 -10.95 -31.99
N VAL A 439 16.30 -9.65 -31.71
CA VAL A 439 15.10 -9.11 -31.06
C VAL A 439 13.91 -9.24 -31.98
N GLU A 440 14.08 -8.85 -33.25
N GLU A 440 14.08 -8.87 -33.25
CA GLU A 440 13.02 -8.97 -34.23
CA GLU A 440 12.96 -8.97 -34.18
C GLU A 440 12.61 -10.42 -34.43
C GLU A 440 12.60 -10.43 -34.44
N GLU A 441 13.59 -11.32 -34.47
CA GLU A 441 13.27 -12.73 -34.65
C GLU A 441 12.46 -13.26 -33.46
N THR A 442 12.82 -12.86 -32.25
CA THR A 442 12.06 -13.30 -31.09
C THR A 442 10.64 -12.76 -31.11
N LEU A 443 10.48 -11.49 -31.50
CA LEU A 443 9.13 -10.94 -31.61
C LEU A 443 8.31 -11.71 -32.64
N ASN A 444 8.92 -12.02 -33.79
CA ASN A 444 8.20 -12.79 -34.80
C ASN A 444 7.86 -14.18 -34.30
N GLU A 445 8.73 -14.78 -33.49
CA GLU A 445 8.45 -16.08 -32.91
C GLU A 445 7.21 -16.00 -32.01
N ILE A 446 7.12 -14.94 -31.19
CA ILE A 446 5.95 -14.74 -30.35
C ILE A 446 4.70 -14.60 -31.22
N ILE A 447 4.76 -13.73 -32.24
CA ILE A 447 3.59 -13.50 -33.08
C ILE A 447 3.15 -14.82 -33.71
N ASN A 448 4.11 -15.57 -34.25
CA ASN A 448 3.77 -16.81 -34.92
C ASN A 448 3.24 -17.85 -33.95
N PHE A 449 3.79 -17.88 -32.72
CA PHE A 449 3.30 -18.85 -31.73
C PHE A 449 1.81 -18.65 -31.47
N HIS A 450 1.40 -17.40 -31.23
CA HIS A 450 -0.01 -17.14 -30.91
C HIS A 450 -0.89 -17.31 -32.13
N GLU A 451 -0.40 -16.96 -33.32
CA GLU A 451 -1.19 -17.20 -34.52
C GLU A 451 -1.43 -18.69 -34.73
N ASN A 452 -0.38 -19.50 -34.51
CA ASN A 452 -0.51 -20.93 -34.66
C ASN A 452 -1.44 -21.52 -33.60
N TYR A 453 -1.29 -21.05 -32.36
CA TYR A 453 -2.15 -21.53 -31.27
C TYR A 453 -3.62 -21.34 -31.60
N GLY A 454 -3.97 -20.19 -32.20
CA GLY A 454 -5.36 -19.88 -32.47
C GLY A 454 -6.00 -20.72 -33.55
N LYS A 455 -5.22 -21.48 -34.32
CA LYS A 455 -5.79 -22.17 -35.48
C LYS A 455 -6.73 -23.31 -35.11
N TYR A 456 -6.81 -23.70 -33.84
CA TYR A 456 -7.78 -24.72 -33.46
C TYR A 456 -9.18 -24.40 -33.99
N PHE A 457 -9.59 -23.14 -33.89
CA PHE A 457 -10.93 -22.73 -34.32
C PHE A 457 -10.83 -21.33 -34.92
N GLN A 458 -11.21 -21.18 -36.19
CA GLN A 458 -11.16 -19.88 -36.85
C GLN A 458 -12.48 -19.58 -37.54
N PHE A 459 -13.13 -18.51 -37.11
CA PHE A 459 -14.29 -18.00 -37.81
C PHE A 459 -13.85 -17.23 -39.06
N ASN A 460 -14.63 -17.33 -40.14
CA ASN A 460 -14.45 -16.51 -41.34
C ASN A 460 -15.82 -15.97 -41.74
N THR A 461 -16.19 -14.80 -41.22
N THR A 461 -16.17 -14.83 -41.17
CA THR A 461 -17.56 -14.33 -41.37
CA THR A 461 -17.44 -14.18 -41.43
C THR A 461 -17.71 -13.02 -42.14
C THR A 461 -17.19 -12.84 -42.08
N GLY A 462 -16.63 -12.31 -42.43
N GLY A 462 -18.26 -12.15 -42.43
CA GLY A 462 -16.75 -11.00 -43.04
CA GLY A 462 -18.12 -10.85 -43.04
C GLY A 462 -16.95 -9.84 -42.08
C GLY A 462 -17.75 -9.78 -42.02
N ASN A 463 -17.17 -10.14 -40.85
CA ASN A 463 -17.20 -9.18 -39.74
C ASN A 463 -15.82 -9.40 -39.14
N LYS A 464 -14.84 -8.62 -39.61
CA LYS A 464 -13.46 -8.83 -39.19
C LYS A 464 -13.26 -8.43 -37.75
N LEU A 465 -14.11 -7.54 -37.21
CA LEU A 465 -14.02 -7.22 -35.79
C LEU A 465 -14.37 -8.43 -34.95
N PHE A 466 -15.45 -9.13 -35.32
CA PHE A 466 -15.77 -10.37 -34.63
C PHE A 466 -14.70 -11.43 -34.87
N ASP A 467 -14.30 -11.64 -36.14
CA ASP A 467 -13.38 -12.73 -36.43
C ASP A 467 -12.07 -12.55 -35.67
N SER A 468 -11.48 -11.36 -35.73
N SER A 468 -11.48 -11.35 -35.72
CA SER A 468 -10.23 -11.14 -34.99
CA SER A 468 -10.23 -11.14 -34.99
C SER A 468 -10.48 -11.17 -33.49
C SER A 468 -10.45 -11.10 -33.48
N GLY A 469 -11.62 -10.64 -33.04
CA GLY A 469 -11.94 -10.67 -31.62
C GLY A 469 -11.95 -12.07 -31.06
N PHE A 470 -12.48 -13.03 -31.83
CA PHE A 470 -12.50 -14.41 -31.37
C PHE A 470 -11.19 -15.13 -31.70
N ASN A 471 -10.78 -15.06 -32.96
CA ASN A 471 -9.71 -15.92 -33.45
C ASN A 471 -8.38 -15.54 -32.82
N ARG A 472 -8.18 -14.28 -32.53
CA ARG A 472 -6.92 -13.81 -31.95
C ARG A 472 -7.12 -13.39 -30.49
N ASN A 473 -8.00 -12.43 -30.22
CA ASN A 473 -8.01 -11.82 -28.91
C ASN A 473 -8.55 -12.75 -27.84
N LEU A 474 -9.67 -13.41 -28.10
CA LEU A 474 -10.23 -14.30 -27.09
C LEU A 474 -9.35 -15.53 -26.92
N ALA A 475 -8.78 -16.03 -28.01
CA ALA A 475 -7.90 -17.19 -27.91
C ALA A 475 -6.71 -16.87 -27.02
N PHE A 476 -6.17 -15.67 -27.17
CA PHE A 476 -5.05 -15.26 -26.35
C PHE A 476 -5.46 -15.14 -24.89
N GLN A 477 -6.63 -14.57 -24.64
CA GLN A 477 -7.07 -14.39 -23.25
C GLN A 477 -7.29 -15.73 -22.56
N VAL A 478 -7.78 -16.73 -23.29
CA VAL A 478 -7.99 -18.04 -22.70
C VAL A 478 -6.66 -18.74 -22.43
N LEU A 479 -5.64 -18.54 -23.29
CA LEU A 479 -4.30 -18.99 -22.95
C LEU A 479 -3.80 -18.28 -21.70
N TYR A 480 -3.98 -16.96 -21.66
CA TYR A 480 -3.51 -16.17 -20.54
C TYR A 480 -4.08 -16.70 -19.23
N GLN A 481 -5.38 -16.98 -19.22
CA GLN A 481 -6.04 -17.42 -18.00
C GLN A 481 -5.63 -18.83 -17.62
N THR A 482 -5.32 -19.69 -18.58
CA THR A 482 -4.82 -21.01 -18.24
C THR A 482 -3.53 -20.91 -17.45
N PHE A 483 -2.65 -19.98 -17.80
CA PHE A 483 -1.40 -19.85 -17.08
C PHE A 483 -1.51 -18.99 -15.84
N MET A 484 -2.37 -17.96 -15.83
CA MET A 484 -2.39 -16.96 -14.78
C MET A 484 -3.65 -16.97 -13.93
N SER A 485 -4.68 -17.73 -14.32
CA SER A 485 -5.94 -17.82 -13.59
C SER A 485 -6.53 -16.43 -13.35
N ARG A 486 -6.59 -15.99 -12.10
CA ARG A 486 -7.18 -14.70 -11.75
C ARG A 486 -6.18 -13.85 -10.97
N SER A 487 -4.89 -13.99 -11.28
CA SER A 487 -3.85 -13.61 -10.33
C SER A 487 -3.15 -12.30 -10.65
N PHE A 488 -3.51 -11.66 -11.75
N PHE A 488 -3.37 -11.68 -11.80
CA PHE A 488 -2.75 -10.52 -12.24
CA PHE A 488 -2.65 -10.45 -12.12
C PHE A 488 -3.63 -9.69 -13.14
C PHE A 488 -3.24 -9.70 -13.31
N GLY A 489 -3.33 -8.39 -13.18
CA GLY A 489 -4.02 -7.50 -14.10
C GLY A 489 -3.77 -6.05 -13.72
N GLN A 490 -4.52 -5.15 -14.34
CA GLN A 490 -4.43 -3.74 -14.00
C GLN A 490 -4.78 -3.49 -12.53
N THR A 491 -5.87 -4.07 -12.06
CA THR A 491 -6.34 -3.85 -10.70
C THR A 491 -6.24 -5.08 -9.82
N GLN A 492 -5.90 -6.24 -10.38
CA GLN A 492 -5.58 -7.43 -9.61
C GLN A 492 -4.10 -7.37 -9.30
N LYS A 493 -3.77 -6.95 -8.08
CA LYS A 493 -2.40 -6.63 -7.69
C LYS A 493 -1.96 -7.35 -6.43
N GLY A 494 -2.86 -7.83 -5.59
CA GLY A 494 -2.45 -8.57 -4.41
C GLY A 494 -2.12 -10.00 -4.76
N TYR A 495 -1.51 -10.71 -3.83
CA TYR A 495 -1.16 -12.11 -4.06
C TYR A 495 -2.43 -12.95 -4.07
N ARG A 496 -2.62 -13.69 -5.15
N ARG A 496 -2.60 -13.73 -5.14
CA ARG A 496 -3.76 -14.59 -5.29
CA ARG A 496 -3.76 -14.59 -5.29
C ARG A 496 -3.24 -15.94 -5.74
C ARG A 496 -3.29 -15.94 -5.79
N GLU A 497 -3.77 -17.00 -5.13
CA GLU A 497 -3.43 -18.36 -5.51
C GLU A 497 -4.47 -18.87 -6.50
N ILE A 498 -4.23 -20.06 -7.01
CA ILE A 498 -5.08 -20.65 -8.03
C ILE A 498 -6.27 -21.29 -7.35
N GLY A 499 -7.46 -20.82 -7.68
CA GLY A 499 -8.66 -21.43 -7.12
C GLY A 499 -8.90 -22.76 -7.80
N PHE A 500 -9.19 -23.77 -6.99
CA PHE A 500 -9.42 -25.10 -7.54
C PHE A 500 -10.48 -25.07 -8.65
N ARG A 501 -11.59 -24.35 -8.43
CA ARG A 501 -12.67 -24.38 -9.41
C ARG A 501 -12.28 -23.69 -10.72
N GLU A 502 -11.19 -22.93 -10.74
CA GLU A 502 -10.74 -22.28 -11.97
C GLU A 502 -10.03 -23.25 -12.92
N ILE A 503 -10.09 -24.54 -12.64
CA ILE A 503 -9.87 -25.56 -13.66
C ILE A 503 -10.78 -25.28 -14.86
N GLN A 504 -11.88 -24.55 -14.65
CA GLN A 504 -12.75 -24.17 -15.76
C GLN A 504 -11.99 -23.58 -16.95
N ASP A 505 -10.92 -22.82 -16.71
CA ASP A 505 -10.22 -22.22 -17.85
C ASP A 505 -9.72 -23.28 -18.81
N LEU A 506 -9.25 -24.42 -18.28
CA LEU A 506 -8.78 -25.52 -19.13
C LEU A 506 -9.91 -26.15 -19.94
N PHE A 507 -11.17 -26.00 -19.50
CA PHE A 507 -12.27 -26.53 -20.28
C PHE A 507 -12.23 -25.99 -21.71
N ALA A 508 -11.88 -24.70 -21.86
CA ALA A 508 -11.80 -24.06 -23.17
C ALA A 508 -10.41 -24.21 -23.79
N SER A 509 -9.34 -24.07 -23.00
CA SER A 509 -8.02 -24.02 -23.60
C SER A 509 -7.46 -25.39 -23.96
N MET A 510 -7.96 -26.47 -23.37
CA MET A 510 -7.29 -27.76 -23.59
C MET A 510 -7.23 -28.10 -25.08
N TYR A 511 -8.27 -27.76 -25.84
CA TYR A 511 -8.30 -28.12 -27.24
C TYR A 511 -7.25 -27.37 -28.02
N TYR A 512 -7.01 -26.11 -27.62
CA TYR A 512 -5.97 -25.32 -28.26
C TYR A 512 -4.58 -25.92 -27.99
N PHE A 513 -4.28 -26.26 -26.72
CA PHE A 513 -2.99 -26.83 -26.40
C PHE A 513 -2.78 -28.19 -27.07
N ILE A 514 -3.81 -29.03 -27.09
CA ILE A 514 -3.66 -30.34 -27.73
C ILE A 514 -3.33 -30.17 -29.21
N ASN A 515 -3.92 -29.19 -29.87
CA ASN A 515 -3.72 -29.01 -31.30
C ASN A 515 -2.48 -28.22 -31.65
N ILE A 516 -1.64 -27.85 -30.69
CA ILE A 516 -0.26 -27.46 -30.98
C ILE A 516 0.75 -28.44 -30.39
N GLY A 517 0.33 -29.65 -30.07
CA GLY A 517 1.28 -30.66 -29.65
C GLY A 517 1.54 -30.73 -28.16
N TYR A 518 0.72 -30.07 -27.34
CA TYR A 518 0.91 -29.99 -25.89
C TYR A 518 -0.15 -30.76 -25.12
N GLN A 519 -0.57 -31.91 -25.67
CA GLN A 519 -1.45 -32.79 -24.91
C GLN A 519 -0.84 -33.19 -23.57
N ASP A 520 0.48 -33.42 -23.51
CA ASP A 520 1.10 -33.83 -22.25
C ASP A 520 0.99 -32.74 -21.20
N PHE A 521 1.09 -31.47 -21.61
CA PHE A 521 0.89 -30.36 -20.69
C PHE A 521 -0.52 -30.37 -20.12
N VAL A 522 -1.53 -30.65 -20.96
CA VAL A 522 -2.89 -30.73 -20.46
C VAL A 522 -3.00 -31.83 -19.42
N LYS A 523 -2.44 -33.01 -19.70
CA LYS A 523 -2.45 -34.10 -18.73
C LYS A 523 -1.80 -33.66 -17.43
N GLU A 524 -0.66 -32.99 -17.53
CA GLU A 524 0.05 -32.54 -16.34
C GLU A 524 -0.81 -31.61 -15.50
N LEU A 525 -1.55 -30.71 -16.14
CA LEU A 525 -2.46 -29.86 -15.38
C LEU A 525 -3.56 -30.68 -14.72
N LEU A 526 -4.14 -31.63 -15.44
CA LEU A 526 -5.15 -32.49 -14.81
C LEU A 526 -4.58 -33.14 -13.56
N PHE A 527 -3.35 -33.66 -13.66
CA PHE A 527 -2.76 -34.35 -12.51
C PHE A 527 -2.45 -33.37 -11.39
N GLU A 528 -2.02 -32.15 -11.72
CA GLU A 528 -1.74 -31.14 -10.71
C GLU A 528 -2.97 -30.79 -9.89
N TRP A 529 -4.13 -30.60 -10.54
CA TRP A 529 -5.35 -30.39 -9.78
C TRP A 529 -5.71 -31.63 -9.00
N THR A 530 -5.53 -32.81 -9.60
CA THR A 530 -5.89 -34.06 -8.93
C THR A 530 -5.12 -34.25 -7.63
N ALA A 531 -3.88 -33.80 -7.58
CA ALA A 531 -3.07 -33.88 -6.36
C ALA A 531 -3.57 -32.98 -5.26
N ASN A 532 -4.53 -32.11 -5.55
CA ASN A 532 -5.17 -31.24 -4.56
C ASN A 532 -6.51 -31.76 -4.08
N VAL A 533 -6.81 -33.03 -4.37
CA VAL A 533 -7.99 -33.72 -3.86
C VAL A 533 -7.55 -34.66 -2.74
N TYR A 534 -8.29 -34.62 -1.63
CA TYR A 534 -8.06 -35.46 -0.47
C TYR A 534 -8.67 -36.84 -0.67
N LYS A 535 -8.18 -37.80 0.12
CA LYS A 535 -8.69 -39.18 0.04
C LYS A 535 -10.21 -39.21 0.12
N MET A 536 -10.80 -38.41 1.02
N MET A 536 -10.79 -38.42 1.03
CA MET A 536 -12.24 -38.46 1.18
CA MET A 536 -12.24 -38.43 1.22
C MET A 536 -12.98 -37.91 -0.05
C MET A 536 -13.00 -37.83 0.03
N GLY A 537 -12.35 -37.01 -0.80
CA GLY A 537 -12.97 -36.47 -2.00
C GLY A 537 -13.16 -34.97 -2.04
N TYR A 538 -12.97 -34.25 -0.94
CA TYR A 538 -12.97 -32.80 -0.96
C TYR A 538 -11.61 -32.30 -1.47
N ALA A 539 -11.52 -30.99 -1.74
CA ALA A 539 -10.34 -30.44 -2.40
C ALA A 539 -9.80 -29.23 -1.66
N ASN A 540 -8.50 -28.99 -1.81
CA ASN A 540 -7.97 -27.69 -1.43
C ASN A 540 -8.64 -26.59 -2.24
N HIS A 541 -9.14 -25.57 -1.55
CA HIS A 541 -9.82 -24.49 -2.25
C HIS A 541 -8.88 -23.71 -3.14
N ASN A 542 -7.61 -23.59 -2.74
CA ASN A 542 -6.61 -22.82 -3.45
C ASN A 542 -5.29 -23.56 -3.41
N PHE A 543 -4.47 -23.36 -4.43
CA PHE A 543 -3.11 -23.89 -4.40
C PHE A 543 -2.19 -22.99 -5.20
N TYR A 544 -0.89 -23.09 -4.94
CA TYR A 544 0.09 -22.45 -5.80
C TYR A 544 1.32 -23.34 -5.86
N TRP A 545 2.21 -23.23 -4.86
CA TRP A 545 3.26 -24.23 -4.72
C TRP A 545 2.74 -25.45 -3.98
N VAL A 546 1.89 -25.22 -2.98
CA VAL A 546 1.19 -26.25 -2.24
C VAL A 546 -0.26 -25.79 -2.12
N GLY A 547 -1.12 -26.70 -1.64
CA GLY A 547 -2.53 -26.43 -1.48
C GLY A 547 -2.89 -26.04 -0.06
N LYS A 548 -4.04 -25.38 0.06
CA LYS A 548 -4.57 -24.95 1.36
C LYS A 548 -6.09 -24.94 1.33
N GLN A 549 -6.67 -24.77 2.52
CA GLN A 549 -8.11 -24.66 2.72
C GLN A 549 -8.84 -25.95 2.34
N PRO A 550 -8.59 -27.05 3.08
CA PRO A 550 -9.12 -28.37 2.72
C PRO A 550 -10.63 -28.48 2.83
N GLY A 551 -11.31 -28.63 1.69
CA GLY A 551 -12.75 -28.77 1.68
C GLY A 551 -13.51 -27.58 2.22
N LEU A 552 -12.91 -26.39 2.16
CA LEU A 552 -13.57 -25.21 2.70
C LEU A 552 -14.81 -24.85 1.89
N TYR A 553 -14.76 -25.05 0.57
CA TYR A 553 -15.90 -24.76 -0.30
C TYR A 553 -16.38 -26.06 -0.91
N SER A 554 -17.69 -26.22 -0.99
CA SER A 554 -18.29 -27.51 -1.24
C SER A 554 -18.32 -27.91 -2.72
N ASP A 555 -18.23 -26.95 -3.63
CA ASP A 555 -18.33 -27.27 -5.05
C ASP A 555 -17.03 -27.76 -5.67
N ASP A 556 -15.89 -27.41 -5.07
CA ASP A 556 -14.61 -27.38 -5.78
C ASP A 556 -14.32 -28.68 -6.54
N SER A 557 -14.34 -29.81 -5.86
CA SER A 557 -13.86 -31.04 -6.48
C SER A 557 -14.69 -31.41 -7.72
N LEU A 558 -15.98 -31.06 -7.73
CA LEU A 558 -16.88 -31.53 -8.77
C LEU A 558 -16.48 -31.00 -10.13
N TRP A 559 -15.85 -29.83 -10.20
CA TRP A 559 -15.44 -29.28 -11.48
C TRP A 559 -14.38 -30.14 -12.15
N LEU A 560 -13.62 -30.90 -11.37
CA LEU A 560 -12.55 -31.70 -11.97
C LEU A 560 -13.10 -32.77 -12.88
N LEU A 561 -14.31 -33.27 -12.59
CA LEU A 561 -14.87 -34.29 -13.48
C LEU A 561 -15.16 -33.72 -14.86
N GLN A 562 -15.54 -32.44 -14.95
CA GLN A 562 -15.75 -31.82 -16.27
C GLN A 562 -14.45 -31.73 -17.05
N ALA A 563 -13.34 -31.40 -16.38
CA ALA A 563 -12.06 -31.35 -17.09
C ALA A 563 -11.65 -32.73 -17.61
N TYR A 564 -11.72 -33.77 -16.77
CA TYR A 564 -11.37 -35.11 -17.22
C TYR A 564 -12.30 -35.56 -18.34
N TYR A 565 -13.61 -35.28 -18.20
CA TYR A 565 -14.54 -35.67 -19.25
C TYR A 565 -14.18 -35.03 -20.58
N ARG A 566 -13.98 -33.72 -20.59
CA ARG A 566 -13.65 -33.07 -21.85
C ARG A 566 -12.38 -33.65 -22.46
N TYR A 567 -11.37 -33.86 -21.63
CA TYR A 567 -10.10 -34.42 -22.11
C TYR A 567 -10.29 -35.82 -22.68
N ILE A 568 -10.97 -36.69 -21.93
CA ILE A 568 -11.09 -38.09 -22.33
C ILE A 568 -12.01 -38.23 -23.54
N ILE A 569 -13.11 -37.49 -23.58
CA ILE A 569 -13.99 -37.60 -24.73
C ILE A 569 -13.33 -37.06 -25.99
N TYR A 570 -12.49 -36.03 -25.86
CA TYR A 570 -11.85 -35.48 -27.05
C TYR A 570 -10.74 -36.40 -27.56
N THR A 571 -9.89 -36.88 -26.66
CA THR A 571 -8.70 -37.62 -27.05
C THR A 571 -8.90 -39.13 -27.04
N LYS A 572 -9.93 -39.63 -26.33
CA LYS A 572 -10.13 -41.04 -26.05
C LYS A 572 -9.01 -41.64 -25.19
N ASP A 573 -8.22 -40.80 -24.53
CA ASP A 573 -7.08 -41.27 -23.74
C ASP A 573 -7.53 -41.60 -22.32
N THR A 574 -7.96 -42.85 -22.13
CA THR A 574 -8.34 -43.30 -20.80
C THR A 574 -7.13 -43.67 -19.92
N SER A 575 -5.91 -43.63 -20.47
CA SER A 575 -4.76 -44.02 -19.66
C SER A 575 -4.61 -43.15 -18.44
N VAL A 576 -5.12 -41.91 -18.48
CA VAL A 576 -4.96 -40.99 -17.36
C VAL A 576 -5.62 -41.54 -16.11
N LEU A 577 -6.60 -42.43 -16.26
CA LEU A 577 -7.28 -42.97 -15.10
C LEU A 577 -6.38 -43.83 -14.24
N ASN A 578 -5.32 -44.37 -14.81
CA ASN A 578 -4.39 -45.26 -14.11
C ASN A 578 -3.20 -44.52 -13.52
N GLU A 579 -3.11 -43.21 -13.74
CA GLU A 579 -1.97 -42.47 -13.21
C GLU A 579 -2.03 -42.46 -11.68
N GLU A 580 -0.90 -42.77 -11.03
CA GLU A 580 -0.79 -42.72 -9.58
C GLU A 580 -0.38 -41.30 -9.20
N VAL A 581 -1.29 -40.59 -8.54
CA VAL A 581 -1.10 -39.17 -8.23
C VAL A 581 -1.11 -38.99 -6.72
N PRO A 582 -0.22 -38.17 -6.17
CA PRO A 582 -0.28 -37.89 -4.74
C PRO A 582 -1.67 -37.46 -4.30
N VAL A 583 -2.09 -37.94 -3.12
CA VAL A 583 -3.29 -37.44 -2.48
C VAL A 583 -2.94 -36.18 -1.70
N ALA A 584 -3.91 -35.28 -1.55
CA ALA A 584 -3.66 -34.02 -0.89
C ALA A 584 -3.33 -34.20 0.59
N ASP A 585 -3.68 -35.36 1.15
CA ASP A 585 -3.42 -35.61 2.56
C ASP A 585 -1.93 -35.75 2.88
N GLY A 586 -1.08 -36.02 1.90
CA GLY A 586 0.34 -36.12 2.14
C GLY A 586 0.78 -37.49 2.63
N ASN A 587 1.82 -37.47 3.46
CA ASN A 587 2.47 -38.70 3.97
C ASN A 587 2.87 -39.62 2.82
N ASN A 588 3.25 -39.02 1.69
CA ASN A 588 3.79 -39.73 0.53
C ASN A 588 2.81 -40.76 -0.03
N GLU A 589 1.52 -40.59 0.19
CA GLU A 589 0.52 -41.51 -0.32
C GLU A 589 0.03 -41.06 -1.69
N LYS A 590 -0.16 -42.03 -2.59
CA LYS A 590 -0.67 -41.81 -3.93
C LYS A 590 -1.91 -42.66 -4.13
N ARG A 591 -2.68 -42.31 -5.17
CA ARG A 591 -3.91 -43.00 -5.49
C ARG A 591 -4.12 -42.90 -6.99
N ALA A 592 -4.64 -43.95 -7.62
CA ALA A 592 -4.97 -43.88 -9.02
C ALA A 592 -6.07 -42.84 -9.27
N VAL A 593 -5.92 -42.09 -10.37
CA VAL A 593 -6.90 -41.05 -10.70
C VAL A 593 -8.31 -41.61 -10.64
N ARG A 594 -8.53 -42.80 -11.19
CA ARG A 594 -9.87 -43.38 -11.21
C ARG A 594 -10.47 -43.43 -9.81
N GLU A 595 -9.67 -43.83 -8.82
CA GLU A 595 -10.19 -43.93 -7.45
C GLU A 595 -10.45 -42.55 -6.85
N THR A 596 -9.65 -41.56 -7.23
CA THR A 596 -9.91 -40.20 -6.77
C THR A 596 -11.21 -39.65 -7.35
N LEU A 597 -11.48 -39.90 -8.64
CA LEU A 597 -12.75 -39.44 -9.22
C LEU A 597 -13.94 -40.09 -8.52
N LYS A 598 -13.82 -41.41 -8.22
CA LYS A 598 -14.86 -42.09 -7.45
C LYS A 598 -15.05 -41.45 -6.08
N ALA A 599 -13.94 -41.09 -5.41
CA ALA A 599 -14.03 -40.48 -4.09
C ALA A 599 -14.71 -39.11 -4.15
N ILE A 600 -14.42 -38.30 -5.19
CA ILE A 600 -15.08 -37.00 -5.35
C ILE A 600 -16.59 -37.18 -5.37
N ILE A 601 -17.05 -38.15 -6.15
CA ILE A 601 -18.49 -38.39 -6.29
C ILE A 601 -19.06 -38.91 -4.98
N GLN A 602 -18.35 -39.81 -4.30
CA GLN A 602 -18.85 -40.34 -3.04
C GLN A 602 -18.99 -39.25 -1.99
N TYR A 603 -18.04 -38.32 -1.94
CA TYR A 603 -18.12 -37.25 -0.96
C TYR A 603 -19.41 -36.47 -1.12
N SER A 604 -19.74 -36.06 -2.36
CA SER A 604 -20.88 -35.19 -2.57
C SER A 604 -22.20 -35.95 -2.72
N ALA A 605 -22.15 -37.24 -3.06
CA ALA A 605 -23.36 -38.02 -3.29
C ALA A 605 -23.80 -38.82 -2.08
N SER A 606 -22.90 -39.12 -1.13
CA SER A 606 -23.20 -40.05 -0.05
C SER A 606 -22.75 -39.55 1.31
N ILE A 607 -21.57 -38.96 1.44
CA ILE A 607 -21.03 -38.62 2.75
C ILE A 607 -21.51 -37.23 3.15
N SER A 608 -21.10 -36.23 2.38
CA SER A 608 -21.39 -34.84 2.68
C SER A 608 -22.70 -34.42 2.02
N VAL A 609 -23.79 -35.02 2.52
CA VAL A 609 -25.14 -34.74 2.05
C VAL A 609 -26.00 -34.37 3.24
N GLY A 610 -27.08 -33.65 2.95
CA GLY A 610 -28.05 -33.27 3.96
C GLY A 610 -29.28 -34.14 4.00
N ASP A 611 -30.35 -33.60 4.61
CA ASP A 611 -31.54 -34.38 4.88
C ASP A 611 -32.24 -34.86 3.62
N HIS A 612 -31.98 -34.23 2.47
CA HIS A 612 -32.58 -34.63 1.21
C HIS A 612 -31.62 -35.41 0.33
N GLY A 613 -30.45 -35.77 0.85
CA GLY A 613 -29.45 -36.46 0.06
C GLY A 613 -28.77 -35.61 -0.99
N LEU A 614 -28.82 -34.28 -0.87
CA LEU A 614 -28.11 -33.39 -1.77
C LEU A 614 -26.84 -32.89 -1.10
N PRO A 615 -25.85 -32.45 -1.88
CA PRO A 615 -24.57 -32.06 -1.29
C PRO A 615 -24.73 -30.92 -0.30
N LEU A 616 -24.00 -30.98 0.81
CA LEU A 616 -23.99 -29.88 1.75
C LEU A 616 -23.37 -28.63 1.13
N LEU A 617 -23.89 -27.49 1.55
CA LEU A 617 -23.38 -26.20 1.13
C LEU A 617 -22.06 -25.84 1.80
N ASP A 618 -21.89 -26.22 3.05
CA ASP A 618 -20.71 -25.87 3.87
C ASP A 618 -20.60 -24.34 3.94
N LEU A 619 -19.37 -23.81 3.99
CA LEU A 619 -19.21 -22.37 4.12
C LEU A 619 -19.96 -21.67 3.00
N ALA A 620 -19.76 -22.14 1.77
CA ALA A 620 -20.38 -21.63 0.57
C ALA A 620 -19.94 -22.58 -0.55
N ASP A 621 -20.57 -22.41 -1.71
CA ASP A 621 -20.25 -23.20 -2.90
C ASP A 621 -19.67 -22.26 -3.95
N TRP A 622 -20.01 -22.43 -5.23
CA TRP A 622 -19.52 -21.49 -6.24
C TRP A 622 -19.86 -20.04 -5.86
N ASN A 623 -21.01 -19.81 -5.22
CA ASN A 623 -21.45 -18.46 -4.85
C ASN A 623 -20.98 -18.13 -3.44
N ASP A 624 -20.04 -17.20 -3.33
CA ASP A 624 -19.46 -16.84 -2.04
C ASP A 624 -20.40 -16.04 -1.14
N SER A 625 -21.54 -15.61 -1.64
N SER A 625 -21.55 -15.61 -1.65
CA SER A 625 -22.48 -14.89 -0.80
CA SER A 625 -22.50 -14.89 -0.82
C SER A 625 -23.46 -15.80 -0.07
C SER A 625 -23.40 -15.81 -0.02
N LEU A 626 -23.47 -17.10 -0.38
CA LEU A 626 -24.37 -18.03 0.28
C LEU A 626 -23.79 -18.51 1.60
N LYS A 627 -23.46 -17.55 2.46
CA LYS A 627 -22.98 -17.82 3.82
C LYS A 627 -24.20 -18.02 4.70
N ILE A 628 -24.96 -19.07 4.38
CA ILE A 628 -26.23 -19.37 5.02
C ILE A 628 -26.02 -20.05 6.38
N ASP A 629 -24.97 -20.87 6.50
CA ASP A 629 -24.71 -21.68 7.68
C ASP A 629 -23.50 -21.11 8.42
N SER A 630 -23.75 -20.45 9.55
CA SER A 630 -22.70 -19.71 10.24
C SER A 630 -21.76 -20.58 11.08
N ASN A 631 -22.08 -21.86 11.25
CA ASN A 631 -21.25 -22.80 11.99
C ASN A 631 -20.72 -23.89 11.07
N SER A 632 -20.44 -23.55 9.81
CA SER A 632 -19.97 -24.53 8.85
C SER A 632 -18.59 -25.03 9.23
N ILE A 633 -18.21 -26.14 8.60
CA ILE A 633 -16.92 -26.78 8.85
C ILE A 633 -16.24 -27.09 7.51
N ASP A 634 -14.90 -27.08 7.53
CA ASP A 634 -14.13 -27.50 6.36
C ASP A 634 -14.01 -29.02 6.34
N GLY A 635 -13.36 -29.53 5.29
CA GLY A 635 -13.32 -30.97 5.07
C GLY A 635 -12.47 -31.70 6.09
N ALA A 636 -11.38 -31.09 6.53
CA ALA A 636 -10.54 -31.72 7.55
C ALA A 636 -11.32 -31.87 8.86
N THR A 637 -12.04 -30.82 9.25
CA THR A 637 -12.86 -30.89 10.47
C THR A 637 -13.98 -31.90 10.30
N LYS A 638 -14.66 -31.87 9.15
CA LYS A 638 -15.71 -32.83 8.87
C LYS A 638 -15.18 -34.25 8.92
N GLU A 639 -14.01 -34.49 8.32
CA GLU A 639 -13.43 -35.83 8.33
C GLU A 639 -13.24 -36.35 9.76
N LYS A 640 -12.70 -35.51 10.64
CA LYS A 640 -12.49 -35.92 12.03
C LYS A 640 -13.83 -36.25 12.71
N LEU A 641 -14.82 -35.37 12.55
CA LEU A 641 -16.13 -35.61 13.15
C LEU A 641 -16.80 -36.84 12.54
N TYR A 642 -16.60 -37.05 11.24
CA TYR A 642 -17.22 -38.20 10.57
C TYR A 642 -16.72 -39.51 11.14
N TYR A 643 -15.40 -39.66 11.29
CA TYR A 643 -14.87 -40.90 11.87
C TYR A 643 -15.35 -41.06 13.31
N GLU A 644 -15.47 -39.96 14.06
CA GLU A 644 -16.01 -40.07 15.41
C GLU A 644 -17.46 -40.54 15.36
N GLN A 645 -18.22 -40.05 14.37
CA GLN A 645 -19.62 -40.46 14.23
C GLN A 645 -19.72 -41.93 13.90
N LEU A 646 -18.92 -42.40 12.95
CA LEU A 646 -18.97 -43.82 12.58
C LEU A 646 -18.70 -44.71 13.79
N LYS A 647 -17.78 -44.30 14.66
CA LYS A 647 -17.45 -45.08 15.84
C LYS A 647 -18.56 -45.02 16.87
N LYS A 648 -19.18 -43.85 17.01
N LYS A 648 -19.19 -43.85 17.01
CA LYS A 648 -20.23 -43.66 18.02
CA LYS A 648 -20.21 -43.68 18.03
C LYS A 648 -21.48 -44.44 17.67
C LYS A 648 -21.49 -44.43 17.67
N THR A 649 -21.85 -44.46 16.39
CA THR A 649 -23.10 -45.07 15.95
C THR A 649 -22.90 -46.38 15.22
N ASN A 650 -21.69 -46.93 15.23
CA ASN A 650 -21.39 -48.19 14.55
C ASN A 650 -21.78 -48.14 13.07
N GLY A 651 -21.29 -47.10 12.38
CA GLY A 651 -21.53 -46.94 10.97
C GLY A 651 -20.39 -47.49 10.13
N LYS A 652 -20.55 -47.34 8.81
CA LYS A 652 -19.56 -47.78 7.84
C LYS A 652 -19.16 -46.61 6.96
N TYR A 653 -17.89 -46.57 6.58
CA TYR A 653 -17.43 -45.52 5.69
C TYR A 653 -18.30 -45.49 4.45
N GLY A 654 -18.75 -44.30 4.08
CA GLY A 654 -19.68 -44.10 2.98
C GLY A 654 -21.08 -43.77 3.44
N ASP A 655 -21.39 -44.03 4.71
CA ASP A 655 -22.64 -43.57 5.29
C ASP A 655 -22.64 -42.05 5.35
N ARG A 656 -23.83 -41.48 5.47
CA ARG A 656 -23.99 -40.04 5.52
C ARG A 656 -23.37 -39.47 6.78
N PHE A 657 -22.70 -38.31 6.64
CA PHE A 657 -22.36 -37.47 7.77
C PHE A 657 -23.63 -36.77 8.25
N MET A 658 -24.01 -36.98 9.50
N MET A 658 -23.98 -36.98 9.52
CA MET A 658 -25.31 -36.53 9.99
CA MET A 658 -25.25 -36.51 10.06
C MET A 658 -25.22 -35.10 10.51
C MET A 658 -25.15 -35.04 10.46
N SER A 659 -26.15 -34.25 10.06
CA SER A 659 -26.16 -32.83 10.41
C SER A 659 -27.47 -32.21 9.94
N ASP A 660 -27.73 -30.99 10.44
CA ASP A 660 -28.81 -30.14 9.94
C ASP A 660 -28.29 -29.06 9.02
N TYR A 661 -27.11 -29.25 8.44
CA TYR A 661 -26.54 -28.28 7.52
C TYR A 661 -27.40 -28.16 6.25
N SER A 662 -27.33 -26.98 5.64
CA SER A 662 -28.07 -26.70 4.42
C SER A 662 -27.43 -27.41 3.24
N GLU A 663 -28.21 -27.59 2.18
CA GLU A 663 -27.79 -28.29 0.96
C GLU A 663 -27.73 -27.33 -0.22
N SER A 664 -26.74 -27.54 -1.08
CA SER A 664 -26.58 -26.75 -2.30
C SER A 664 -27.20 -27.47 -3.48
N VAL A 665 -28.21 -26.84 -4.10
CA VAL A 665 -28.78 -27.43 -5.30
C VAL A 665 -27.85 -27.26 -6.49
N MET A 666 -27.11 -26.15 -6.56
CA MET A 666 -26.15 -26.06 -7.66
C MET A 666 -25.12 -27.19 -7.56
N ASN A 667 -24.66 -27.51 -6.34
CA ASN A 667 -23.72 -28.63 -6.21
C ASN A 667 -24.38 -29.94 -6.65
N ALA A 668 -25.67 -30.10 -6.36
CA ALA A 668 -26.38 -31.30 -6.81
C ALA A 668 -26.31 -31.43 -8.33
N PHE A 669 -26.47 -30.32 -9.06
CA PHE A 669 -26.36 -30.37 -10.52
C PHE A 669 -24.94 -30.66 -10.98
N LEU A 670 -23.95 -30.00 -10.37
CA LEU A 670 -22.56 -30.29 -10.71
C LEU A 670 -22.24 -31.76 -10.46
N LEU A 671 -22.80 -32.32 -9.39
CA LEU A 671 -22.60 -33.72 -9.07
C LEU A 671 -23.28 -34.63 -10.07
N LYS A 672 -24.54 -34.37 -10.41
CA LYS A 672 -25.23 -35.19 -11.38
C LYS A 672 -24.45 -35.23 -12.68
N LEU A 673 -24.00 -34.07 -13.15
CA LEU A 673 -23.20 -34.03 -14.37
C LEU A 673 -21.90 -34.82 -14.20
N ALA A 674 -21.23 -34.64 -13.07
CA ALA A 674 -20.00 -35.38 -12.78
C ALA A 674 -20.22 -36.89 -12.86
N ILE A 675 -21.36 -37.37 -12.33
CA ILE A 675 -21.66 -38.80 -12.33
C ILE A 675 -21.89 -39.27 -13.75
N ASP A 676 -22.67 -38.51 -14.52
CA ASP A 676 -22.86 -38.87 -15.92
C ASP A 676 -21.53 -38.95 -16.63
N HIS A 677 -20.65 -37.98 -16.37
CA HIS A 677 -19.34 -37.98 -17.00
C HIS A 677 -18.55 -39.22 -16.64
N LEU A 678 -18.52 -39.58 -15.36
CA LEU A 678 -17.76 -40.76 -14.97
C LEU A 678 -18.38 -42.03 -15.54
N ALA A 679 -19.71 -42.10 -15.66
CA ALA A 679 -20.32 -43.26 -16.29
C ALA A 679 -19.83 -43.41 -17.73
N GLU A 680 -19.80 -42.30 -18.46
CA GLU A 680 -19.38 -42.34 -19.85
C GLU A 680 -17.89 -42.66 -19.98
N ILE A 681 -17.07 -42.05 -19.12
CA ILE A 681 -15.65 -42.37 -19.07
C ILE A 681 -15.45 -43.86 -18.81
N ALA A 682 -16.15 -44.38 -17.80
CA ALA A 682 -16.05 -45.79 -17.47
C ALA A 682 -16.42 -46.66 -18.67
N THR A 683 -17.50 -46.32 -19.37
CA THR A 683 -17.90 -47.11 -20.53
C THR A 683 -16.80 -47.11 -21.59
N LEU A 684 -16.20 -45.94 -21.83
CA LEU A 684 -15.12 -45.87 -22.80
C LEU A 684 -13.93 -46.70 -22.34
N ASP A 685 -13.69 -46.74 -21.04
CA ASP A 685 -12.62 -47.53 -20.43
C ASP A 685 -12.98 -48.99 -20.27
N ASN A 686 -14.13 -49.42 -20.78
CA ASN A 686 -14.56 -50.82 -20.68
C ASN A 686 -14.67 -51.29 -19.24
N ASP A 687 -15.01 -50.38 -18.33
CA ASP A 687 -15.18 -50.68 -16.91
C ASP A 687 -16.67 -50.79 -16.65
N THR A 688 -17.21 -51.98 -16.85
CA THR A 688 -18.67 -52.15 -16.84
C THR A 688 -19.25 -51.95 -15.45
N GLN A 689 -18.54 -52.38 -14.40
CA GLN A 689 -19.07 -52.22 -13.05
C GLN A 689 -19.20 -50.74 -12.70
N LEU A 690 -18.16 -49.95 -12.97
CA LEU A 690 -18.23 -48.54 -12.65
C LEU A 690 -19.28 -47.81 -13.49
N ALA A 691 -19.38 -48.16 -14.79
CA ALA A 691 -20.39 -47.53 -15.63
C ALA A 691 -21.80 -47.79 -15.10
N GLN A 692 -22.08 -49.03 -14.70
CA GLN A 692 -23.41 -49.36 -14.16
C GLN A 692 -23.67 -48.65 -12.85
N GLN A 693 -22.68 -48.63 -11.95
N GLN A 693 -22.68 -48.63 -11.96
CA GLN A 693 -22.84 -47.98 -10.67
CA GLN A 693 -22.87 -47.98 -10.67
C GLN A 693 -23.13 -46.50 -10.85
C GLN A 693 -23.15 -46.49 -10.85
N MET A 694 -22.39 -45.83 -11.73
CA MET A 694 -22.58 -44.41 -11.95
C MET A 694 -23.90 -44.11 -12.65
N SER A 695 -24.27 -44.93 -13.64
N SER A 695 -24.29 -44.94 -13.64
CA SER A 695 -25.57 -44.76 -14.29
CA SER A 695 -25.58 -44.73 -14.29
C SER A 695 -26.70 -44.83 -13.28
C SER A 695 -26.72 -44.85 -13.29
N GLU A 696 -26.66 -45.81 -12.39
N GLU A 696 -26.65 -45.83 -12.38
CA GLU A 696 -27.73 -45.93 -11.39
CA GLU A 696 -27.69 -45.97 -11.38
C GLU A 696 -27.68 -44.76 -10.42
C GLU A 696 -27.68 -44.79 -10.41
N LEU A 697 -26.49 -44.34 -10.01
CA LEU A 697 -26.39 -43.23 -9.07
C LEU A 697 -26.90 -41.93 -9.69
N SER A 698 -26.67 -41.75 -10.99
CA SER A 698 -27.17 -40.56 -11.67
C SER A 698 -28.69 -40.53 -11.60
N LYS A 699 -29.33 -41.67 -11.85
N LYS A 699 -29.33 -41.68 -11.83
CA LYS A 699 -30.77 -41.75 -11.74
CA LYS A 699 -30.78 -41.73 -11.75
C LYS A 699 -31.22 -41.42 -10.32
C LYS A 699 -31.26 -41.41 -10.34
N GLU A 700 -30.53 -41.95 -9.33
N GLU A 700 -30.59 -41.95 -9.33
CA GLU A 700 -30.91 -41.70 -7.93
CA GLU A 700 -30.98 -41.66 -7.95
C GLU A 700 -30.80 -40.23 -7.59
C GLU A 700 -30.84 -40.18 -7.64
N VAL A 701 -29.69 -39.60 -7.99
CA VAL A 701 -29.47 -38.18 -7.68
C VAL A 701 -30.48 -37.31 -8.42
N THR A 702 -30.76 -37.64 -9.68
CA THR A 702 -31.78 -36.91 -10.42
C THR A 702 -33.11 -36.96 -9.70
N ASP A 703 -33.49 -38.14 -9.20
N ASP A 703 -33.48 -38.14 -9.20
CA ASP A 703 -34.74 -38.27 -8.47
CA ASP A 703 -34.74 -38.27 -8.48
C ASP A 703 -34.75 -37.41 -7.21
C ASP A 703 -34.75 -37.42 -7.22
N ARG A 704 -33.63 -37.37 -6.49
CA ARG A 704 -33.57 -36.53 -5.30
C ARG A 704 -33.77 -35.06 -5.67
N ILE A 705 -33.13 -34.61 -6.75
CA ILE A 705 -33.25 -33.21 -7.16
C ILE A 705 -34.68 -32.90 -7.56
N GLN A 706 -35.29 -33.77 -8.37
CA GLN A 706 -36.64 -33.51 -8.83
C GLN A 706 -37.63 -33.50 -7.66
N LYS A 707 -37.49 -34.46 -6.75
CA LYS A 707 -38.43 -34.58 -5.64
C LYS A 707 -38.27 -33.44 -4.64
N HIS A 708 -37.03 -33.00 -4.39
CA HIS A 708 -36.80 -32.10 -3.27
C HIS A 708 -36.38 -30.70 -3.66
N ALA A 709 -36.02 -30.45 -4.91
CA ALA A 709 -35.52 -29.14 -5.30
C ALA A 709 -36.33 -28.43 -6.37
N TRP A 710 -37.21 -29.12 -7.10
CA TRP A 710 -38.14 -28.41 -7.96
C TRP A 710 -39.25 -27.84 -7.09
N LYS A 711 -39.40 -26.52 -7.09
CA LYS A 711 -40.35 -25.82 -6.20
C LYS A 711 -41.22 -24.92 -7.06
N GLU A 712 -42.26 -25.52 -7.63
CA GLU A 712 -43.33 -24.90 -8.40
C GLU A 712 -42.92 -24.27 -9.71
N ASN A 713 -42.01 -23.28 -9.69
CA ASN A 713 -41.65 -22.57 -10.91
C ASN A 713 -40.15 -22.45 -11.13
N PHE A 714 -39.33 -23.15 -10.36
CA PHE A 714 -37.89 -23.03 -10.50
C PHE A 714 -37.24 -24.13 -9.67
N PHE A 715 -36.00 -24.46 -10.03
CA PHE A 715 -35.17 -25.24 -9.12
C PHE A 715 -34.64 -24.32 -8.03
N ALA A 716 -34.84 -24.73 -6.79
CA ALA A 716 -34.31 -23.96 -5.68
C ALA A 716 -32.78 -23.92 -5.77
N ARG A 717 -32.21 -23.07 -4.94
CA ARG A 717 -30.76 -22.88 -4.88
C ARG A 717 -30.14 -23.51 -3.65
N VAL A 718 -30.83 -23.45 -2.52
CA VAL A 718 -30.38 -24.01 -1.25
C VAL A 718 -31.60 -24.64 -0.59
N LEU A 719 -31.43 -25.83 -0.03
CA LEU A 719 -32.44 -26.41 0.85
C LEU A 719 -31.99 -26.23 2.29
N ILE A 720 -32.91 -25.79 3.14
CA ILE A 720 -32.63 -25.42 4.52
C ILE A 720 -33.25 -26.46 5.43
N ASN A 721 -32.43 -27.00 6.33
CA ASN A 721 -32.79 -28.16 7.12
C ASN A 721 -32.85 -27.91 8.62
N ARG A 722 -32.57 -26.71 9.09
CA ARG A 722 -32.48 -26.47 10.52
C ARG A 722 -33.74 -25.90 11.14
N TYR A 723 -34.83 -25.72 10.39
CA TYR A 723 -36.08 -25.19 10.96
C TYR A 723 -37.13 -26.28 10.86
N LYS A 724 -37.18 -27.14 11.89
CA LYS A 724 -38.04 -28.32 11.81
C LYS A 724 -39.52 -27.97 11.83
N ASP A 725 -39.89 -26.76 12.27
CA ASP A 725 -41.27 -26.30 12.19
C ASP A 725 -41.66 -25.83 10.80
N GLY A 726 -40.73 -25.82 9.84
CA GLY A 726 -41.03 -25.40 8.48
C GLY A 726 -40.95 -23.91 8.24
N SER A 727 -40.47 -23.12 9.19
CA SER A 727 -40.50 -21.67 9.01
C SER A 727 -39.80 -21.25 7.72
N TYR A 728 -38.64 -21.84 7.45
CA TYR A 728 -37.96 -21.74 6.16
C TYR A 728 -37.45 -23.12 5.80
N THR A 729 -37.56 -23.44 4.52
N THR A 729 -37.62 -23.51 4.54
CA THR A 729 -37.29 -24.76 3.99
CA THR A 729 -37.06 -24.77 4.06
C THR A 729 -36.52 -24.72 2.67
C THR A 729 -36.32 -24.67 2.73
N TYR A 730 -36.44 -23.58 1.98
CA TYR A 730 -35.67 -23.48 0.76
C TYR A 730 -35.47 -22.02 0.42
N LEU A 731 -34.48 -21.79 -0.42
CA LEU A 731 -34.17 -20.48 -1.00
C LEU A 731 -33.99 -20.70 -2.49
N GLY A 732 -34.69 -19.93 -3.31
CA GLY A 732 -34.50 -19.98 -4.73
C GLY A 732 -35.68 -20.30 -5.62
N ALA A 733 -36.90 -20.10 -5.13
CA ALA A 733 -38.07 -20.26 -6.00
C ALA A 733 -39.28 -19.59 -5.37
N LYS A 734 -40.38 -19.55 -6.13
CA LYS A 734 -41.61 -19.01 -5.60
C LYS A 734 -41.91 -19.65 -4.25
N GLY A 735 -42.35 -18.82 -3.31
CA GLY A 735 -42.76 -19.28 -1.99
C GLY A 735 -41.62 -19.45 -1.00
N ASP A 736 -40.39 -19.08 -1.34
CA ASP A 736 -39.28 -19.28 -0.42
C ASP A 736 -39.31 -18.29 0.76
N LYS A 737 -40.13 -17.24 0.70
CA LYS A 737 -40.30 -16.23 1.74
C LYS A 737 -39.08 -15.34 1.92
N LEU A 738 -38.13 -15.36 1.00
CA LEU A 738 -36.84 -14.71 1.18
C LEU A 738 -36.59 -13.56 0.22
N SER A 739 -37.59 -13.17 -0.56
CA SER A 739 -37.39 -12.02 -1.45
C SER A 739 -37.28 -10.72 -0.66
N ALA A 740 -36.40 -9.85 -1.13
CA ALA A 740 -36.30 -8.48 -0.66
C ALA A 740 -37.02 -7.50 -1.57
N ASP A 741 -37.65 -7.98 -2.66
CA ASP A 741 -38.36 -7.13 -3.60
C ASP A 741 -39.84 -7.40 -3.41
N PRO A 742 -40.64 -6.45 -2.91
CA PRO A 742 -42.07 -6.75 -2.69
C PRO A 742 -42.83 -7.15 -3.95
N ASN A 743 -42.29 -6.88 -5.13
CA ASN A 743 -42.96 -7.23 -6.37
C ASN A 743 -42.54 -8.59 -6.90
N ILE A 744 -41.67 -9.31 -6.20
CA ILE A 744 -41.24 -10.63 -6.62
C ILE A 744 -41.50 -11.61 -5.49
N ASP A 745 -42.28 -12.63 -5.78
CA ASP A 745 -42.48 -13.77 -4.88
C ASP A 745 -41.39 -14.78 -5.19
N GLY A 746 -40.44 -14.90 -4.28
CA GLY A 746 -39.32 -15.82 -4.43
C GLY A 746 -38.04 -15.08 -4.78
N VAL A 747 -36.94 -15.76 -4.54
CA VAL A 747 -35.61 -15.38 -5.03
C VAL A 747 -35.27 -16.37 -6.14
N TYR A 748 -34.74 -15.86 -7.24
CA TYR A 748 -34.38 -16.71 -8.38
C TYR A 748 -32.90 -16.54 -8.71
N PHE A 749 -32.16 -17.65 -8.73
CA PHE A 749 -30.74 -17.67 -9.04
C PHE A 749 -30.52 -18.17 -10.45
N LEU A 750 -29.85 -17.36 -11.27
CA LEU A 750 -29.56 -17.74 -12.64
C LEU A 750 -28.90 -19.11 -12.74
N ASN A 751 -28.00 -19.43 -11.81
CA ASN A 751 -27.30 -20.70 -11.88
C ASN A 751 -28.19 -21.90 -11.59
N SER A 752 -29.30 -21.74 -10.86
CA SER A 752 -30.24 -22.85 -10.71
C SER A 752 -30.75 -23.27 -12.08
N PHE A 753 -31.15 -22.29 -12.89
CA PHE A 753 -31.54 -22.59 -14.26
C PHE A 753 -30.37 -23.17 -15.03
N ALA A 754 -29.24 -22.46 -15.04
CA ALA A 754 -28.16 -22.84 -15.95
C ALA A 754 -27.71 -24.28 -15.70
N TRP A 755 -27.47 -24.62 -14.44
CA TRP A 755 -26.92 -25.92 -14.11
C TRP A 755 -27.97 -27.02 -14.14
N SER A 756 -29.26 -26.68 -14.00
CA SER A 756 -30.31 -27.70 -14.21
C SER A 756 -30.32 -28.17 -15.64
N VAL A 757 -29.93 -27.31 -16.58
CA VAL A 757 -29.88 -27.65 -18.00
C VAL A 757 -28.54 -28.25 -18.38
N LEU A 758 -27.42 -27.68 -17.90
CA LEU A 758 -26.12 -28.21 -18.24
C LEU A 758 -25.94 -29.62 -17.71
N SER A 759 -26.65 -29.98 -16.65
CA SER A 759 -26.60 -31.32 -16.09
C SER A 759 -27.69 -32.23 -16.63
N ASP A 760 -28.51 -31.74 -17.56
N ASP A 760 -28.54 -31.72 -17.52
CA ASP A 760 -29.59 -32.53 -18.16
CA ASP A 760 -29.58 -32.52 -18.18
C ASP A 760 -30.53 -33.11 -17.11
C ASP A 760 -30.63 -33.06 -17.20
N VAL A 761 -30.97 -32.25 -16.20
CA VAL A 761 -32.01 -32.59 -15.24
C VAL A 761 -33.35 -31.96 -15.63
N ALA A 762 -33.35 -30.71 -16.07
CA ALA A 762 -34.59 -29.99 -16.30
C ALA A 762 -35.34 -30.57 -17.49
N THR A 763 -36.63 -30.81 -17.31
CA THR A 763 -37.46 -31.23 -18.42
C THR A 763 -37.77 -30.04 -19.32
N ASP A 764 -38.30 -30.33 -20.51
CA ASP A 764 -38.67 -29.24 -21.42
C ASP A 764 -39.66 -28.29 -20.77
N GLU A 765 -40.63 -28.81 -20.01
N GLU A 765 -40.64 -28.82 -20.04
CA GLU A 765 -41.62 -27.94 -19.38
CA GLU A 765 -41.62 -27.95 -19.38
C GLU A 765 -40.99 -27.11 -18.27
C GLU A 765 -40.95 -27.10 -18.30
N GLN A 766 -40.05 -27.70 -17.52
CA GLN A 766 -39.34 -26.94 -16.50
C GLN A 766 -38.52 -25.83 -17.13
N ILE A 767 -37.89 -26.10 -18.27
CA ILE A 767 -37.14 -25.06 -18.98
C ILE A 767 -38.08 -23.93 -19.42
N ALA A 768 -39.23 -24.27 -19.99
CA ALA A 768 -40.17 -23.24 -20.42
C ALA A 768 -40.58 -22.35 -19.25
N ILE A 769 -40.88 -22.95 -18.10
CA ILE A 769 -41.31 -22.18 -16.95
C ILE A 769 -40.17 -21.30 -16.46
N MET A 770 -38.96 -21.84 -16.38
CA MET A 770 -37.85 -21.06 -15.85
C MET A 770 -37.48 -19.92 -16.80
N VAL A 771 -37.53 -20.16 -18.10
CA VAL A 771 -37.20 -19.09 -19.03
C VAL A 771 -38.19 -17.94 -18.92
N ASP A 772 -39.47 -18.25 -18.66
CA ASP A 772 -40.47 -17.22 -18.43
C ASP A 772 -40.11 -16.38 -17.21
N VAL A 773 -39.71 -17.05 -16.11
CA VAL A 773 -39.30 -16.32 -14.91
C VAL A 773 -38.07 -15.46 -15.21
N ILE A 774 -37.10 -16.01 -15.94
CA ILE A 774 -35.90 -15.26 -16.29
C ILE A 774 -36.26 -14.01 -17.09
N LYS A 775 -37.12 -14.17 -18.11
CA LYS A 775 -37.49 -13.00 -18.91
C LYS A 775 -38.13 -11.93 -18.05
N LYS A 776 -38.95 -12.34 -17.09
CA LYS A 776 -39.66 -11.39 -16.25
C LYS A 776 -38.80 -10.75 -15.19
N HIS A 777 -37.81 -11.47 -14.63
CA HIS A 777 -37.17 -11.00 -13.40
C HIS A 777 -35.66 -11.06 -13.38
N LEU A 778 -35.01 -11.74 -14.32
CA LEU A 778 -33.55 -11.79 -14.33
C LEU A 778 -32.92 -11.10 -15.55
N LEU A 779 -33.69 -10.84 -16.59
CA LEU A 779 -33.17 -10.24 -17.82
C LEU A 779 -33.35 -8.73 -17.72
N THR A 780 -32.25 -8.01 -17.63
CA THR A 780 -32.23 -6.56 -17.58
C THR A 780 -31.83 -6.01 -18.93
N PRO A 781 -31.91 -4.68 -19.12
CA PRO A 781 -31.42 -4.09 -20.38
C PRO A 781 -29.93 -4.31 -20.61
N TYR A 782 -29.19 -4.69 -19.57
CA TYR A 782 -27.76 -4.93 -19.67
C TYR A 782 -27.42 -6.40 -19.49
N GLY A 783 -28.39 -7.29 -19.54
CA GLY A 783 -28.13 -8.70 -19.51
C GLY A 783 -28.73 -9.38 -18.31
N LEU A 784 -28.29 -10.62 -18.11
CA LEU A 784 -28.84 -11.53 -17.10
C LEU A 784 -28.17 -11.30 -15.76
N ARG A 785 -28.92 -10.80 -14.80
N ARG A 785 -28.94 -10.81 -14.80
CA ARG A 785 -28.38 -10.66 -13.46
CA ARG A 785 -28.45 -10.68 -13.43
C ARG A 785 -28.27 -12.03 -12.79
C ARG A 785 -28.25 -12.05 -12.80
N LEU A 786 -27.44 -12.10 -11.75
CA LEU A 786 -27.10 -13.37 -11.11
C LEU A 786 -28.23 -13.89 -10.25
N VAL A 787 -28.98 -12.99 -9.63
CA VAL A 787 -30.00 -13.34 -8.65
C VAL A 787 -30.93 -12.14 -8.51
N THR A 788 -32.16 -12.40 -8.10
CA THR A 788 -33.12 -11.33 -7.76
C THR A 788 -32.89 -10.93 -6.31
N PRO A 789 -33.51 -9.84 -5.86
CA PRO A 789 -33.19 -9.34 -4.51
C PRO A 789 -33.65 -10.28 -3.40
N ALA A 790 -32.74 -10.54 -2.45
CA ALA A 790 -32.96 -11.49 -1.38
C ALA A 790 -32.72 -10.84 -0.01
N ASP A 791 -33.43 -11.31 1.00
CA ASP A 791 -33.26 -10.86 2.38
C ASP A 791 -32.80 -12.06 3.20
N LEU A 792 -31.50 -12.36 3.12
CA LEU A 792 -30.97 -13.53 3.81
C LEU A 792 -30.77 -13.31 5.30
N ASN A 793 -30.88 -12.08 5.78
CA ASN A 793 -30.85 -11.85 7.23
C ASN A 793 -31.93 -12.65 7.95
N LYS A 794 -33.00 -13.03 7.25
CA LYS A 794 -34.06 -13.76 7.92
C LYS A 794 -33.62 -15.16 8.36
N ILE A 795 -32.57 -15.72 7.75
CA ILE A 795 -32.11 -17.07 8.08
C ILE A 795 -30.64 -17.08 8.47
N ALA A 796 -29.86 -16.13 7.95
CA ALA A 796 -28.49 -15.94 8.39
C ALA A 796 -28.50 -14.76 9.35
N ASN A 797 -29.09 -15.02 10.52
CA ASN A 797 -29.72 -14.00 11.35
C ASN A 797 -28.69 -13.08 12.00
N ASP A 798 -27.61 -12.84 11.26
CA ASP A 798 -27.15 -11.50 10.94
C ASP A 798 -25.85 -11.58 10.16
N THR A 799 -25.97 -11.57 8.83
CA THR A 799 -24.85 -11.50 7.92
C THR A 799 -24.80 -10.10 7.30
N ALA A 800 -23.71 -9.87 6.58
CA ALA A 800 -23.27 -8.52 6.27
C ALA A 800 -24.36 -7.68 5.59
N THR A 801 -24.59 -6.48 6.12
CA THR A 801 -25.29 -5.47 5.35
C THR A 801 -24.54 -5.23 4.05
N GLY A 802 -25.20 -4.57 3.10
CA GLY A 802 -24.65 -4.47 1.77
C GLY A 802 -23.49 -3.50 1.68
N HIS A 803 -22.64 -3.71 0.68
CA HIS A 803 -21.47 -2.86 0.49
C HIS A 803 -21.53 -1.99 -0.75
N TYR A 804 -22.51 -2.20 -1.60
CA TYR A 804 -22.49 -1.59 -2.92
C TYR A 804 -23.76 -0.80 -3.23
N PHE A 805 -23.56 0.34 -3.90
CA PHE A 805 -24.66 1.03 -4.53
C PHE A 805 -25.29 0.14 -5.59
N PHE A 806 -26.56 0.38 -5.88
CA PHE A 806 -27.25 -0.40 -6.89
C PHE A 806 -26.46 -0.36 -8.19
N GLY A 807 -26.33 -1.53 -8.82
CA GLY A 807 -25.63 -1.70 -10.06
C GLY A 807 -24.28 -2.39 -9.94
N ASP A 808 -23.61 -2.26 -8.81
CA ASP A 808 -22.27 -2.80 -8.67
C ASP A 808 -22.28 -4.15 -7.96
N ARG A 809 -21.48 -5.06 -8.51
CA ARG A 809 -21.21 -6.36 -7.89
C ARG A 809 -22.49 -6.96 -7.31
N GLU A 810 -22.45 -7.33 -6.04
CA GLU A 810 -23.57 -8.10 -5.50
C GLU A 810 -24.88 -7.32 -5.44
N ASN A 811 -24.86 -5.99 -5.56
CA ASN A 811 -26.12 -5.25 -5.58
C ASN A 811 -26.62 -5.08 -7.01
N GLY A 812 -26.93 -6.21 -7.63
CA GLY A 812 -27.68 -6.22 -8.88
C GLY A 812 -26.89 -6.22 -10.17
N ALA A 813 -25.57 -6.43 -10.16
CA ALA A 813 -24.82 -6.38 -11.39
C ALA A 813 -25.13 -7.58 -12.28
N VAL A 814 -24.81 -7.42 -13.55
CA VAL A 814 -24.70 -8.55 -14.47
C VAL A 814 -23.28 -9.07 -14.34
N PHE A 815 -23.13 -10.18 -13.63
CA PHE A 815 -21.87 -10.89 -13.57
C PHE A 815 -21.71 -11.70 -14.84
N LYS A 816 -20.73 -11.33 -15.64
N LYS A 816 -20.73 -11.32 -15.66
CA LYS A 816 -20.67 -11.83 -17.00
CA LYS A 816 -20.69 -11.84 -17.01
C LYS A 816 -20.30 -13.31 -17.07
C LYS A 816 -20.31 -13.31 -17.07
N HIS A 817 -19.53 -13.81 -16.10
CA HIS A 817 -19.23 -15.25 -16.09
C HIS A 817 -20.50 -16.06 -15.88
N ALA A 818 -21.27 -15.72 -14.84
CA ALA A 818 -22.54 -16.41 -14.65
C ALA A 818 -23.45 -16.24 -15.85
N SER A 819 -23.44 -15.05 -16.48
N SER A 819 -23.45 -15.05 -16.46
CA SER A 819 -24.30 -14.85 -17.65
CA SER A 819 -24.28 -14.84 -17.64
C SER A 819 -23.90 -15.82 -18.76
C SER A 819 -23.90 -15.81 -18.75
N MET A 820 -22.60 -16.09 -18.89
CA MET A 820 -22.16 -17.01 -19.92
C MET A 820 -22.45 -18.47 -19.58
N MET A 821 -22.48 -18.83 -18.29
CA MET A 821 -22.94 -20.18 -17.95
C MET A 821 -24.41 -20.33 -18.29
N ALA A 822 -25.20 -19.29 -18.06
CA ALA A 822 -26.61 -19.34 -18.45
C ALA A 822 -26.75 -19.42 -19.97
N VAL A 823 -25.89 -18.69 -20.70
CA VAL A 823 -25.96 -18.79 -22.15
C VAL A 823 -25.57 -20.19 -22.63
N ALA A 824 -24.60 -20.84 -21.97
CA ALA A 824 -24.28 -22.22 -22.31
C ALA A 824 -25.51 -23.10 -22.20
N ALA A 825 -26.29 -22.89 -21.14
CA ALA A 825 -27.53 -23.65 -20.95
C ALA A 825 -28.55 -23.33 -22.03
N LEU A 826 -28.75 -22.03 -22.33
CA LEU A 826 -29.71 -21.65 -23.36
C LEU A 826 -29.36 -22.28 -24.70
N ILE A 827 -28.06 -22.32 -25.04
CA ILE A 827 -27.62 -22.92 -26.30
C ILE A 827 -27.89 -24.41 -26.31
N LYS A 828 -27.48 -25.10 -25.24
CA LYS A 828 -27.70 -26.54 -25.13
C LYS A 828 -29.19 -26.86 -25.27
N ALA A 829 -30.05 -26.10 -24.58
CA ALA A 829 -31.49 -26.34 -24.67
C ALA A 829 -32.05 -25.99 -26.04
N ALA A 830 -31.57 -24.89 -26.65
CA ALA A 830 -32.08 -24.52 -27.96
C ALA A 830 -31.83 -25.59 -29.00
N LYS A 831 -30.76 -26.37 -28.85
CA LYS A 831 -30.45 -27.43 -29.79
C LYS A 831 -31.42 -28.60 -29.68
N LYS A 832 -32.01 -28.83 -28.51
N LYS A 832 -32.02 -28.81 -28.50
CA LYS A 832 -32.70 -30.11 -28.28
CA LYS A 832 -32.66 -30.07 -28.19
C LYS A 832 -34.14 -30.04 -27.76
C LYS A 832 -34.15 -29.98 -27.88
N VAL A 833 -34.64 -28.89 -27.28
CA VAL A 833 -36.02 -28.89 -26.78
C VAL A 833 -36.97 -29.13 -27.96
N LYS A 834 -38.10 -29.77 -27.69
CA LYS A 834 -39.00 -30.09 -28.78
C LYS A 834 -39.67 -28.84 -29.37
N ASP A 835 -40.01 -27.87 -28.53
CA ASP A 835 -40.79 -26.70 -28.96
C ASP A 835 -39.84 -25.70 -29.62
N ASN A 836 -40.00 -25.52 -30.94
CA ASN A 836 -39.14 -24.64 -31.69
C ASN A 836 -39.29 -23.18 -31.27
N GLU A 837 -40.47 -22.80 -30.77
CA GLU A 837 -40.64 -21.42 -30.30
C GLU A 837 -39.85 -21.15 -29.02
N LEU A 838 -39.77 -22.14 -28.14
CA LEU A 838 -38.92 -22.02 -26.95
C LEU A 838 -37.46 -21.95 -27.37
N ALA A 839 -37.05 -22.81 -28.32
CA ALA A 839 -35.69 -22.78 -28.83
C ALA A 839 -35.35 -21.41 -29.41
N LYS A 840 -36.25 -20.87 -30.23
CA LYS A 840 -36.01 -19.57 -30.86
C LYS A 840 -35.82 -18.48 -29.81
N GLU A 841 -36.67 -18.47 -28.80
CA GLU A 841 -36.59 -17.46 -27.75
C GLU A 841 -35.29 -17.60 -26.96
N MET A 842 -34.92 -18.83 -26.62
CA MET A 842 -33.68 -19.03 -25.87
C MET A 842 -32.47 -18.59 -26.69
N ALA A 843 -32.48 -18.87 -27.99
CA ALA A 843 -31.36 -18.42 -28.82
C ALA A 843 -31.32 -16.90 -28.92
N ARG A 844 -32.48 -16.24 -28.96
CA ARG A 844 -32.50 -14.77 -28.93
C ARG A 844 -31.85 -14.25 -27.66
N ILE A 845 -32.20 -14.83 -26.51
CA ILE A 845 -31.59 -14.36 -25.27
C ILE A 845 -30.10 -14.62 -25.29
N ALA A 846 -29.70 -15.79 -25.77
CA ALA A 846 -28.28 -16.14 -25.87
C ALA A 846 -27.50 -15.08 -26.64
N TYR A 847 -27.98 -14.73 -27.83
CA TYR A 847 -27.24 -13.77 -28.64
C TYR A 847 -27.31 -12.37 -28.08
N PHE A 848 -28.43 -12.00 -27.45
CA PHE A 848 -28.52 -10.72 -26.75
C PHE A 848 -27.42 -10.60 -25.71
N MET A 849 -27.25 -11.65 -24.90
CA MET A 849 -26.25 -11.63 -23.85
C MET A 849 -24.84 -11.68 -24.40
N ILE A 850 -24.61 -12.52 -25.43
CA ILE A 850 -23.30 -12.53 -26.07
C ILE A 850 -22.94 -11.14 -26.58
N ASP A 851 -23.88 -10.44 -27.20
CA ASP A 851 -23.60 -9.11 -27.73
C ASP A 851 -23.15 -8.15 -26.63
N LEU A 852 -23.65 -8.34 -25.41
CA LEU A 852 -23.29 -7.50 -24.28
C LEU A 852 -21.94 -7.84 -23.65
N VAL A 853 -21.33 -8.96 -24.00
CA VAL A 853 -20.04 -9.34 -23.47
C VAL A 853 -18.90 -9.32 -24.48
N LEU A 854 -19.17 -9.38 -25.79
CA LEU A 854 -18.10 -9.42 -26.79
C LEU A 854 -17.23 -8.19 -26.63
N PRO A 855 -15.93 -8.32 -26.38
CA PRO A 855 -15.14 -7.11 -26.10
C PRO A 855 -15.16 -6.09 -27.23
N TYR A 856 -15.06 -6.50 -28.48
CA TYR A 856 -14.91 -5.50 -29.53
C TYR A 856 -16.10 -4.55 -29.58
N LYS A 857 -17.28 -4.98 -29.15
CA LYS A 857 -18.45 -4.12 -29.17
C LYS A 857 -18.37 -3.02 -28.13
N ASN A 858 -17.41 -3.08 -27.20
CA ASN A 858 -17.19 -1.97 -26.29
C ASN A 858 -16.80 -0.70 -27.03
N LEU A 859 -16.34 -0.79 -28.28
CA LEU A 859 -16.04 0.42 -29.03
C LEU A 859 -17.27 1.03 -29.72
N GLU A 860 -18.46 0.47 -29.54
CA GLU A 860 -19.64 1.07 -30.17
C GLU A 860 -20.12 2.33 -29.44
N ASN A 861 -20.06 2.33 -28.14
CA ASN A 861 -20.49 3.45 -27.32
C ASN A 861 -19.53 3.51 -26.14
N PRO A 862 -18.24 3.73 -26.41
CA PRO A 862 -17.22 3.42 -25.39
C PRO A 862 -17.26 4.28 -24.15
N PHE A 863 -17.68 5.55 -24.26
CA PHE A 863 -17.70 6.37 -23.06
C PHE A 863 -18.85 6.06 -22.13
N GLN A 864 -19.81 5.27 -22.59
CA GLN A 864 -20.80 4.73 -21.67
C GLN A 864 -20.45 3.33 -21.20
N VAL A 865 -20.14 2.42 -22.13
CA VAL A 865 -19.96 1.02 -21.75
C VAL A 865 -18.55 0.69 -21.29
N ALA A 866 -17.57 1.52 -21.61
CA ALA A 866 -16.17 1.32 -21.20
C ALA A 866 -15.75 -0.13 -21.42
N GLY A 867 -15.19 -0.81 -20.43
CA GLY A 867 -14.67 -2.16 -20.62
C GLY A 867 -13.27 -2.15 -21.16
N ASN A 868 -13.06 -2.89 -22.25
CA ASN A 868 -11.80 -3.05 -22.92
C ASN A 868 -12.11 -3.77 -24.23
N PRO A 869 -11.74 -3.24 -25.40
CA PRO A 869 -12.22 -3.82 -26.66
C PRO A 869 -11.49 -5.06 -27.13
N ARG A 870 -10.53 -5.55 -26.36
CA ARG A 870 -9.77 -6.74 -26.70
C ARG A 870 -9.75 -7.81 -25.62
N ILE A 871 -10.22 -7.50 -24.42
CA ILE A 871 -10.08 -8.35 -23.24
C ILE A 871 -11.38 -8.21 -22.48
N SER A 872 -11.93 -9.35 -22.05
N SER A 872 -11.95 -9.34 -22.05
N SER A 872 -11.96 -9.32 -22.05
CA SER A 872 -13.12 -9.37 -21.22
CA SER A 872 -13.19 -9.30 -21.31
CA SER A 872 -13.24 -9.25 -21.38
C SER A 872 -12.96 -8.50 -19.98
C SER A 872 -12.99 -8.61 -19.96
C SER A 872 -13.07 -8.81 -19.93
N THR A 873 -14.10 -8.17 -19.40
CA THR A 873 -14.14 -7.52 -18.09
C THR A 873 -15.17 -8.32 -17.28
N GLN A 874 -15.23 -8.08 -15.98
CA GLN A 874 -15.95 -8.99 -15.09
C GLN A 874 -17.46 -8.75 -15.02
N TYR A 875 -17.92 -7.51 -14.95
CA TYR A 875 -19.34 -7.30 -14.73
C TYR A 875 -19.81 -6.06 -15.47
N ILE A 876 -21.14 -6.00 -15.65
CA ILE A 876 -21.80 -4.81 -16.18
C ILE A 876 -22.59 -4.17 -15.04
N ASN A 877 -22.33 -2.91 -14.81
CA ASN A 877 -23.10 -2.13 -13.84
C ASN A 877 -24.50 -1.89 -14.41
N THR A 878 -25.53 -2.36 -13.72
CA THR A 878 -26.87 -2.31 -14.29
C THR A 878 -27.54 -0.96 -14.10
N ASP A 879 -26.89 -0.03 -13.42
CA ASP A 879 -27.39 1.33 -13.32
C ASP A 879 -26.90 2.17 -14.49
N THR A 880 -25.69 1.91 -14.99
CA THR A 880 -25.06 2.76 -16.00
C THR A 880 -24.72 2.07 -17.31
N GLY A 881 -24.68 0.75 -17.34
CA GLY A 881 -24.21 0.00 -18.49
C GLY A 881 -22.71 -0.12 -18.59
N GLU A 882 -21.95 0.36 -17.60
CA GLU A 882 -20.50 0.31 -17.67
C GLU A 882 -20.00 -1.10 -17.41
N ASN A 883 -19.08 -1.57 -18.26
CA ASN A 883 -18.33 -2.81 -18.07
C ASN A 883 -17.15 -2.49 -17.15
N ILE A 884 -17.15 -3.14 -15.98
N ILE A 884 -17.12 -3.13 -15.99
CA ILE A 884 -16.17 -2.92 -14.92
CA ILE A 884 -16.14 -2.85 -14.94
C ILE A 884 -15.18 -4.08 -14.87
C ILE A 884 -15.21 -4.05 -14.76
N GLY A 885 -13.92 -3.75 -14.57
CA GLY A 885 -12.92 -4.78 -14.34
C GLY A 885 -13.17 -5.59 -13.08
N PRO A 886 -12.32 -6.59 -12.84
CA PRO A 886 -11.02 -6.85 -13.50
C PRO A 886 -11.16 -7.50 -14.87
N LEU A 887 -10.02 -7.67 -15.52
N LEU A 887 -9.98 -7.71 -15.46
CA LEU A 887 -9.95 -8.22 -16.88
CA LEU A 887 -9.80 -8.15 -16.84
C LEU A 887 -10.12 -9.73 -16.89
C LEU A 887 -9.61 -9.66 -16.99
N LEU A 888 -9.29 -10.46 -16.15
N LEU A 888 -9.51 -10.41 -15.90
CA LEU A 888 -9.37 -11.92 -16.17
CA LEU A 888 -9.42 -11.87 -15.99
C LEU A 888 -10.64 -12.36 -15.46
C LEU A 888 -10.61 -12.47 -15.26
N SER A 889 -11.37 -13.27 -16.08
N SER A 889 -11.33 -13.34 -15.94
CA SER A 889 -12.64 -13.73 -15.51
CA SER A 889 -12.58 -13.82 -15.39
C SER A 889 -13.15 -14.92 -16.30
C SER A 889 -13.07 -14.98 -16.24
N GLY A 890 -14.03 -15.69 -15.68
CA GLY A 890 -14.63 -16.82 -16.38
C GLY A 890 -15.45 -16.42 -17.59
N THR A 891 -15.71 -15.12 -17.75
CA THR A 891 -16.41 -14.63 -18.93
C THR A 891 -15.74 -15.10 -20.21
N ALA A 892 -14.43 -14.92 -20.30
CA ALA A 892 -13.75 -15.22 -21.56
C ALA A 892 -13.82 -16.72 -21.85
N THR A 893 -13.59 -17.54 -20.83
CA THR A 893 -13.60 -18.99 -21.00
C THR A 893 -14.94 -19.47 -21.52
N TRP A 894 -16.02 -19.05 -20.86
CA TRP A 894 -17.35 -19.51 -21.24
C TRP A 894 -17.83 -18.84 -22.51
N LEU A 895 -17.41 -17.61 -22.80
CA LEU A 895 -17.71 -17.00 -24.09
C LEU A 895 -17.12 -17.84 -25.22
N ASN A 896 -15.88 -18.31 -25.05
CA ASN A 896 -15.24 -19.15 -26.05
C ASN A 896 -16.05 -20.44 -26.24
N LEU A 897 -16.39 -21.11 -25.15
CA LEU A 897 -17.17 -22.33 -25.26
C LEU A 897 -18.49 -22.07 -25.96
N ASN A 898 -19.14 -20.97 -25.62
CA ASN A 898 -20.47 -20.67 -26.15
C ASN A 898 -20.45 -20.39 -27.65
N LEU A 899 -19.46 -19.64 -28.13
CA LEU A 899 -19.44 -19.32 -29.54
C LEU A 899 -19.15 -20.56 -30.37
N ILE A 900 -18.28 -21.45 -29.86
CA ILE A 900 -18.01 -22.71 -30.54
C ILE A 900 -19.24 -23.59 -30.51
N SER A 901 -19.97 -23.58 -29.39
N SER A 901 -19.96 -23.59 -29.39
N SER A 901 -19.98 -23.57 -29.40
CA SER A 901 -21.20 -24.37 -29.30
CA SER A 901 -21.19 -24.39 -29.30
CA SER A 901 -21.17 -24.41 -29.33
C SER A 901 -22.23 -23.88 -30.29
C SER A 901 -22.24 -23.88 -30.28
C SER A 901 -22.29 -23.88 -30.23
N LEU A 902 -22.40 -22.56 -30.38
CA LEU A 902 -23.36 -22.00 -31.33
C LEU A 902 -22.99 -22.33 -32.77
N ALA A 903 -21.68 -22.34 -33.08
CA ALA A 903 -21.22 -22.78 -34.38
C ALA A 903 -21.51 -24.25 -34.64
N GLY A 904 -21.86 -24.99 -33.60
CA GLY A 904 -22.38 -26.33 -33.74
C GLY A 904 -21.51 -27.44 -33.21
N ILE A 905 -20.36 -27.16 -32.59
CA ILE A 905 -19.37 -28.19 -32.29
C ILE A 905 -19.56 -28.66 -30.85
N GLU A 906 -19.86 -29.94 -30.70
CA GLU A 906 -19.83 -30.60 -29.40
C GLU A 906 -19.15 -31.94 -29.61
N TYR A 907 -18.17 -32.27 -28.78
CA TYR A 907 -17.48 -33.54 -28.90
C TYR A 907 -18.21 -34.58 -28.05
N THR A 908 -18.53 -35.71 -28.67
CA THR A 908 -19.28 -36.78 -28.05
C THR A 908 -18.59 -38.11 -28.32
N ARG A 909 -19.22 -39.18 -27.85
N ARG A 909 -19.23 -39.19 -27.86
CA ARG A 909 -18.63 -40.51 -27.93
CA ARG A 909 -18.62 -40.51 -27.93
C ARG A 909 -18.14 -40.83 -29.33
C ARG A 909 -18.14 -40.84 -29.33
N ASP A 910 -18.96 -40.57 -30.35
CA ASP A 910 -18.71 -41.05 -31.69
C ASP A 910 -18.15 -40.00 -32.62
N GLY A 911 -17.83 -38.82 -32.11
CA GLY A 911 -17.20 -37.80 -32.93
C GLY A 911 -17.67 -36.42 -32.57
N ILE A 912 -18.07 -35.66 -33.58
CA ILE A 912 -18.48 -34.28 -33.43
C ILE A 912 -19.99 -34.25 -33.68
N SER A 913 -20.76 -34.09 -32.61
N SER A 913 -20.75 -34.01 -32.62
CA SER A 913 -22.20 -33.87 -32.77
CA SER A 913 -22.20 -33.85 -32.72
C SER A 913 -22.40 -32.44 -33.26
C SER A 913 -22.48 -32.43 -33.23
N PHE A 914 -22.83 -32.30 -34.51
CA PHE A 914 -22.89 -31.01 -35.19
C PHE A 914 -24.32 -30.52 -35.20
N ASN A 915 -24.57 -29.33 -34.63
CA ASN A 915 -25.92 -28.83 -34.43
C ASN A 915 -25.84 -27.32 -34.25
N PRO A 916 -25.62 -26.57 -35.34
CA PRO A 916 -25.39 -25.14 -35.21
C PRO A 916 -26.67 -24.33 -35.05
N ILE A 917 -26.55 -23.24 -34.28
CA ILE A 917 -27.66 -22.34 -33.98
C ILE A 917 -27.23 -20.94 -34.40
N LEU A 918 -27.57 -20.55 -35.63
CA LEU A 918 -27.17 -19.27 -36.17
C LEU A 918 -28.11 -18.14 -35.72
N ARG A 919 -27.63 -16.91 -35.89
CA ARG A 919 -28.50 -15.76 -35.69
C ARG A 919 -29.57 -15.72 -36.76
N GLU A 920 -30.72 -15.16 -36.42
CA GLU A 920 -31.84 -15.16 -37.37
C GLU A 920 -31.49 -14.38 -38.62
N GLU A 921 -30.73 -13.29 -38.47
CA GLU A 921 -30.42 -12.46 -39.63
C GLU A 921 -29.25 -12.98 -40.44
N GLU A 922 -28.52 -13.97 -39.93
CA GLU A 922 -27.41 -14.56 -40.65
C GLU A 922 -27.93 -15.52 -41.71
N THR A 923 -27.32 -15.48 -42.89
CA THR A 923 -27.60 -16.43 -43.95
C THR A 923 -26.45 -17.39 -44.20
N GLN A 924 -25.28 -17.16 -43.57
N GLN A 924 -25.29 -17.17 -43.58
CA GLN A 924 -24.09 -17.96 -43.78
CA GLN A 924 -24.20 -18.12 -43.76
C GLN A 924 -23.31 -18.02 -42.48
C GLN A 924 -23.23 -18.00 -42.59
N LEU A 925 -22.57 -19.11 -42.30
CA LEU A 925 -21.57 -19.16 -41.24
C LEU A 925 -20.49 -20.12 -41.73
N ASN A 926 -19.25 -19.66 -41.77
CA ASN A 926 -18.11 -20.48 -42.18
C ASN A 926 -17.03 -20.42 -41.11
N PHE A 927 -16.40 -21.56 -40.87
CA PHE A 927 -15.30 -21.63 -39.92
C PHE A 927 -14.47 -22.86 -40.24
N THR A 928 -13.25 -22.85 -39.74
CA THR A 928 -12.35 -23.99 -39.82
C THR A 928 -12.06 -24.51 -38.42
N LEU A 929 -11.80 -25.81 -38.35
CA LEU A 929 -11.61 -26.54 -37.11
C LEU A 929 -10.45 -27.48 -37.30
N LYS A 930 -9.49 -27.42 -36.40
CA LYS A 930 -8.37 -28.36 -36.42
C LYS A 930 -8.64 -29.49 -35.43
N ALA A 931 -8.24 -30.69 -35.80
CA ALA A 931 -8.22 -31.85 -34.92
C ALA A 931 -6.83 -32.44 -34.93
N PRO A 932 -6.49 -33.31 -33.97
CA PRO A 932 -5.09 -33.75 -33.89
C PRO A 932 -4.57 -34.40 -35.14
N LYS A 933 -5.41 -35.07 -35.91
CA LYS A 933 -4.97 -35.81 -37.08
C LYS A 933 -5.87 -35.56 -38.29
N SER A 934 -6.58 -34.44 -38.32
CA SER A 934 -7.35 -34.04 -39.50
C SER A 934 -7.74 -32.58 -39.32
N SER A 935 -8.40 -32.02 -40.33
CA SER A 935 -8.98 -30.69 -40.23
C SER A 935 -10.29 -30.65 -40.96
N TYR A 936 -11.04 -29.57 -40.71
CA TYR A 936 -12.40 -29.41 -41.23
C TYR A 936 -12.62 -27.99 -41.72
N LYS A 937 -13.36 -27.86 -42.81
CA LYS A 937 -13.96 -26.60 -43.24
C LYS A 937 -15.46 -26.77 -43.15
N PHE A 938 -16.11 -25.93 -42.37
CA PHE A 938 -17.55 -25.99 -42.16
C PHE A 938 -18.19 -24.80 -42.86
N SER A 939 -19.27 -25.07 -43.59
N SER A 939 -19.30 -25.06 -43.56
CA SER A 939 -20.07 -24.03 -44.22
CA SER A 939 -20.07 -24.03 -44.24
C SER A 939 -21.55 -24.31 -43.95
C SER A 939 -21.55 -24.29 -44.00
N ILE A 940 -22.24 -23.31 -43.41
CA ILE A 940 -23.66 -23.40 -43.08
C ILE A 940 -24.36 -22.29 -43.83
N THR A 941 -25.46 -22.63 -44.51
N THR A 941 -25.47 -22.62 -44.50
CA THR A 941 -26.30 -21.65 -45.18
CA THR A 941 -26.30 -21.64 -45.17
C THR A 941 -27.73 -21.83 -44.70
C THR A 941 -27.75 -21.83 -44.71
N LYS A 942 -28.47 -20.72 -44.65
CA LYS A 942 -29.88 -20.76 -44.25
C LYS A 942 -30.56 -19.50 -44.78
N PRO A 943 -31.87 -19.54 -44.96
CA PRO A 943 -32.62 -18.30 -45.16
C PRO A 943 -32.63 -17.48 -43.88
N VAL A 944 -32.99 -16.21 -44.02
CA VAL A 944 -33.27 -15.38 -42.86
C VAL A 944 -34.38 -16.03 -42.03
N GLY A 945 -34.22 -15.96 -40.71
CA GLY A 945 -35.15 -16.57 -39.78
C GLY A 945 -34.46 -17.60 -38.90
N PHE A 946 -35.21 -18.10 -37.93
CA PHE A 946 -34.65 -19.09 -37.02
C PHE A 946 -34.67 -20.46 -37.67
N ALA A 947 -33.51 -21.11 -37.70
CA ALA A 947 -33.42 -22.46 -38.22
C ALA A 947 -32.56 -23.31 -37.30
N ARG A 948 -32.98 -24.55 -37.07
CA ARG A 948 -32.17 -25.51 -36.34
C ARG A 948 -32.52 -26.90 -36.82
N MET A 949 -31.57 -27.82 -36.67
CA MET A 949 -31.77 -29.18 -37.16
C MET A 949 -32.97 -29.86 -36.53
N GLU A 950 -33.27 -29.57 -35.27
CA GLU A 950 -34.36 -30.27 -34.61
C GLU A 950 -35.69 -30.07 -35.33
N SER A 951 -35.89 -28.91 -35.95
CA SER A 951 -37.20 -28.52 -36.44
C SER A 951 -37.23 -28.07 -37.89
N SER A 952 -36.11 -27.79 -38.52
CA SER A 952 -36.06 -27.26 -39.88
C SER A 952 -35.53 -28.31 -40.83
N GLU A 953 -35.99 -28.24 -42.07
N GLU A 953 -35.99 -28.24 -42.07
CA GLU A 953 -35.46 -29.11 -43.12
CA GLU A 953 -35.46 -29.15 -43.10
C GLU A 953 -34.03 -28.70 -43.45
C GLU A 953 -34.05 -28.71 -43.48
N TYR A 954 -33.19 -29.70 -43.71
CA TYR A 954 -31.80 -29.40 -44.03
C TYR A 954 -31.22 -30.57 -44.80
N GLU A 955 -30.07 -30.30 -45.43
CA GLU A 955 -29.23 -31.31 -46.06
C GLU A 955 -27.82 -31.11 -45.54
N LEU A 956 -27.21 -32.21 -45.10
CA LEU A 956 -25.86 -32.22 -44.57
C LEU A 956 -24.98 -33.06 -45.48
N PHE A 957 -23.81 -32.52 -45.83
CA PHE A 957 -22.86 -33.23 -46.67
C PHE A 957 -21.50 -33.21 -45.99
N VAL A 958 -20.78 -34.33 -46.11
CA VAL A 958 -19.39 -34.41 -45.68
C VAL A 958 -18.59 -34.97 -46.85
N ASP A 959 -17.57 -34.23 -47.27
CA ASP A 959 -16.72 -34.63 -48.39
C ASP A 959 -17.56 -34.94 -49.62
N GLY A 960 -18.59 -34.12 -49.82
CA GLY A 960 -19.42 -34.19 -51.00
C GLY A 960 -20.51 -35.24 -50.97
N GLN A 961 -20.58 -36.06 -49.92
CA GLN A 961 -21.60 -37.10 -49.84
C GLN A 961 -22.68 -36.64 -48.88
N LYS A 962 -23.94 -36.69 -49.31
CA LYS A 962 -25.03 -36.40 -48.40
C LYS A 962 -25.06 -37.49 -47.33
N ILE A 963 -25.21 -37.07 -46.08
CA ILE A 963 -25.26 -37.99 -44.95
C ILE A 963 -26.45 -37.61 -44.06
N ASP A 964 -26.97 -38.62 -43.36
CA ASP A 964 -28.01 -38.39 -42.37
C ASP A 964 -27.47 -38.28 -40.96
N ASN A 965 -26.34 -38.93 -40.68
CA ASN A 965 -25.77 -38.93 -39.34
C ASN A 965 -25.13 -37.56 -39.06
N THR A 966 -25.68 -36.84 -38.08
CA THR A 966 -25.16 -35.53 -37.72
C THR A 966 -23.97 -35.59 -36.77
N VAL A 967 -23.57 -36.79 -36.37
CA VAL A 967 -22.33 -36.97 -35.62
C VAL A 967 -21.22 -37.22 -36.64
N ILE A 968 -20.42 -36.19 -36.91
N ILE A 968 -20.43 -36.18 -36.90
CA ILE A 968 -19.37 -36.25 -37.91
CA ILE A 968 -19.35 -36.23 -37.89
C ILE A 968 -18.17 -36.97 -37.30
C ILE A 968 -18.18 -36.99 -37.29
N PRO A 969 -17.54 -37.90 -38.01
CA PRO A 969 -16.38 -38.59 -37.42
C PRO A 969 -15.25 -37.63 -37.07
N MET A 970 -14.51 -37.98 -36.02
N MET A 970 -14.50 -38.00 -36.05
CA MET A 970 -13.22 -37.37 -35.74
CA MET A 970 -13.21 -37.40 -35.73
C MET A 970 -12.21 -38.08 -36.63
C MET A 970 -12.18 -38.07 -36.62
N TYR A 971 -11.89 -37.47 -37.77
CA TYR A 971 -11.04 -38.12 -38.75
C TYR A 971 -9.57 -38.13 -38.31
N THR A 972 -8.85 -39.18 -38.72
CA THR A 972 -7.44 -39.33 -38.41
C THR A 972 -6.61 -39.57 -39.66
N ASP A 973 -7.09 -39.14 -40.82
CA ASP A 973 -6.43 -39.40 -42.10
C ASP A 973 -5.54 -38.25 -42.54
N GLU A 974 -5.32 -37.26 -41.69
CA GLU A 974 -4.43 -36.14 -41.99
C GLU A 974 -4.88 -35.39 -43.25
N LYS A 975 -6.20 -35.35 -43.47
CA LYS A 975 -6.79 -34.64 -44.59
C LYS A 975 -7.76 -33.58 -44.09
N GLU A 976 -8.06 -32.63 -44.96
CA GLU A 976 -9.07 -31.62 -44.72
C GLU A 976 -10.43 -32.11 -45.22
N HIS A 977 -11.43 -32.06 -44.36
CA HIS A 977 -12.77 -32.54 -44.67
C HIS A 977 -13.72 -31.36 -44.78
N ILE A 978 -14.59 -31.42 -45.78
CA ILE A 978 -15.50 -30.34 -46.12
C ILE A 978 -16.87 -30.74 -45.59
N VAL A 979 -17.43 -29.93 -44.68
CA VAL A 979 -18.76 -30.16 -44.13
C VAL A 979 -19.63 -29.00 -44.56
N THR A 980 -20.75 -29.32 -45.21
N THR A 980 -20.72 -29.30 -45.27
CA THR A 980 -21.69 -28.32 -45.72
CA THR A 980 -21.68 -28.29 -45.68
C THR A 980 -23.08 -28.64 -45.20
C THR A 980 -23.06 -28.64 -45.16
N LEU A 981 -23.74 -27.65 -44.60
CA LEU A 981 -25.09 -27.77 -44.10
C LEU A 981 -25.93 -26.70 -44.75
N LYS A 982 -27.05 -27.10 -45.35
CA LYS A 982 -27.96 -26.18 -46.02
C LYS A 982 -29.35 -26.35 -45.42
N PHE A 983 -29.83 -25.31 -44.74
CA PHE A 983 -31.20 -25.27 -44.25
C PHE A 983 -32.12 -24.79 -45.37
N LYS A 984 -33.28 -25.42 -45.48
CA LYS A 984 -34.22 -25.08 -46.55
C LYS A 984 -35.12 -23.93 -46.11
N MET B 1 32.43 -14.10 -15.64
CA MET B 1 31.88 -13.45 -16.81
C MET B 1 31.45 -12.04 -16.39
N ILE B 2 30.18 -11.88 -16.01
CA ILE B 2 29.69 -10.59 -15.51
C ILE B 2 30.02 -10.50 -14.03
N THR B 3 30.41 -9.32 -13.57
CA THR B 3 30.72 -9.08 -12.18
C THR B 3 29.78 -8.04 -11.59
N LYS B 4 29.71 -8.00 -10.27
CA LYS B 4 28.79 -7.18 -9.51
C LYS B 4 29.56 -6.41 -8.46
N VAL B 5 29.30 -5.11 -8.34
CA VAL B 5 29.96 -4.24 -7.37
C VAL B 5 28.85 -3.53 -6.59
N THR B 6 28.78 -3.79 -5.29
CA THR B 6 27.73 -3.17 -4.48
C THR B 6 28.16 -1.80 -4.01
N ALA B 7 27.16 -1.01 -3.58
CA ALA B 7 27.45 0.31 -3.03
C ALA B 7 28.51 0.22 -1.93
N ARG B 8 28.36 -0.74 -1.01
CA ARG B 8 29.27 -0.85 0.11
C ARG B 8 30.63 -1.42 -0.27
N ASN B 9 30.71 -2.28 -1.27
CA ASN B 9 32.02 -2.84 -1.59
C ASN B 9 32.70 -2.11 -2.77
N ASN B 10 32.09 -1.03 -3.24
CA ASN B 10 32.81 -0.11 -4.12
C ASN B 10 34.06 0.36 -3.41
N LYS B 11 35.18 0.33 -4.13
CA LYS B 11 36.49 0.31 -3.51
C LYS B 11 36.97 1.69 -3.05
N ILE B 12 36.57 2.75 -3.74
CA ILE B 12 37.02 4.10 -3.42
C ILE B 12 35.89 5.09 -3.70
N THR B 13 35.85 6.17 -2.91
CA THR B 13 34.81 7.17 -3.06
C THR B 13 35.25 8.28 -4.00
N PRO B 14 34.29 9.06 -4.52
CA PRO B 14 34.70 10.20 -5.37
C PRO B 14 35.67 11.16 -4.69
N VAL B 15 35.43 11.50 -3.43
CA VAL B 15 36.27 12.48 -2.76
C VAL B 15 37.66 11.90 -2.52
N GLU B 16 37.75 10.61 -2.21
CA GLU B 16 39.05 9.98 -2.08
C GLU B 16 39.82 10.05 -3.40
N LEU B 17 39.14 9.79 -4.51
CA LEU B 17 39.81 9.85 -5.80
C LEU B 17 40.20 11.28 -6.14
N LEU B 18 39.36 12.26 -5.76
CA LEU B 18 39.70 13.66 -5.96
C LEU B 18 40.98 14.02 -5.20
N ASN B 19 41.07 13.62 -3.93
N ASN B 19 41.08 13.61 -3.93
CA ASN B 19 42.27 13.86 -3.15
CA ASN B 19 42.29 13.88 -3.19
C ASN B 19 43.47 13.17 -3.78
C ASN B 19 43.49 13.16 -3.80
N GLN B 20 43.29 11.93 -4.25
CA GLN B 20 44.39 11.17 -4.85
C GLN B 20 44.92 11.90 -6.08
N LYS B 21 44.04 12.46 -6.90
CA LYS B 21 44.44 13.12 -8.13
C LYS B 21 44.87 14.57 -7.95
N PHE B 22 44.38 15.26 -6.93
CA PHE B 22 44.58 16.71 -6.83
C PHE B 22 45.13 17.19 -5.49
N GLY B 23 45.23 16.34 -4.48
CA GLY B 23 45.54 16.77 -3.14
C GLY B 23 46.88 17.41 -2.88
N ASN B 24 47.76 17.47 -3.88
N ASN B 24 47.73 17.47 -3.91
CA ASN B 24 49.02 18.18 -3.72
CA ASN B 24 49.06 18.05 -3.82
C ASN B 24 49.29 19.14 -4.88
C ASN B 24 49.28 19.15 -4.86
N LYS B 25 48.23 19.53 -5.60
CA LYS B 25 48.27 20.65 -6.52
C LYS B 25 47.37 21.79 -6.06
N ILE B 26 46.36 21.48 -5.23
CA ILE B 26 45.47 22.45 -4.61
C ILE B 26 45.20 22.00 -3.18
N ASN B 27 44.76 22.94 -2.36
CA ASN B 27 44.35 22.62 -0.99
C ASN B 27 42.87 22.25 -1.03
N LEU B 28 42.57 20.98 -0.81
CA LEU B 28 41.18 20.55 -0.80
C LEU B 28 40.47 20.91 0.50
N GLY B 29 41.19 21.42 1.50
CA GLY B 29 40.55 21.88 2.71
C GLY B 29 40.09 20.73 3.59
N ASN B 30 39.17 21.04 4.50
CA ASN B 30 38.62 20.05 5.40
C ASN B 30 37.42 19.31 4.83
N PHE B 31 36.71 19.91 3.88
CA PHE B 31 35.58 19.28 3.23
C PHE B 31 35.65 19.55 1.74
N ALA B 32 35.30 18.54 0.95
CA ALA B 32 35.23 18.67 -0.49
C ALA B 32 34.01 17.88 -0.95
N ASP B 33 33.66 18.03 -2.22
CA ASP B 33 32.61 17.22 -2.81
C ASP B 33 33.07 16.77 -4.19
N ALA B 34 32.59 15.60 -4.62
CA ALA B 34 33.00 15.06 -5.90
C ALA B 34 31.97 14.05 -6.39
N VAL B 35 31.95 13.87 -7.71
N VAL B 35 32.00 13.81 -7.70
CA VAL B 35 31.16 12.83 -8.36
CA VAL B 35 31.15 12.83 -8.37
C VAL B 35 32.03 12.07 -9.34
C VAL B 35 31.99 12.09 -9.39
N PHE B 36 31.76 10.78 -9.49
CA PHE B 36 32.39 10.02 -10.57
C PHE B 36 31.81 10.50 -11.90
N THR B 37 32.67 10.64 -12.91
CA THR B 37 32.28 11.17 -14.21
C THR B 37 31.72 10.10 -15.14
N ASP B 38 31.85 8.83 -14.78
CA ASP B 38 31.37 7.73 -15.62
C ASP B 38 31.07 6.54 -14.74
N ALA B 39 30.41 5.55 -15.34
CA ALA B 39 29.91 4.40 -14.61
C ALA B 39 30.98 3.39 -14.24
N ALA B 40 32.19 3.56 -14.72
CA ALA B 40 33.31 2.73 -14.30
C ALA B 40 34.17 3.40 -13.23
N PHE B 41 33.82 4.62 -12.81
CA PHE B 41 34.42 5.27 -11.67
C PHE B 41 35.89 5.61 -11.86
N LYS B 42 36.34 5.77 -13.10
CA LYS B 42 37.77 6.04 -13.32
C LYS B 42 38.12 7.50 -13.10
N ASN B 43 37.19 8.43 -13.32
CA ASN B 43 37.49 9.85 -13.22
C ASN B 43 36.45 10.56 -12.36
N VAL B 44 36.81 11.76 -11.92
N VAL B 44 36.77 11.80 -12.00
CA VAL B 44 35.98 12.52 -10.98
CA VAL B 44 35.99 12.53 -11.00
C VAL B 44 35.94 13.98 -11.39
C VAL B 44 35.97 14.00 -11.34
N ALA B 45 34.84 14.65 -11.01
CA ALA B 45 34.73 16.10 -11.05
C ALA B 45 34.38 16.51 -9.63
N GLY B 46 35.13 17.46 -9.08
CA GLY B 46 34.91 17.86 -7.70
C GLY B 46 35.14 19.34 -7.48
N ILE B 47 35.00 19.72 -6.21
CA ILE B 47 35.18 21.11 -5.78
C ILE B 47 35.82 21.12 -4.41
N ALA B 48 36.79 22.01 -4.22
CA ALA B 48 37.63 22.03 -3.04
C ALA B 48 37.06 22.94 -1.94
N ASN B 49 37.45 22.63 -0.70
CA ASN B 49 37.42 23.58 0.42
C ASN B 49 36.03 24.11 0.74
N LEU B 50 35.10 23.21 0.95
CA LEU B 50 33.76 23.56 1.38
C LEU B 50 33.72 23.70 2.89
N PRO B 51 32.73 24.43 3.44
CA PRO B 51 32.68 24.60 4.90
C PRO B 51 32.11 23.41 5.64
N MET B 52 31.45 22.49 4.93
CA MET B 52 30.91 21.27 5.52
C MET B 52 30.57 20.36 4.35
N LYS B 53 30.29 19.10 4.66
CA LYS B 53 29.83 18.17 3.64
C LYS B 53 28.50 18.64 3.09
N ALA B 54 28.37 18.60 1.78
CA ALA B 54 27.15 19.04 1.13
C ALA B 54 27.17 18.62 -0.32
N PRO B 55 25.99 18.41 -0.92
CA PRO B 55 25.91 17.93 -2.31
C PRO B 55 26.11 19.05 -3.33
N VAL B 56 27.29 19.64 -3.30
CA VAL B 56 27.55 20.81 -4.12
C VAL B 56 27.64 20.44 -5.60
N MET B 57 28.32 19.33 -5.92
CA MET B 57 28.41 18.93 -7.32
C MET B 57 27.04 18.69 -7.92
N GLN B 58 26.14 18.09 -7.16
CA GLN B 58 24.78 17.86 -7.66
C GLN B 58 24.08 19.18 -8.01
N VAL B 59 24.18 20.17 -7.12
CA VAL B 59 23.53 21.45 -7.39
C VAL B 59 24.19 22.16 -8.57
N LEU B 60 25.54 22.10 -8.64
CA LEU B 60 26.24 22.68 -9.78
C LEU B 60 25.82 22.06 -11.09
N MET B 61 25.61 20.73 -11.10
N MET B 61 25.62 20.73 -11.09
CA MET B 61 25.23 20.06 -12.34
CA MET B 61 25.24 20.05 -12.34
C MET B 61 23.81 20.37 -12.77
C MET B 61 23.85 20.48 -12.78
N GLU B 62 22.97 20.86 -11.85
CA GLU B 62 21.65 21.33 -12.24
C GLU B 62 21.73 22.71 -12.91
N ASN B 63 22.89 23.38 -12.81
CA ASN B 63 23.09 24.71 -13.40
C ASN B 63 23.53 24.53 -14.85
N SER B 64 22.75 25.07 -15.78
N SER B 64 22.77 25.08 -15.78
CA SER B 64 23.03 24.89 -17.20
CA SER B 64 23.04 24.87 -17.20
C SER B 64 24.43 25.40 -17.57
C SER B 64 24.42 25.40 -17.59
N ILE B 65 24.81 26.55 -17.03
CA ILE B 65 26.10 27.15 -17.40
C ILE B 65 27.27 26.30 -16.90
N VAL B 66 27.23 25.87 -15.65
CA VAL B 66 28.35 25.10 -15.13
C VAL B 66 28.37 23.71 -15.75
N SER B 67 27.18 23.11 -15.95
CA SER B 67 27.11 21.79 -16.54
C SER B 67 27.69 21.78 -17.95
N LYS B 68 27.31 22.76 -18.77
CA LYS B 68 27.85 22.85 -20.12
C LYS B 68 29.36 23.06 -20.08
N TYR B 69 29.83 23.92 -19.18
CA TYR B 69 31.27 24.15 -19.07
C TYR B 69 32.00 22.86 -18.73
N LEU B 70 31.48 22.09 -17.78
CA LEU B 70 32.17 20.86 -17.39
C LEU B 70 32.29 19.88 -18.55
N LYS B 71 31.34 19.91 -19.49
CA LYS B 71 31.38 18.97 -20.61
C LYS B 71 32.59 19.19 -21.52
N GLN B 72 33.29 20.31 -21.39
CA GLN B 72 34.53 20.50 -22.13
C GLN B 72 35.63 19.57 -21.63
N PHE B 73 35.49 19.02 -20.42
CA PHE B 73 36.52 18.18 -19.84
C PHE B 73 36.01 16.78 -19.51
N VAL B 74 34.86 16.67 -18.86
CA VAL B 74 34.36 15.37 -18.44
C VAL B 74 33.59 14.76 -19.61
N PRO B 75 33.54 13.43 -19.71
CA PRO B 75 34.05 12.44 -18.76
C PRO B 75 35.52 12.05 -18.87
N ASP B 76 36.24 12.41 -19.95
CA ASP B 76 37.54 11.81 -20.19
C ASP B 76 38.61 12.32 -19.23
N ARG B 77 38.45 13.54 -18.69
N ARG B 77 38.44 13.53 -18.69
CA ARG B 77 39.45 14.15 -17.82
CA ARG B 77 39.43 14.15 -17.82
C ARG B 77 38.83 14.47 -16.47
C ARG B 77 38.82 14.47 -16.46
N SER B 78 39.53 14.11 -15.40
CA SER B 78 39.14 14.52 -14.05
C SER B 78 39.44 16.01 -13.86
N VAL B 79 38.65 16.65 -13.01
CA VAL B 79 38.77 18.10 -12.79
C VAL B 79 38.41 18.42 -11.36
N SER B 80 38.96 19.53 -10.86
CA SER B 80 38.50 20.10 -9.60
C SER B 80 38.36 21.61 -9.75
N PHE B 81 37.25 22.14 -9.25
CA PHE B 81 37.11 23.58 -9.10
C PHE B 81 37.84 24.02 -7.84
N VAL B 82 38.42 25.20 -7.88
CA VAL B 82 39.08 25.78 -6.72
C VAL B 82 38.93 27.29 -6.78
N GLU B 83 38.77 27.91 -5.63
CA GLU B 83 38.65 29.36 -5.50
C GLU B 83 39.94 29.90 -4.90
N GLU B 84 40.56 30.85 -5.59
CA GLU B 84 41.74 31.55 -5.10
C GLU B 84 41.52 33.03 -5.30
N GLY B 85 41.71 33.81 -4.25
CA GLY B 85 41.48 35.25 -4.36
C GLY B 85 40.10 35.58 -4.86
N GLN B 86 39.09 34.88 -4.36
CA GLN B 86 37.69 35.15 -4.68
C GLN B 86 37.39 35.05 -6.18
N LYS B 87 38.16 34.23 -6.91
CA LYS B 87 37.84 33.90 -8.29
C LYS B 87 38.07 32.40 -8.50
N PHE B 88 37.30 31.81 -9.42
CA PHE B 88 37.32 30.36 -9.59
C PHE B 88 38.18 29.92 -10.76
N TYR B 89 38.87 28.79 -10.55
CA TYR B 89 39.62 28.11 -11.58
C TYR B 89 39.19 26.66 -11.63
N ILE B 90 39.51 26.01 -12.74
CA ILE B 90 39.38 24.56 -12.87
C ILE B 90 40.77 24.00 -13.09
N VAL B 91 41.09 22.95 -12.33
CA VAL B 91 42.41 22.33 -12.34
C VAL B 91 42.28 20.96 -12.99
N LEU B 92 43.25 20.64 -13.83
CA LEU B 92 43.36 19.37 -14.51
C LEU B 92 44.49 18.56 -13.90
N GLU B 93 44.48 17.25 -14.17
CA GLU B 93 45.54 16.40 -13.62
C GLU B 93 46.90 16.69 -14.26
N ASP B 94 46.91 17.17 -15.50
CA ASP B 94 48.17 17.49 -16.17
C ASP B 94 48.76 18.81 -15.71
N GLY B 95 48.24 19.39 -14.63
CA GLY B 95 48.82 20.58 -14.04
C GLY B 95 48.08 21.88 -14.34
N GLN B 96 47.40 21.97 -15.48
CA GLN B 96 46.82 23.24 -15.87
C GLN B 96 45.84 23.75 -14.81
N LYS B 97 45.86 25.06 -14.59
CA LYS B 97 44.89 25.77 -13.77
C LYS B 97 44.30 26.85 -14.66
N ILE B 98 43.02 26.72 -15.00
CA ILE B 98 42.34 27.58 -15.96
C ILE B 98 41.36 28.46 -15.22
N GLU B 99 41.47 29.78 -15.42
CA GLU B 99 40.48 30.70 -14.88
C GLU B 99 39.17 30.51 -15.65
N VAL B 100 38.10 30.19 -14.94
CA VAL B 100 36.85 29.85 -15.62
C VAL B 100 36.20 31.12 -16.16
N PRO B 101 35.36 31.03 -17.19
CA PRO B 101 34.68 32.22 -17.69
C PRO B 101 33.86 32.90 -16.60
N GLU B 102 33.55 34.18 -16.84
CA GLU B 102 32.87 34.98 -15.81
C GLU B 102 31.53 34.39 -15.43
N ASP B 103 30.75 33.88 -16.40
CA ASP B 103 29.44 33.36 -16.06
C ASP B 103 29.53 32.09 -15.23
N VAL B 104 30.56 31.26 -15.47
CA VAL B 104 30.80 30.09 -14.64
C VAL B 104 31.27 30.53 -13.25
N ASN B 105 32.12 31.54 -13.20
CA ASN B 105 32.61 32.05 -11.93
C ASN B 105 31.46 32.55 -11.06
N LYS B 106 30.55 33.34 -11.65
N LYS B 106 30.55 33.32 -11.66
CA LYS B 106 29.40 33.83 -10.91
CA LYS B 106 29.40 33.83 -10.91
C LYS B 106 28.56 32.68 -10.37
C LYS B 106 28.56 32.68 -10.37
N ALA B 107 28.29 31.66 -11.20
CA ALA B 107 27.50 30.54 -10.74
C ALA B 107 28.19 29.77 -9.62
N LEU B 108 29.49 29.55 -9.74
CA LEU B 108 30.21 28.85 -8.68
C LEU B 108 30.21 29.65 -7.39
N LYS B 109 30.48 30.96 -7.47
N LYS B 109 30.48 30.96 -7.47
CA LYS B 109 30.49 31.78 -6.28
CA LYS B 109 30.49 31.78 -6.28
C LYS B 109 29.13 31.77 -5.59
C LYS B 109 29.13 31.79 -5.59
N ALA B 110 28.06 31.98 -6.37
CA ALA B 110 26.72 31.97 -5.79
C ALA B 110 26.43 30.64 -5.10
N THR B 111 26.82 29.54 -5.74
CA THR B 111 26.50 28.23 -5.21
C THR B 111 27.21 27.96 -3.90
N VAL B 112 28.50 28.31 -3.80
CA VAL B 112 29.23 27.99 -2.57
C VAL B 112 28.97 29.00 -1.47
N SER B 113 28.32 30.14 -1.78
CA SER B 113 28.31 31.27 -0.86
C SER B 113 27.68 30.92 0.49
N ASP B 114 26.63 30.09 0.50
CA ASP B 114 25.86 29.87 1.73
C ASP B 114 25.68 28.38 2.01
N VAL B 115 26.65 27.56 1.61
CA VAL B 115 26.59 26.11 1.82
C VAL B 115 26.31 25.74 3.27
N LYS B 116 26.87 26.49 4.22
CA LYS B 116 26.70 26.13 5.62
C LYS B 116 25.25 26.19 6.06
N HIS B 117 24.37 26.83 5.29
CA HIS B 117 22.95 26.90 5.64
C HIS B 117 22.05 26.16 4.67
N TRP B 118 22.60 25.25 3.86
CA TRP B 118 21.78 24.60 2.86
C TRP B 118 20.66 23.74 3.45
N ALA B 119 20.84 23.21 4.66
CA ALA B 119 19.78 22.44 5.30
C ALA B 119 18.91 23.31 6.20
N GLY B 120 19.03 24.63 6.07
CA GLY B 120 18.20 25.56 6.82
C GLY B 120 18.91 26.01 8.08
N TYR B 121 18.15 26.72 8.92
CA TYR B 121 18.68 27.21 10.18
C TYR B 121 17.56 27.29 11.20
N LEU B 122 17.94 27.43 12.47
CA LEU B 122 16.98 27.57 13.55
C LEU B 122 16.88 29.02 14.00
N THR B 123 15.65 29.47 14.20
CA THR B 123 15.46 30.78 14.81
C THR B 123 15.82 30.71 16.29
N GLU B 124 15.85 31.89 16.92
CA GLU B 124 16.13 31.95 18.34
C GLU B 124 15.13 31.14 19.14
N ASP B 125 13.89 31.01 18.65
CA ASP B 125 12.85 30.24 19.30
C ASP B 125 12.84 28.76 18.87
N GLY B 126 13.82 28.32 18.10
CA GLY B 126 13.93 26.91 17.77
C GLY B 126 13.11 26.47 16.59
N GLU B 127 12.70 27.40 15.72
CA GLU B 127 11.90 27.10 14.56
C GLU B 127 12.82 26.89 13.37
N HIS B 128 12.52 25.91 12.53
CA HIS B 128 13.40 25.54 11.44
C HIS B 128 12.95 26.25 10.17
N VAL B 129 13.81 27.14 9.67
CA VAL B 129 13.58 27.88 8.44
C VAL B 129 14.32 27.14 7.33
N ILE B 130 13.54 26.70 6.34
CA ILE B 130 13.97 25.78 5.30
C ILE B 130 13.78 26.44 3.94
N ASP B 131 14.75 26.27 3.06
CA ASP B 131 14.66 26.73 1.68
C ASP B 131 14.05 25.61 0.84
N LEU B 132 13.01 25.94 0.07
CA LEU B 132 12.27 24.93 -0.67
C LEU B 132 13.04 24.36 -1.85
N LEU B 133 14.17 24.96 -2.22
CA LEU B 133 14.96 24.42 -3.33
C LEU B 133 16.09 23.50 -2.88
N LYS B 134 16.53 23.61 -1.66
CA LYS B 134 17.74 22.92 -1.25
C LYS B 134 17.50 21.43 -1.03
N PRO B 135 18.53 20.61 -1.24
CA PRO B 135 18.36 19.17 -1.02
C PRO B 135 18.11 18.84 0.45
N ALA B 136 17.47 17.70 0.67
CA ALA B 136 17.17 17.23 2.02
C ALA B 136 18.28 16.32 2.53
N PRO B 137 18.71 16.50 3.77
CA PRO B 137 19.65 15.52 4.36
C PRO B 137 19.11 14.11 4.43
N GLY B 138 17.81 13.94 4.68
CA GLY B 138 17.17 12.65 4.77
C GLY B 138 15.69 12.88 4.85
N PRO B 139 14.91 11.80 4.83
CA PRO B 139 13.45 11.91 4.66
C PRO B 139 12.68 12.35 5.88
N HIS B 140 13.32 12.48 7.03
CA HIS B 140 12.69 12.99 8.24
C HIS B 140 13.11 14.41 8.58
N PHE B 141 14.06 14.98 7.86
CA PHE B 141 14.73 16.20 8.31
C PHE B 141 13.83 17.42 8.20
N TYR B 142 13.04 17.52 7.12
CA TYR B 142 12.20 18.67 6.86
C TYR B 142 10.74 18.45 7.25
N VAL B 143 10.51 17.69 8.32
CA VAL B 143 9.18 17.27 8.73
C VAL B 143 8.79 17.93 10.04
N ASN B 144 7.52 18.36 10.10
CA ASN B 144 6.88 18.82 11.33
C ASN B 144 5.72 17.91 11.66
N LEU B 145 5.44 17.77 12.95
CA LEU B 145 4.33 16.97 13.48
C LEU B 145 3.37 17.88 14.21
N LEU B 146 2.08 17.78 13.87
CA LEU B 146 1.04 18.60 14.45
C LEU B 146 0.08 17.72 15.23
N ILE B 147 -0.53 18.30 16.25
CA ILE B 147 -1.49 17.61 17.10
C ILE B 147 -2.62 18.56 17.46
N GLY B 148 -3.82 17.98 17.64
CA GLY B 148 -4.96 18.70 18.19
C GLY B 148 -4.84 18.79 19.70
N ASN B 149 -6.00 19.00 20.33
CA ASN B 149 -6.07 19.09 21.79
C ASN B 149 -7.44 18.59 22.22
N ARG B 150 -7.47 17.43 22.87
CA ARG B 150 -8.70 16.87 23.41
C ARG B 150 -8.72 16.88 24.94
N LEU B 151 -7.84 17.65 25.56
CA LEU B 151 -7.89 17.77 27.01
C LEU B 151 -9.24 18.34 27.42
N GLY B 152 -9.82 17.75 28.46
CA GLY B 152 -11.16 18.10 28.87
C GLY B 152 -12.26 17.37 28.15
N PHE B 153 -11.93 16.47 27.23
CA PHE B 153 -12.89 15.69 26.47
C PHE B 153 -12.55 14.21 26.61
N LYS B 154 -13.44 13.36 26.13
CA LYS B 154 -13.33 11.93 26.39
C LYS B 154 -12.29 11.26 25.50
N ARG B 155 -11.67 10.22 26.06
N ARG B 155 -11.65 10.24 26.05
CA ARG B 155 -10.79 9.30 25.35
CA ARG B 155 -10.74 9.36 25.32
C ARG B 155 -9.73 10.05 24.55
C ARG B 155 -9.67 10.15 24.57
N THR B 156 -8.96 10.83 25.30
N THR B 156 -8.92 10.94 25.32
CA THR B 156 -8.04 11.79 24.69
CA THR B 156 -7.98 11.86 24.67
C THR B 156 -6.98 11.11 23.83
C THR B 156 -6.96 11.12 23.82
N LEU B 157 -6.38 10.02 24.32
CA LEU B 157 -5.35 9.34 23.54
C LEU B 157 -5.92 8.85 22.21
N GLN B 158 -7.13 8.31 22.25
CA GLN B 158 -7.70 7.64 21.09
C GLN B 158 -8.36 8.59 20.11
N THR B 159 -8.61 9.84 20.50
CA THR B 159 -9.37 10.77 19.66
C THR B 159 -8.64 12.05 19.27
N THR B 160 -7.44 12.31 19.78
CA THR B 160 -6.76 13.54 19.40
C THR B 160 -6.32 13.44 17.95
N PRO B 161 -6.59 14.44 17.12
CA PRO B 161 -6.15 14.37 15.72
C PRO B 161 -4.67 14.69 15.60
N LYS B 162 -4.08 14.27 14.49
CA LYS B 162 -2.64 14.41 14.29
C LYS B 162 -2.34 14.50 12.81
N SER B 163 -1.29 15.24 12.49
CA SER B 163 -0.91 15.48 11.11
C SER B 163 0.59 15.52 10.94
N VAL B 164 1.05 15.17 9.76
N VAL B 164 1.03 15.15 9.74
CA VAL B 164 2.44 15.33 9.40
CA VAL B 164 2.42 15.22 9.30
C VAL B 164 2.51 16.25 8.20
C VAL B 164 2.51 16.24 8.17
N VAL B 165 3.49 17.14 8.24
CA VAL B 165 3.63 18.23 7.29
C VAL B 165 5.10 18.40 6.97
N ASP B 166 5.47 18.24 5.69
CA ASP B 166 6.84 18.51 5.26
C ASP B 166 6.96 19.97 4.84
N ARG B 167 8.14 20.34 4.33
CA ARG B 167 8.37 21.75 4.01
C ARG B 167 7.44 22.28 2.94
N PHE B 168 6.92 21.43 2.06
CA PHE B 168 5.96 21.80 1.04
C PHE B 168 4.50 21.62 1.48
N GLY B 169 4.28 21.26 2.73
CA GLY B 169 2.94 20.98 3.20
C GLY B 169 2.45 19.60 2.84
N ARG B 170 3.31 18.76 2.26
CA ARG B 170 2.91 17.42 1.94
C ARG B 170 2.75 16.59 3.21
N GLY B 171 1.96 15.53 3.09
CA GLY B 171 1.77 14.65 4.21
C GLY B 171 0.32 14.23 4.30
N SER B 172 -0.15 13.98 5.51
CA SER B 172 -1.46 13.41 5.72
C SER B 172 -1.93 13.81 7.11
N PHE B 173 -3.17 13.46 7.43
CA PHE B 173 -3.93 14.02 8.54
C PHE B 173 -4.91 12.94 8.97
N ARG B 174 -4.87 12.61 10.26
CA ARG B 174 -5.65 11.55 10.83
C ARG B 174 -6.51 11.99 12.00
N SER B 175 -7.62 11.27 12.17
CA SER B 175 -8.43 11.34 13.38
C SER B 175 -8.05 10.17 14.27
N HIS B 176 -9.02 9.54 14.94
CA HIS B 176 -8.75 8.44 15.86
C HIS B 176 -8.03 7.29 15.17
N ALA B 177 -7.18 6.61 15.95
CA ALA B 177 -6.49 5.41 15.49
C ALA B 177 -5.74 5.73 14.20
N ALA B 178 -5.92 4.97 13.14
CA ALA B 178 -5.32 5.25 11.84
C ALA B 178 -6.36 5.74 10.83
N THR B 179 -7.42 6.36 11.32
CA THR B 179 -8.47 6.86 10.44
C THR B 179 -7.93 8.03 9.64
N GLN B 180 -7.95 7.90 8.32
CA GLN B 180 -7.35 8.89 7.44
C GLN B 180 -8.38 9.94 7.04
N VAL B 181 -8.05 11.21 7.25
CA VAL B 181 -8.85 12.32 6.74
C VAL B 181 -8.34 12.63 5.34
N LEU B 182 -7.10 13.10 5.26
CA LEU B 182 -6.36 13.19 3.99
C LEU B 182 -5.52 11.91 3.80
N ALA B 183 -5.45 11.46 2.56
CA ALA B 183 -4.92 10.12 2.26
C ALA B 183 -3.43 9.98 2.54
N THR B 184 -3.11 8.96 3.31
CA THR B 184 -1.77 8.40 3.38
C THR B 184 -1.39 7.73 2.06
N ARG B 185 -0.10 7.74 1.74
CA ARG B 185 0.47 6.96 0.66
C ARG B 185 1.39 5.88 1.24
N PHE B 186 1.18 4.64 0.81
CA PHE B 186 2.05 3.51 1.12
C PHE B 186 2.73 3.09 -0.17
N ASP B 187 3.91 3.63 -0.41
CA ASP B 187 4.61 3.40 -1.67
C ASP B 187 6.10 3.23 -1.38
N MET B 188 6.93 3.42 -2.41
CA MET B 188 8.32 2.97 -2.37
C MET B 188 9.21 3.87 -1.55
N ARG B 189 8.87 5.16 -1.43
CA ARG B 189 9.76 6.16 -0.89
C ARG B 189 9.32 6.58 0.51
N GLN B 190 10.29 6.68 1.41
CA GLN B 190 10.04 7.25 2.74
C GLN B 190 9.51 8.68 2.64
N GLU B 191 9.94 9.41 1.61
CA GLU B 191 9.54 10.79 1.41
C GLU B 191 8.07 10.95 1.13
N GLU B 192 7.34 9.92 0.73
CA GLU B 192 5.94 10.08 0.34
C GLU B 192 4.99 9.55 1.41
N ASN B 193 4.68 10.42 2.35
CA ASN B 193 3.74 10.07 3.40
C ASN B 193 2.29 10.17 2.94
N GLY B 194 2.00 11.07 1.99
CA GLY B 194 0.63 11.36 1.61
C GLY B 194 0.43 11.37 0.11
N PHE B 195 -0.82 11.32 -0.29
CA PHE B 195 -1.18 11.53 -1.69
C PHE B 195 -0.66 12.90 -2.13
N PRO B 196 -0.09 13.04 -3.33
CA PRO B 196 0.63 14.28 -3.65
C PRO B 196 -0.19 15.55 -3.70
N ALA B 197 -1.49 15.47 -3.93
CA ALA B 197 -2.33 16.65 -3.98
C ALA B 197 -2.61 17.24 -2.60
N ASN B 198 -2.36 16.50 -1.52
CA ASN B 198 -2.82 16.94 -0.20
C ASN B 198 -2.27 18.31 0.14
N ARG B 199 -3.18 19.21 0.55
CA ARG B 199 -2.87 20.56 1.02
C ARG B 199 -2.42 21.51 -0.08
N GLN B 200 -2.39 21.09 -1.33
CA GLN B 200 -1.81 21.91 -2.38
C GLN B 200 -2.88 22.66 -3.20
N PHE B 201 -2.45 23.74 -3.86
CA PHE B 201 -3.39 24.59 -4.58
C PHE B 201 -2.64 25.28 -5.72
N TYR B 202 -3.46 25.78 -6.64
CA TYR B 202 -3.02 26.46 -7.85
C TYR B 202 -3.64 27.86 -7.89
N LEU B 203 -2.93 28.80 -8.51
CA LEU B 203 -3.52 30.08 -8.84
C LEU B 203 -3.50 30.25 -10.35
N TYR B 204 -4.53 30.94 -10.85
CA TYR B 204 -4.74 31.22 -12.27
C TYR B 204 -4.93 32.70 -12.49
N GLU B 205 -4.55 33.14 -13.68
CA GLU B 205 -4.78 34.51 -14.15
C GLU B 205 -5.03 34.44 -15.64
N ASP B 206 -6.14 35.03 -16.10
CA ASP B 206 -6.48 35.01 -17.52
C ASP B 206 -6.50 33.58 -18.07
N GLY B 207 -6.99 32.65 -17.25
CA GLY B 207 -7.12 31.27 -17.67
C GLY B 207 -5.83 30.48 -17.67
N LYS B 208 -4.70 31.08 -17.28
CA LYS B 208 -3.42 30.41 -17.30
C LYS B 208 -2.92 30.19 -15.87
N GLN B 209 -2.31 29.03 -15.64
CA GLN B 209 -1.73 28.75 -14.33
C GLN B 209 -0.53 29.65 -14.10
N ILE B 210 -0.49 30.31 -12.95
CA ILE B 210 0.64 31.13 -12.55
C ILE B 210 1.36 30.61 -11.32
N PHE B 211 0.80 29.61 -10.62
CA PHE B 211 1.38 29.14 -9.37
C PHE B 211 0.83 27.77 -9.04
N TYR B 212 1.70 26.90 -8.54
CA TYR B 212 1.31 25.67 -7.86
C TYR B 212 2.15 25.57 -6.60
N SER B 213 1.50 25.32 -5.46
CA SER B 213 2.18 25.39 -4.17
C SER B 213 3.28 24.35 -4.00
N ALA B 214 3.27 23.29 -4.80
CA ALA B 214 4.30 22.26 -4.74
C ALA B 214 5.19 22.25 -5.99
N LEU B 215 5.36 23.39 -6.65
CA LEU B 215 6.26 23.51 -7.78
C LEU B 215 7.03 24.82 -7.65
N ILE B 216 8.34 24.74 -7.47
CA ILE B 216 9.18 25.94 -7.51
C ILE B 216 9.82 26.00 -8.88
N ASP B 217 9.49 27.03 -9.65
CA ASP B 217 10.12 27.25 -10.94
C ASP B 217 10.74 28.65 -10.95
N ASP B 218 11.18 29.09 -12.15
CA ASP B 218 11.88 30.35 -12.26
C ASP B 218 10.99 31.55 -11.96
N ASN B 219 9.68 31.37 -11.99
CA ASN B 219 8.76 32.44 -11.63
C ASN B 219 8.59 32.60 -10.13
N ILE B 220 9.25 31.76 -9.33
CA ILE B 220 9.29 31.90 -7.88
C ILE B 220 10.65 32.46 -7.53
N VAL B 221 10.67 33.61 -6.86
CA VAL B 221 11.92 34.26 -6.51
C VAL B 221 12.30 34.11 -5.03
N GLU B 222 11.35 33.77 -4.16
CA GLU B 222 11.64 33.36 -2.80
C GLU B 222 10.70 32.23 -2.43
N ALA B 223 11.17 31.25 -1.67
CA ALA B 223 10.27 30.16 -1.23
C ALA B 223 10.90 29.52 0.00
N THR B 224 10.23 29.64 1.15
CA THR B 224 10.74 29.18 2.42
C THR B 224 9.61 28.56 3.23
N SER B 225 10.00 27.68 4.15
CA SER B 225 9.06 27.05 5.05
C SER B 225 9.61 27.19 6.46
N LYS B 226 8.72 27.41 7.42
CA LYS B 226 9.12 27.52 8.82
C LYS B 226 8.32 26.55 9.66
N HIS B 227 9.00 25.58 10.25
CA HIS B 227 8.37 24.62 11.15
C HIS B 227 8.54 25.11 12.58
N SER B 228 7.41 25.35 13.23
CA SER B 228 7.34 25.84 14.60
C SER B 228 6.54 24.86 15.44
N SER B 229 6.35 25.20 16.70
N SER B 229 6.33 25.21 16.70
CA SER B 229 5.60 24.35 17.62
CA SER B 229 5.63 24.34 17.62
C SER B 229 4.14 24.29 17.19
C SER B 229 4.15 24.28 17.25
N ASN B 230 3.72 23.15 16.69
CA ASN B 230 2.34 22.89 16.33
C ASN B 230 1.79 23.77 15.20
N ARG B 231 2.64 24.34 14.36
CA ARG B 231 2.18 24.93 13.10
C ARG B 231 3.34 24.99 12.14
N THR B 232 3.01 25.10 10.86
CA THR B 232 3.98 25.32 9.79
C THR B 232 3.48 26.47 8.95
N VAL B 233 4.42 27.34 8.54
CA VAL B 233 4.11 28.49 7.72
C VAL B 233 5.05 28.48 6.51
N ILE B 234 4.48 28.56 5.31
CA ILE B 234 5.23 28.42 4.06
C ILE B 234 5.00 29.70 3.27
N LYS B 235 6.08 30.33 2.80
CA LYS B 235 5.99 31.63 2.14
C LYS B 235 6.65 31.57 0.78
N TYR B 236 6.03 32.24 -0.18
CA TYR B 236 6.54 32.33 -1.53
C TYR B 236 6.40 33.77 -2.02
N LYS B 237 7.31 34.17 -2.89
CA LYS B 237 7.15 35.40 -3.65
C LYS B 237 7.35 35.10 -5.12
N THR B 238 6.43 35.55 -5.97
CA THR B 238 6.57 35.35 -7.40
C THR B 238 7.35 36.52 -8.02
N ALA B 239 7.86 36.28 -9.23
CA ALA B 239 8.50 37.35 -9.98
C ALA B 239 7.53 38.47 -10.28
N SER B 240 6.24 38.15 -10.37
CA SER B 240 5.19 39.14 -10.57
C SER B 240 4.77 39.84 -9.25
N ASN B 241 5.47 39.57 -8.15
CA ASN B 241 5.28 40.29 -6.90
C ASN B 241 3.98 39.92 -6.19
N LEU B 242 3.56 38.66 -6.33
CA LEU B 242 2.56 38.10 -5.45
C LEU B 242 3.28 37.47 -4.26
N GLU B 243 2.81 37.75 -3.05
CA GLU B 243 3.34 37.15 -1.84
C GLU B 243 2.30 36.20 -1.30
N ILE B 244 2.66 34.93 -1.19
CA ILE B 244 1.73 33.86 -0.82
C ILE B 244 2.22 33.24 0.47
N THR B 245 1.32 33.12 1.46
CA THR B 245 1.65 32.53 2.74
C THR B 245 0.63 31.46 3.09
N ARG B 246 1.10 30.28 3.45
CA ARG B 246 0.27 29.17 3.91
C ARG B 246 0.55 28.94 5.39
N THR B 247 -0.51 28.85 6.20
CA THR B 247 -0.38 28.51 7.62
C THR B 247 -1.24 27.29 7.89
N ILE B 248 -0.65 26.25 8.46
CA ILE B 248 -1.31 24.96 8.66
C ILE B 248 -1.26 24.61 10.14
N PHE B 249 -2.42 24.31 10.73
CA PHE B 249 -2.49 23.84 12.12
C PHE B 249 -3.78 23.06 12.31
N LEU B 250 -3.81 22.28 13.39
CA LEU B 250 -5.01 21.57 13.81
C LEU B 250 -5.82 22.36 14.82
N VAL B 251 -7.14 22.31 14.68
CA VAL B 251 -8.05 23.06 15.55
C VAL B 251 -8.17 22.38 16.90
N PRO B 252 -7.89 23.07 18.01
CA PRO B 252 -8.15 22.48 19.32
C PRO B 252 -9.63 22.20 19.49
N HIS B 253 -9.95 21.11 20.16
CA HIS B 253 -11.37 20.75 20.26
C HIS B 253 -12.17 21.75 21.07
N LYS B 254 -13.41 21.97 20.62
N LYS B 254 -13.40 21.97 20.61
CA LYS B 254 -14.42 22.72 21.35
CA LYS B 254 -14.42 22.72 21.35
C LYS B 254 -15.70 21.90 21.24
C LYS B 254 -15.71 21.92 21.23
N LYS B 255 -16.52 21.94 22.29
CA LYS B 255 -17.77 21.21 22.29
C LYS B 255 -18.59 21.60 21.07
N GLY B 256 -19.03 20.60 20.31
CA GLY B 256 -19.81 20.82 19.11
C GLY B 256 -19.01 20.81 17.83
N PHE B 257 -17.68 20.79 17.89
CA PHE B 257 -16.85 20.74 16.70
C PHE B 257 -16.73 19.30 16.19
N PRO B 258 -16.35 19.13 14.93
CA PRO B 258 -15.94 17.80 14.45
C PRO B 258 -14.77 17.24 15.25
N LEU B 259 -14.65 15.92 15.25
CA LEU B 259 -13.57 15.29 16.00
C LEU B 259 -12.20 15.63 15.45
N ALA B 260 -12.11 16.02 14.18
CA ALA B 260 -10.82 16.39 13.59
C ALA B 260 -11.04 17.49 12.58
N THR B 261 -10.33 18.60 12.73
CA THR B 261 -10.30 19.66 11.73
C THR B 261 -8.88 20.20 11.61
N GLU B 262 -8.40 20.25 10.36
CA GLU B 262 -7.15 20.88 10.01
C GLU B 262 -7.47 22.15 9.24
N LEU B 263 -6.88 23.26 9.67
CA LEU B 263 -7.10 24.57 9.06
C LEU B 263 -5.85 24.92 8.27
N GLN B 264 -6.03 25.27 7.02
CA GLN B 264 -4.95 25.87 6.23
C GLN B 264 -5.45 27.23 5.77
N ARG B 265 -4.79 28.28 6.23
CA ARG B 265 -5.05 29.64 5.81
C ARG B 265 -4.04 30.00 4.73
N ILE B 266 -4.54 30.55 3.62
CA ILE B 266 -3.72 30.98 2.49
C ILE B 266 -3.93 32.49 2.35
N GLU B 267 -2.85 33.24 2.42
CA GLU B 267 -2.91 34.70 2.27
C GLU B 267 -2.20 35.05 0.98
N ILE B 268 -2.84 35.83 0.12
N ILE B 268 -2.85 35.84 0.14
CA ILE B 268 -2.29 36.23 -1.16
CA ILE B 268 -2.34 36.23 -1.18
C ILE B 268 -2.25 37.75 -1.16
C ILE B 268 -2.27 37.76 -1.18
N LYS B 269 -1.06 38.30 -1.13
CA LYS B 269 -0.88 39.75 -1.15
C LYS B 269 -0.38 40.19 -2.52
N ASN B 270 -1.06 41.16 -3.10
CA ASN B 270 -0.62 41.76 -4.37
C ASN B 270 0.32 42.91 -4.04
N ALA B 271 1.62 42.64 -4.09
CA ALA B 271 2.63 43.65 -3.81
C ALA B 271 3.08 44.39 -5.07
N SER B 272 2.28 44.35 -6.12
CA SER B 272 2.52 45.10 -7.35
C SER B 272 1.63 46.35 -7.38
N ASP B 273 1.82 47.16 -8.40
CA ASP B 273 1.05 48.39 -8.56
C ASP B 273 -0.18 48.24 -9.46
N LYS B 274 -0.55 47.02 -9.84
CA LYS B 274 -1.72 46.80 -10.68
C LYS B 274 -2.59 45.70 -10.09
N ALA B 275 -3.91 45.92 -10.09
CA ALA B 275 -4.85 44.91 -9.64
C ALA B 275 -4.68 43.66 -10.49
N ARG B 276 -4.97 42.51 -9.88
CA ARG B 276 -4.89 41.24 -10.58
C ARG B 276 -6.18 40.46 -10.40
N ASN B 277 -6.66 39.90 -11.50
CA ASN B 277 -7.86 39.08 -11.50
C ASN B 277 -7.39 37.64 -11.46
N LEU B 278 -7.50 37.02 -10.29
CA LEU B 278 -6.94 35.70 -10.03
C LEU B 278 -8.07 34.73 -9.73
N SER B 279 -7.69 33.45 -9.64
CA SER B 279 -8.56 32.45 -9.05
C SER B 279 -7.68 31.42 -8.37
N ILE B 280 -8.25 30.74 -7.39
CA ILE B 280 -7.58 29.64 -6.71
C ILE B 280 -8.34 28.37 -6.99
N THR B 281 -7.59 27.28 -7.09
CA THR B 281 -8.12 25.91 -7.10
C THR B 281 -7.41 25.16 -5.98
N TYR B 282 -8.15 24.80 -4.95
CA TYR B 282 -7.63 24.15 -3.76
C TYR B 282 -7.92 22.65 -3.83
N THR B 283 -6.90 21.80 -3.65
CA THR B 283 -7.07 20.37 -3.92
C THR B 283 -6.67 19.52 -2.73
N GLY B 284 -7.01 18.23 -2.86
CA GLY B 284 -6.57 17.23 -1.90
C GLY B 284 -7.19 15.91 -2.24
N MET B 285 -6.87 14.92 -1.41
CA MET B 285 -7.42 13.58 -1.58
C MET B 285 -7.88 13.05 -0.23
N PHE B 286 -9.18 12.80 -0.13
CA PHE B 286 -9.65 12.15 1.08
C PHE B 286 -9.08 10.75 1.21
N GLY B 287 -8.74 10.36 2.44
CA GLY B 287 -8.38 8.98 2.71
C GLY B 287 -9.57 8.06 2.55
N THR B 288 -9.30 6.83 2.12
CA THR B 288 -10.34 5.82 2.07
C THR B 288 -10.64 5.31 3.46
N GLY B 289 -11.92 4.97 3.68
CA GLY B 289 -12.26 4.18 4.85
C GLY B 289 -11.82 2.73 4.76
N ALA B 290 -11.57 2.23 3.55
CA ALA B 290 -11.27 0.81 3.31
C ALA B 290 -9.78 0.62 3.02
N VAL B 291 -8.97 0.82 4.07
CA VAL B 291 -7.52 0.87 3.89
C VAL B 291 -6.97 -0.46 3.38
N HIS B 292 -7.41 -1.59 3.95
CA HIS B 292 -6.89 -2.87 3.53
C HIS B 292 -7.18 -3.14 2.05
N ALA B 293 -8.28 -2.61 1.52
CA ALA B 293 -8.62 -2.82 0.13
C ALA B 293 -7.73 -2.03 -0.83
N ILE B 294 -6.98 -1.04 -0.36
CA ILE B 294 -5.99 -0.45 -1.26
C ILE B 294 -5.06 -1.53 -1.77
N PHE B 295 -4.64 -2.41 -0.86
N PHE B 295 -4.94 -2.61 -1.01
CA PHE B 295 -3.77 -3.52 -1.23
CA PHE B 295 -4.10 -3.75 -1.29
C PHE B 295 -4.54 -4.65 -1.88
C PHE B 295 -4.83 -4.87 -1.99
N GLU B 296 -5.75 -4.95 -1.41
N GLU B 296 -5.93 -5.29 -1.41
CA GLU B 296 -6.43 -6.18 -1.80
CA GLU B 296 -6.60 -6.46 -1.91
C GLU B 296 -7.43 -6.03 -2.94
C GLU B 296 -7.61 -6.12 -3.00
N ASP B 297 -8.08 -4.87 -3.08
CA ASP B 297 -9.17 -4.65 -4.03
C ASP B 297 -9.38 -3.16 -4.25
N VAL B 298 -8.53 -2.57 -5.08
CA VAL B 298 -8.63 -1.14 -5.34
C VAL B 298 -9.97 -0.78 -5.95
N THR B 299 -10.52 -1.65 -6.80
CA THR B 299 -11.82 -1.32 -7.38
C THR B 299 -12.88 -1.16 -6.31
N TYR B 300 -12.87 -2.05 -5.30
CA TYR B 300 -13.77 -1.91 -4.17
C TYR B 300 -13.67 -0.52 -3.55
N THR B 301 -12.45 -0.05 -3.27
CA THR B 301 -12.34 1.27 -2.66
C THR B 301 -13.02 2.36 -3.48
N ASN B 302 -13.02 2.20 -4.80
CA ASN B 302 -13.65 3.20 -5.65
C ASN B 302 -15.17 3.06 -5.65
N VAL B 303 -15.69 1.83 -5.79
CA VAL B 303 -17.13 1.70 -6.00
C VAL B 303 -17.95 1.89 -4.72
N ILE B 304 -17.36 1.72 -3.54
CA ILE B 304 -18.14 1.85 -2.30
C ILE B 304 -18.47 3.29 -1.91
N MET B 305 -17.97 4.28 -2.65
CA MET B 305 -18.21 5.67 -2.30
C MET B 305 -18.51 6.46 -3.56
N GLN B 306 -18.97 7.70 -3.32
CA GLN B 306 -19.25 8.69 -4.35
C GLN B 306 -19.01 10.04 -3.72
N SER B 307 -18.83 11.06 -4.54
CA SER B 307 -18.73 12.40 -3.99
C SER B 307 -20.12 13.01 -3.76
N ALA B 308 -20.15 13.95 -2.84
CA ALA B 308 -21.35 14.69 -2.51
C ALA B 308 -20.98 16.14 -2.23
N ALA B 309 -21.92 17.04 -2.60
CA ALA B 309 -21.76 18.47 -2.42
C ALA B 309 -22.51 18.92 -1.17
N LEU B 310 -21.94 19.91 -0.51
CA LEU B 310 -22.50 20.52 0.69
C LEU B 310 -22.96 21.94 0.38
N TYR B 311 -24.13 22.33 0.92
CA TYR B 311 -24.74 23.62 0.70
C TYR B 311 -25.16 24.25 2.01
N ASN B 312 -24.91 25.55 2.16
CA ASN B 312 -25.32 26.23 3.38
C ASN B 312 -26.82 26.58 3.32
N ASP B 313 -27.28 27.30 4.34
N ASP B 313 -27.29 27.30 4.34
CA ASP B 313 -28.70 27.64 4.48
CA ASP B 313 -28.71 27.62 4.47
C ASP B 313 -29.19 28.49 3.32
C ASP B 313 -29.21 28.56 3.38
N LYS B 314 -28.31 29.26 2.70
CA LYS B 314 -28.67 30.12 1.58
C LYS B 314 -28.60 29.39 0.24
N GLY B 315 -28.36 28.08 0.26
CA GLY B 315 -28.23 27.33 -0.97
C GLY B 315 -26.90 27.46 -1.65
N GLU B 316 -25.92 28.08 -0.99
CA GLU B 316 -24.59 28.25 -1.57
C GLU B 316 -23.73 27.00 -1.35
N PHE B 317 -23.08 26.55 -2.43
CA PHE B 317 -22.11 25.48 -2.31
C PHE B 317 -21.00 25.87 -1.35
N ILE B 318 -20.65 24.97 -0.44
CA ILE B 318 -19.54 25.23 0.48
C ILE B 318 -18.41 24.20 0.40
N GLY B 319 -18.65 22.99 -0.11
CA GLY B 319 -17.58 22.01 -0.14
C GLY B 319 -18.07 20.63 -0.48
N ILE B 320 -17.21 19.65 -0.19
CA ILE B 320 -17.35 18.26 -0.61
C ILE B 320 -17.25 17.32 0.58
N THR B 321 -18.02 16.25 0.54
CA THR B 321 -17.87 15.11 1.42
C THR B 321 -17.92 13.82 0.62
N PRO B 322 -17.06 12.84 0.94
CA PRO B 322 -17.16 11.52 0.30
C PRO B 322 -18.19 10.68 1.03
N ASP B 323 -19.20 10.23 0.29
CA ASP B 323 -20.36 9.49 0.79
C ASP B 323 -20.20 8.01 0.52
N TYR B 324 -20.32 7.21 1.58
CA TYR B 324 -20.05 5.77 1.53
C TYR B 324 -21.33 4.95 1.61
N TYR B 325 -21.35 3.83 0.90
CA TYR B 325 -22.48 2.90 1.00
C TYR B 325 -22.38 2.00 2.23
N PRO B 326 -21.27 1.30 2.49
CA PRO B 326 -21.27 0.33 3.59
C PRO B 326 -21.33 1.00 4.95
N GLU B 327 -22.13 0.42 5.83
CA GLU B 327 -22.32 0.97 7.17
C GLU B 327 -20.99 1.11 7.92
N GLU B 328 -20.06 0.17 7.73
CA GLU B 328 -18.82 0.24 8.47
C GLU B 328 -17.98 1.45 8.11
N PHE B 329 -18.23 2.06 6.94
CA PHE B 329 -17.49 3.24 6.49
C PHE B 329 -18.31 4.51 6.60
N LYS B 330 -19.48 4.44 7.25
CA LYS B 330 -20.36 5.58 7.49
C LYS B 330 -20.26 6.08 8.92
N GLN B 331 -19.41 5.50 9.74
CA GLN B 331 -19.29 5.88 11.14
C GLN B 331 -18.34 7.05 11.35
N ASP B 332 -17.64 7.47 10.29
CA ASP B 332 -16.91 8.71 10.21
C ASP B 332 -17.43 9.40 8.97
N THR B 333 -17.36 10.74 8.94
CA THR B 333 -17.79 11.48 7.77
C THR B 333 -16.84 12.64 7.54
N ARG B 334 -16.19 12.63 6.39
CA ARG B 334 -15.18 13.64 6.05
C ARG B 334 -15.80 14.85 5.37
N PHE B 335 -15.05 15.95 5.38
CA PHE B 335 -15.50 17.17 4.71
C PHE B 335 -14.29 18.01 4.33
N VAL B 336 -14.52 18.88 3.35
CA VAL B 336 -13.61 19.99 3.04
C VAL B 336 -14.48 21.17 2.62
N THR B 337 -14.14 22.35 3.10
N THR B 337 -14.16 22.35 3.12
CA THR B 337 -14.83 23.59 2.74
CA THR B 337 -14.83 23.58 2.73
C THR B 337 -13.80 24.71 2.73
C THR B 337 -13.79 24.69 2.69
N MET B 338 -14.19 25.84 2.12
CA MET B 338 -13.30 26.98 2.02
C MET B 338 -14.11 28.26 2.00
N ILE B 339 -13.53 29.31 2.59
CA ILE B 339 -14.08 30.65 2.62
C ILE B 339 -13.04 31.59 2.01
N VAL B 340 -13.47 32.48 1.12
CA VAL B 340 -12.60 33.46 0.48
C VAL B 340 -12.98 34.83 1.02
N ARG B 341 -12.01 35.51 1.59
CA ARG B 341 -12.20 36.82 2.20
C ARG B 341 -11.46 37.84 1.37
N ASN B 342 -12.21 38.77 0.75
CA ASN B 342 -11.66 39.75 -0.19
C ASN B 342 -12.23 41.11 0.19
N GLY B 343 -11.49 41.85 1.00
CA GLY B 343 -11.99 43.12 1.50
C GLY B 343 -13.25 42.87 2.31
N ASP B 344 -14.31 43.58 1.94
CA ASP B 344 -15.59 43.43 2.63
C ASP B 344 -16.22 42.08 2.35
N GLU B 345 -15.92 41.49 1.20
N GLU B 345 -15.96 41.49 1.19
CA GLU B 345 -16.67 40.34 0.69
CA GLU B 345 -16.75 40.37 0.73
C GLU B 345 -16.18 39.05 1.33
C GLU B 345 -16.21 39.05 1.26
N LYS B 346 -17.13 38.17 1.64
CA LYS B 346 -16.85 36.78 1.97
C LYS B 346 -17.59 35.94 0.95
N SER B 347 -16.91 34.95 0.37
N SER B 347 -16.93 34.91 0.42
CA SER B 347 -17.51 34.12 -0.66
CA SER B 347 -17.55 34.04 -0.57
C SER B 347 -17.10 32.68 -0.44
C SER B 347 -17.12 32.59 -0.39
N PHE B 348 -17.88 31.78 -1.02
N PHE B 348 -17.98 31.69 -0.82
CA PHE B 348 -17.65 30.36 -0.98
CA PHE B 348 -17.68 30.27 -0.89
C PHE B 348 -17.28 29.89 -2.37
C PHE B 348 -17.27 29.90 -2.31
N PRO B 349 -16.81 28.65 -2.52
CA PRO B 349 -16.30 28.27 -3.85
C PRO B 349 -17.39 28.36 -4.89
N GLN B 350 -17.01 28.77 -6.11
N GLN B 350 -17.00 28.78 -6.10
CA GLN B 350 -17.96 28.87 -7.20
CA GLN B 350 -17.90 28.90 -7.24
C GLN B 350 -17.97 27.66 -8.11
C GLN B 350 -18.03 27.59 -8.00
N SER B 351 -17.00 26.75 -7.97
CA SER B 351 -16.93 25.56 -8.80
C SER B 351 -16.15 24.49 -8.06
N PHE B 352 -16.26 23.26 -8.54
CA PHE B 352 -15.54 22.14 -7.96
C PHE B 352 -15.33 21.07 -9.01
N SER B 353 -14.35 20.20 -8.75
N SER B 353 -14.35 20.20 -8.73
CA SER B 353 -14.23 18.93 -9.44
CA SER B 353 -14.15 18.93 -9.43
C SER B 353 -13.97 17.85 -8.39
C SER B 353 -13.95 17.85 -8.39
N THR B 354 -14.37 16.62 -8.72
CA THR B 354 -14.18 15.49 -7.82
C THR B 354 -13.67 14.25 -8.54
N ASP B 355 -13.16 14.38 -9.76
CA ASP B 355 -12.59 13.26 -10.50
C ASP B 355 -11.18 13.64 -10.95
N TYR B 356 -10.20 12.97 -10.36
CA TYR B 356 -8.79 13.23 -10.65
C TYR B 356 -8.50 13.19 -12.15
N ASN B 357 -9.12 12.26 -12.87
CA ASN B 357 -8.84 12.15 -14.30
C ASN B 357 -9.32 13.37 -15.05
N ASP B 358 -10.52 13.86 -14.73
CA ASP B 358 -11.05 15.03 -15.42
C ASP B 358 -10.23 16.26 -15.07
N PHE B 359 -9.74 16.32 -13.84
CA PHE B 359 -8.99 17.48 -13.36
C PHE B 359 -7.63 17.56 -14.05
N VAL B 360 -6.88 16.46 -14.03
CA VAL B 360 -5.56 16.45 -14.66
C VAL B 360 -5.68 16.45 -16.18
N GLY B 361 -6.65 15.72 -16.71
CA GLY B 361 -6.85 15.69 -18.14
C GLY B 361 -5.59 15.25 -18.85
N THR B 362 -5.26 15.96 -19.93
CA THR B 362 -4.05 15.70 -20.69
C THR B 362 -2.79 16.24 -20.03
N GLY B 363 -2.89 16.83 -18.86
CA GLY B 363 -1.76 17.46 -18.21
C GLY B 363 -1.10 16.56 -17.17
N THR B 364 -0.55 17.20 -16.13
CA THR B 364 0.06 16.52 -15.01
C THR B 364 -0.50 17.12 -13.73
N LEU B 365 -0.19 16.54 -12.58
CA LEU B 365 -0.67 17.15 -11.36
C LEU B 365 -0.05 18.53 -11.17
N GLU B 366 1.20 18.73 -11.60
CA GLU B 366 1.81 20.04 -11.43
C GLU B 366 1.22 21.07 -12.40
N HIS B 367 0.71 20.62 -13.55
N HIS B 367 0.68 20.63 -13.54
CA HIS B 367 0.10 21.48 -14.56
CA HIS B 367 0.08 21.51 -14.54
C HIS B 367 -1.16 20.78 -15.06
C HIS B 367 -1.17 20.83 -15.09
N PRO B 368 -2.25 20.83 -14.30
CA PRO B 368 -3.47 20.08 -14.67
C PRO B 368 -4.26 20.79 -15.76
N ALA B 369 -4.68 20.03 -16.77
CA ALA B 369 -5.36 20.66 -17.90
C ALA B 369 -6.77 21.12 -17.55
N GLY B 370 -7.41 20.56 -16.53
CA GLY B 370 -8.73 20.97 -16.11
C GLY B 370 -8.78 21.82 -14.87
N GLY B 371 -7.64 22.37 -14.45
CA GLY B 371 -7.59 23.06 -13.17
C GLY B 371 -8.28 24.43 -13.16
N SER B 372 -8.34 25.08 -14.32
N SER B 372 -8.35 25.09 -14.33
CA SER B 372 -8.97 26.41 -14.41
CA SER B 372 -8.94 26.42 -14.49
C SER B 372 -10.45 26.35 -14.77
C SER B 372 -10.39 26.37 -14.93
N ASN B 373 -10.96 25.18 -15.15
CA ASN B 373 -12.33 25.04 -15.63
C ASN B 373 -12.90 23.82 -14.93
N LEU B 374 -13.20 23.96 -13.64
CA LEU B 374 -13.69 22.80 -12.90
C LEU B 374 -15.07 22.44 -13.43
N ASN B 375 -15.37 21.15 -13.44
CA ASN B 375 -16.52 20.67 -14.20
C ASN B 375 -17.80 20.55 -13.40
N ASN B 376 -17.76 20.78 -12.10
CA ASN B 376 -18.96 20.73 -11.25
C ASN B 376 -19.69 19.40 -11.35
N LYS B 377 -18.93 18.33 -11.58
CA LYS B 377 -19.47 16.99 -11.69
C LYS B 377 -19.16 16.21 -10.42
N LEU B 378 -20.19 15.73 -9.76
CA LEU B 378 -20.02 14.83 -8.62
C LEU B 378 -19.69 13.43 -9.12
N ASN B 379 -18.53 12.94 -8.74
CA ASN B 379 -18.08 11.62 -9.18
C ASN B 379 -18.94 10.55 -8.54
N ARG B 380 -19.42 9.61 -9.35
CA ARG B 380 -20.18 8.50 -8.82
C ARG B 380 -19.31 7.50 -8.05
N LYS B 381 -17.99 7.59 -8.19
CA LYS B 381 -17.04 6.66 -7.59
C LYS B 381 -16.00 7.45 -6.81
N GLY B 382 -15.28 6.73 -5.95
CA GLY B 382 -13.99 7.22 -5.49
C GLY B 382 -12.92 7.07 -6.56
N PRO B 383 -11.70 7.50 -6.23
CA PRO B 383 -11.30 8.03 -4.94
C PRO B 383 -11.78 9.48 -4.77
N GLY B 384 -11.80 9.89 -3.51
CA GLY B 384 -12.27 11.20 -3.08
C GLY B 384 -11.32 12.33 -3.32
N PHE B 385 -10.98 12.52 -4.58
CA PHE B 385 -10.24 13.71 -4.98
C PHE B 385 -11.18 14.90 -4.93
N PHE B 386 -10.62 16.05 -4.57
CA PHE B 386 -11.43 17.27 -4.64
C PHE B 386 -10.59 18.43 -5.12
N ALA B 387 -11.28 19.36 -5.78
CA ALA B 387 -10.74 20.65 -6.20
C ALA B 387 -11.87 21.65 -5.99
N LEU B 388 -11.56 22.71 -5.27
CA LEU B 388 -12.53 23.78 -5.01
C LEU B 388 -11.99 25.06 -5.65
N GLY B 389 -12.83 25.73 -6.45
CA GLY B 389 -12.40 26.91 -7.20
C GLY B 389 -13.13 28.18 -6.80
N ALA B 390 -12.40 29.29 -6.77
CA ALA B 390 -13.04 30.57 -6.53
C ALA B 390 -12.24 31.71 -7.16
N PRO B 391 -12.92 32.69 -7.77
CA PRO B 391 -12.25 33.87 -8.31
C PRO B 391 -12.13 34.99 -7.29
N PHE B 392 -11.13 35.84 -7.49
CA PHE B 392 -11.00 37.05 -6.69
C PHE B 392 -10.10 38.05 -7.41
N THR B 393 -10.46 39.31 -7.37
CA THR B 393 -9.59 40.37 -7.83
C THR B 393 -8.92 40.96 -6.59
N VAL B 394 -7.61 41.10 -6.65
CA VAL B 394 -6.86 41.63 -5.52
C VAL B 394 -6.20 42.93 -5.96
N GLU B 395 -6.53 44.02 -5.27
CA GLU B 395 -6.06 45.34 -5.63
C GLU B 395 -4.63 45.56 -5.19
N PRO B 396 -3.96 46.58 -5.74
CA PRO B 396 -2.56 46.84 -5.35
C PRO B 396 -2.43 47.04 -3.84
N GLY B 397 -1.46 46.34 -3.26
CA GLY B 397 -1.16 46.45 -1.85
C GLY B 397 -2.08 45.67 -0.94
N LYS B 398 -3.10 45.03 -1.49
CA LYS B 398 -4.13 44.36 -0.70
C LYS B 398 -3.92 42.86 -0.66
N THR B 399 -4.60 42.23 0.28
CA THR B 399 -4.48 40.80 0.54
C THR B 399 -5.85 40.16 0.47
N VAL B 400 -5.89 38.95 -0.09
CA VAL B 400 -7.06 38.07 -0.04
C VAL B 400 -6.67 36.88 0.84
N ILE B 401 -7.60 36.49 1.71
CA ILE B 401 -7.39 35.37 2.63
C ILE B 401 -8.35 34.26 2.23
N ILE B 402 -7.82 33.05 2.05
CA ILE B 402 -8.62 31.87 1.81
C ILE B 402 -8.41 30.93 3.00
N ASP B 403 -9.47 30.66 3.76
CA ASP B 403 -9.42 29.72 4.87
C ASP B 403 -10.06 28.42 4.42
N THR B 404 -9.30 27.33 4.57
CA THR B 404 -9.77 25.99 4.24
C THR B 404 -9.91 25.19 5.53
N PHE B 405 -10.95 24.38 5.58
CA PHE B 405 -11.27 23.54 6.72
C PHE B 405 -11.47 22.13 6.20
N THR B 406 -10.63 21.19 6.66
CA THR B 406 -10.65 19.80 6.23
C THR B 406 -10.82 18.98 7.49
N GLY B 407 -11.68 17.97 7.46
CA GLY B 407 -11.88 17.28 8.70
C GLY B 407 -12.80 16.09 8.61
N LEU B 408 -13.17 15.61 9.79
CA LEU B 408 -13.99 14.43 9.95
C LEU B 408 -14.76 14.52 11.24
N SER B 409 -16.03 14.13 11.16
CA SER B 409 -16.86 13.86 12.32
C SER B 409 -17.00 12.35 12.51
N SER B 410 -17.32 11.94 13.74
CA SER B 410 -17.23 10.52 14.03
C SER B 410 -18.18 10.06 15.14
N SER B 411 -18.63 8.82 14.98
CA SER B 411 -19.35 8.12 16.03
C SER B 411 -18.51 7.90 17.28
N LYS B 412 -17.17 7.98 17.16
N LYS B 412 -17.18 7.97 17.16
CA LYS B 412 -16.32 7.79 18.32
CA LYS B 412 -16.36 7.78 18.34
C LYS B 412 -16.51 8.90 19.36
C LYS B 412 -16.64 8.84 19.39
N ASP B 413 -17.20 9.98 18.99
CA ASP B 413 -17.46 11.08 19.92
C ASP B 413 -18.94 11.45 19.95
N ASN B 414 -19.83 10.62 19.38
CA ASN B 414 -21.23 11.01 19.27
C ASN B 414 -22.10 9.78 19.23
N GLU B 415 -23.08 9.72 20.11
CA GLU B 415 -24.09 8.68 20.04
C GLU B 415 -25.05 8.98 18.89
N ASN B 416 -25.80 7.95 18.50
CA ASN B 416 -26.82 8.09 17.47
C ASN B 416 -26.25 8.76 16.22
N TYR B 417 -25.14 8.21 15.74
CA TYR B 417 -24.34 8.88 14.74
C TYR B 417 -24.91 8.69 13.34
N SER B 418 -24.87 9.76 12.55
CA SER B 418 -25.08 9.69 11.10
C SER B 418 -24.42 10.92 10.51
N ASP B 419 -24.47 11.02 9.17
CA ASP B 419 -23.92 12.21 8.53
C ASP B 419 -24.62 13.49 8.97
N ALA B 420 -25.83 13.40 9.53
CA ALA B 420 -26.48 14.59 10.06
C ALA B 420 -25.66 15.20 11.18
N VAL B 421 -24.98 14.36 11.96
CA VAL B 421 -24.10 14.86 13.02
C VAL B 421 -22.97 15.68 12.42
N MET B 422 -22.35 15.16 11.35
CA MET B 422 -21.27 15.91 10.69
C MET B 422 -21.77 17.27 10.24
N LEU B 423 -22.96 17.30 9.62
CA LEU B 423 -23.48 18.55 9.08
C LEU B 423 -23.67 19.58 10.20
N ARG B 424 -24.15 19.13 11.36
CA ARG B 424 -24.32 20.05 12.47
C ARG B 424 -22.98 20.53 13.01
N GLU B 425 -22.00 19.62 13.16
CA GLU B 425 -20.68 19.99 13.70
C GLU B 425 -19.94 20.91 12.73
N LEU B 426 -20.08 20.66 11.43
CA LEU B 426 -19.48 21.53 10.43
C LEU B 426 -20.09 22.92 10.49
N ASP B 427 -21.40 23.00 10.66
N ASP B 427 -21.40 23.00 10.66
CA ASP B 427 -22.06 24.30 10.84
CA ASP B 427 -22.07 24.29 10.84
C ASP B 427 -21.49 25.02 12.06
C ASP B 427 -21.49 25.02 12.05
N ASN B 428 -21.33 24.31 13.18
CA ASN B 428 -20.78 24.92 14.38
C ASN B 428 -19.37 25.45 14.11
N LEU B 429 -18.53 24.64 13.45
CA LEU B 429 -17.16 25.05 13.13
C LEU B 429 -17.14 26.30 12.26
N LEU B 430 -17.93 26.30 11.18
CA LEU B 430 -17.89 27.41 10.25
C LEU B 430 -18.44 28.68 10.87
N ARG B 431 -19.43 28.56 11.75
N ARG B 431 -19.44 28.56 11.74
CA ARG B 431 -19.93 29.74 12.46
CA ARG B 431 -19.93 29.74 12.46
C ARG B 431 -18.86 30.28 13.39
C ARG B 431 -18.85 30.28 13.39
N TYR B 432 -18.13 29.40 14.08
CA TYR B 432 -17.09 29.85 14.99
C TYR B 432 -16.01 30.63 14.25
N PHE B 433 -15.67 30.20 13.03
CA PHE B 433 -14.61 30.79 12.23
C PHE B 433 -15.14 31.78 11.19
N GLU B 434 -16.36 32.29 11.38
CA GLU B 434 -16.94 33.22 10.43
C GLU B 434 -16.12 34.51 10.32
N LYS B 435 -15.68 35.04 11.45
CA LYS B 435 -14.93 36.30 11.46
C LYS B 435 -13.46 36.04 11.16
N SER B 436 -12.86 36.89 10.34
CA SER B 436 -11.48 36.65 9.90
C SER B 436 -10.54 36.48 11.09
N GLU B 437 -10.71 37.30 12.12
N GLU B 437 -10.70 37.31 12.12
CA GLU B 437 -9.81 37.31 13.27
CA GLU B 437 -9.77 37.29 13.24
C GLU B 437 -9.86 36.03 14.08
C GLU B 437 -9.86 36.02 14.08
N SER B 438 -10.93 35.23 13.95
CA SER B 438 -11.04 34.02 14.74
C SER B 438 -9.91 33.04 14.46
N VAL B 439 -9.44 32.97 13.21
CA VAL B 439 -8.37 32.06 12.86
C VAL B 439 -7.08 32.47 13.57
N GLU B 440 -6.77 33.76 13.53
N GLU B 440 -6.77 33.76 13.53
CA GLU B 440 -5.56 34.24 14.20
CA GLU B 440 -5.58 34.27 14.20
C GLU B 440 -5.67 34.05 15.70
C GLU B 440 -5.67 34.05 15.70
N GLU B 441 -6.85 34.26 16.27
CA GLU B 441 -7.01 34.06 17.71
C GLU B 441 -6.82 32.60 18.10
N THR B 442 -7.31 31.67 17.29
CA THR B 442 -7.07 30.26 17.56
C THR B 442 -5.60 29.91 17.44
N LEU B 443 -4.92 30.42 16.42
CA LEU B 443 -3.49 30.16 16.31
C LEU B 443 -2.74 30.70 17.53
N ASN B 444 -3.09 31.91 17.97
CA ASN B 444 -2.44 32.46 19.16
C ASN B 444 -2.74 31.62 20.39
N GLU B 445 -3.95 31.06 20.47
CA GLU B 445 -4.29 30.18 21.58
C GLU B 445 -3.40 28.94 21.59
N ILE B 446 -3.17 28.36 20.41
CA ILE B 446 -2.27 27.22 20.30
C ILE B 446 -0.87 27.61 20.75
N ILE B 447 -0.34 28.71 20.21
CA ILE B 447 1.01 29.14 20.57
C ILE B 447 1.12 29.32 22.07
N ASN B 448 0.13 30.00 22.66
CA ASN B 448 0.21 30.30 24.09
C ASN B 448 0.05 29.03 24.92
N PHE B 449 -0.77 28.10 24.47
CA PHE B 449 -0.94 26.86 25.19
C PHE B 449 0.40 26.13 25.33
N HIS B 450 1.13 25.98 24.23
CA HIS B 450 2.40 25.23 24.28
C HIS B 450 3.46 26.02 25.04
N GLU B 451 3.45 27.35 24.91
N GLU B 451 3.46 27.35 24.91
CA GLU B 451 4.38 28.16 25.69
CA GLU B 451 4.40 28.16 25.70
C GLU B 451 4.14 28.00 27.18
C GLU B 451 4.14 27.96 27.19
N ASN B 452 2.87 28.02 27.59
CA ASN B 452 2.54 27.84 29.00
C ASN B 452 2.90 26.43 29.47
N TYR B 453 2.60 25.42 28.66
CA TYR B 453 2.92 24.05 29.02
C TYR B 453 4.40 23.89 29.31
N GLY B 454 5.26 24.53 28.53
CA GLY B 454 6.68 24.35 28.69
C GLY B 454 7.26 24.96 29.95
N LYS B 455 6.51 25.79 30.66
CA LYS B 455 7.07 26.55 31.77
C LYS B 455 7.42 25.68 32.98
N TYR B 456 7.06 24.40 32.99
CA TYR B 456 7.46 23.52 34.09
C TYR B 456 8.97 23.59 34.32
N PHE B 457 9.76 23.57 33.25
CA PHE B 457 11.21 23.60 33.36
C PHE B 457 11.76 24.43 32.20
N GLN B 458 12.49 25.51 32.52
CA GLN B 458 13.07 26.37 31.49
C GLN B 458 14.55 26.59 31.76
N PHE B 459 15.39 26.15 30.83
CA PHE B 459 16.80 26.49 30.88
C PHE B 459 17.00 27.92 30.41
N ASN B 460 17.97 28.62 31.02
CA ASN B 460 18.39 29.95 30.54
C ASN B 460 19.92 29.94 30.51
N THR B 461 20.49 29.54 29.38
CA THR B 461 21.94 29.40 29.24
C THR B 461 22.43 30.33 28.14
N GLY B 462 23.75 30.36 27.95
CA GLY B 462 24.30 31.13 26.86
C GLY B 462 23.98 30.59 25.47
N ASN B 463 23.24 29.49 25.36
CA ASN B 463 23.04 28.79 24.09
C ASN B 463 21.55 28.71 23.78
N LYS B 464 21.07 29.63 22.94
N LYS B 464 21.07 29.63 22.94
CA LYS B 464 19.66 29.70 22.63
CA LYS B 464 19.65 29.69 22.66
C LYS B 464 19.20 28.49 21.83
C LYS B 464 19.18 28.54 21.78
N LEU B 465 20.09 27.90 21.03
CA LEU B 465 19.72 26.68 20.31
C LEU B 465 19.40 25.56 21.30
N PHE B 466 20.22 25.42 22.33
CA PHE B 466 19.91 24.44 23.36
C PHE B 466 18.66 24.83 24.13
N ASP B 467 18.55 26.09 24.55
CA ASP B 467 17.42 26.49 25.38
C ASP B 467 16.10 26.26 24.65
N SER B 468 15.99 26.75 23.41
N SER B 468 15.99 26.74 23.41
CA SER B 468 14.76 26.54 22.65
CA SER B 468 14.76 26.53 22.67
C SER B 468 14.56 25.06 22.34
C SER B 468 14.57 25.07 22.29
N GLY B 469 15.66 24.35 22.05
CA GLY B 469 15.55 22.92 21.76
C GLY B 469 14.93 22.15 22.89
N PHE B 470 15.28 22.50 24.13
CA PHE B 470 14.70 21.82 25.29
C PHE B 470 13.37 22.45 25.68
N ASN B 471 13.36 23.78 25.86
CA ASN B 471 12.24 24.45 26.49
C ASN B 471 10.99 24.39 25.63
N ARG B 472 11.15 24.41 24.31
N ARG B 472 11.16 24.42 24.32
CA ARG B 472 10.04 24.39 23.39
CA ARG B 472 10.03 24.38 23.39
C ARG B 472 9.95 23.07 22.64
C ARG B 472 9.96 23.05 22.66
N ASN B 473 11.01 22.69 21.92
CA ASN B 473 10.88 21.57 20.97
C ASN B 473 10.76 20.23 21.67
N LEU B 474 11.60 19.97 22.67
CA LEU B 474 11.54 18.69 23.36
C LEU B 474 10.27 18.61 24.20
N ALA B 475 9.89 19.72 24.83
CA ALA B 475 8.67 19.73 25.63
C ALA B 475 7.48 19.39 24.77
N PHE B 476 7.44 19.94 23.56
CA PHE B 476 6.34 19.62 22.64
C PHE B 476 6.38 18.15 22.25
N GLN B 477 7.57 17.63 21.95
CA GLN B 477 7.64 16.24 21.50
C GLN B 477 7.17 15.29 22.60
N VAL B 478 7.49 15.62 23.86
CA VAL B 478 7.06 14.75 24.96
C VAL B 478 5.54 14.84 25.17
N LEU B 479 4.94 16.03 24.97
CA LEU B 479 3.48 16.10 24.92
C LEU B 479 2.95 15.24 23.78
N TYR B 480 3.54 15.38 22.61
CA TYR B 480 3.08 14.65 21.44
C TYR B 480 3.07 13.15 21.70
N GLN B 481 4.15 12.65 22.30
CA GLN B 481 4.26 11.22 22.53
C GLN B 481 3.30 10.74 23.61
N THR B 482 2.98 11.61 24.58
CA THR B 482 1.99 11.22 25.58
C THR B 482 0.65 10.95 24.92
N PHE B 483 0.28 11.76 23.93
CA PHE B 483 -1.00 11.54 23.28
C PHE B 483 -0.94 10.49 22.18
N MET B 484 0.19 10.39 21.47
CA MET B 484 0.29 9.61 20.24
C MET B 484 1.16 8.37 20.35
N SER B 485 1.92 8.23 21.44
CA SER B 485 2.83 7.12 21.65
C SER B 485 3.78 6.96 20.47
N ARG B 486 3.68 5.84 19.73
CA ARG B 486 4.54 5.55 18.58
C ARG B 486 3.70 5.34 17.32
N SER B 487 2.58 6.03 17.19
CA SER B 487 1.53 5.58 16.29
C SER B 487 1.46 6.34 14.98
N PHE B 488 2.25 7.38 14.81
CA PHE B 488 2.11 8.26 13.66
C PHE B 488 3.42 8.98 13.42
N GLY B 489 3.67 9.29 12.15
CA GLY B 489 4.78 10.12 11.76
C GLY B 489 4.95 10.12 10.25
N GLN B 490 6.13 10.56 9.81
CA GLN B 490 6.44 10.54 8.38
C GLN B 490 6.45 9.12 7.83
N THR B 491 7.12 8.19 8.52
CA THR B 491 7.24 6.81 8.06
C THR B 491 6.48 5.83 8.93
N GLN B 492 5.93 6.26 10.05
N GLN B 492 5.93 6.27 10.06
CA GLN B 492 5.04 5.44 10.85
CA GLN B 492 5.04 5.44 10.87
C GLN B 492 3.63 5.68 10.31
C GLN B 492 3.63 5.67 10.34
N LYS B 493 3.15 4.75 9.50
CA LYS B 493 1.92 4.92 8.74
C LYS B 493 0.93 3.77 8.91
N GLY B 494 1.34 2.62 9.39
CA GLY B 494 0.41 1.53 9.62
C GLY B 494 -0.29 1.72 10.94
N TYR B 495 -1.33 0.95 11.17
CA TYR B 495 -2.07 1.03 12.43
C TYR B 495 -1.20 0.45 13.54
N ARG B 496 -1.01 1.22 14.60
N ARG B 496 -1.00 1.23 14.60
CA ARG B 496 -0.23 0.80 15.76
CA ARG B 496 -0.24 0.79 15.76
C ARG B 496 -1.02 1.17 17.00
C ARG B 496 -1.05 1.16 16.99
N GLU B 497 -1.11 0.24 17.94
CA GLU B 497 -1.79 0.46 19.20
C GLU B 497 -0.77 0.90 20.22
N ILE B 498 -1.27 1.25 21.40
CA ILE B 498 -0.43 1.78 22.46
C ILE B 498 0.26 0.63 23.19
N GLY B 499 1.58 0.60 23.17
CA GLY B 499 2.30 -0.42 23.89
C GLY B 499 2.22 -0.12 25.37
N PHE B 500 1.91 -1.15 26.16
CA PHE B 500 1.83 -0.98 27.60
C PHE B 500 3.09 -0.32 28.15
N ARG B 501 4.27 -0.78 27.74
CA ARG B 501 5.50 -0.25 28.32
C ARG B 501 5.75 1.21 27.96
N GLU B 502 5.00 1.77 27.00
CA GLU B 502 5.18 3.17 26.61
C GLU B 502 4.59 4.22 27.55
N ILE B 503 4.02 3.65 28.65
N ILE B 503 4.08 3.68 28.66
CA ILE B 503 3.73 4.43 29.84
CA ILE B 503 3.75 4.50 29.80
C ILE B 503 4.96 5.24 30.19
C ILE B 503 4.98 5.28 30.14
N GLN B 504 6.17 4.71 29.88
CA GLN B 504 7.32 5.61 29.94
C GLN B 504 7.17 7.07 29.52
N ASP B 505 6.42 7.38 28.46
CA ASP B 505 6.31 8.78 28.05
C ASP B 505 5.75 9.64 29.18
N LEU B 506 4.80 9.10 29.95
CA LEU B 506 4.23 9.82 31.07
C LEU B 506 5.23 10.06 32.19
N PHE B 507 6.31 9.27 32.24
CA PHE B 507 7.34 9.52 33.26
C PHE B 507 7.85 10.94 33.15
N ALA B 508 8.03 11.43 31.91
CA ALA B 508 8.52 12.78 31.69
C ALA B 508 7.39 13.81 31.62
N SER B 509 6.28 13.46 30.96
CA SER B 509 5.26 14.48 30.73
C SER B 509 4.38 14.76 31.93
N MET B 510 4.31 13.86 32.91
CA MET B 510 3.31 14.06 33.96
C MET B 510 3.54 15.39 34.68
N TYR B 511 4.80 15.78 34.87
CA TYR B 511 5.08 17.02 35.61
C TYR B 511 4.58 18.23 34.84
N TYR B 512 4.71 18.18 33.51
CA TYR B 512 4.22 19.27 32.68
C TYR B 512 2.70 19.38 32.79
N PHE B 513 1.98 18.27 32.66
CA PHE B 513 0.53 18.31 32.75
C PHE B 513 0.06 18.76 34.13
N ILE B 514 0.69 18.27 35.19
CA ILE B 514 0.29 18.67 36.53
C ILE B 514 0.43 20.17 36.71
N ASN B 515 1.48 20.74 36.15
CA ASN B 515 1.75 22.18 36.33
C ASN B 515 1.00 23.08 35.37
N ILE B 516 0.11 22.55 34.52
CA ILE B 516 -0.91 23.38 33.87
C ILE B 516 -2.32 23.00 34.34
N GLY B 517 -2.45 22.34 35.49
CA GLY B 517 -3.78 22.10 36.04
C GLY B 517 -4.43 20.81 35.62
N TYR B 518 -3.69 19.90 34.99
CA TYR B 518 -4.22 18.65 34.48
C TYR B 518 -3.74 17.41 35.26
N GLN B 519 -3.60 17.57 36.58
CA GLN B 519 -3.33 16.41 37.43
C GLN B 519 -4.38 15.30 37.25
N ASP B 520 -5.65 15.67 37.09
CA ASP B 520 -6.68 14.64 36.96
C ASP B 520 -6.49 13.83 35.66
N PHE B 521 -6.05 14.49 34.59
CA PHE B 521 -5.73 13.77 33.36
C PHE B 521 -4.62 12.76 33.60
N VAL B 522 -3.58 13.13 34.35
CA VAL B 522 -2.52 12.18 34.65
C VAL B 522 -3.08 10.97 35.40
N LYS B 523 -3.94 11.23 36.41
CA LYS B 523 -4.54 10.13 37.15
C LYS B 523 -5.33 9.24 36.21
N GLU B 524 -6.11 9.85 35.32
N GLU B 524 -6.10 9.85 35.31
CA GLU B 524 -6.90 9.10 34.36
CA GLU B 524 -6.90 9.09 34.36
C GLU B 524 -6.01 8.18 33.54
C GLU B 524 -6.03 8.18 33.51
N LEU B 525 -4.86 8.68 33.08
CA LEU B 525 -3.96 7.82 32.31
C LEU B 525 -3.43 6.67 33.17
N LEU B 526 -3.01 6.95 34.40
CA LEU B 526 -2.60 5.88 35.29
C LEU B 526 -3.67 4.81 35.38
N PHE B 527 -4.93 5.22 35.58
CA PHE B 527 -6.00 4.25 35.73
C PHE B 527 -6.25 3.50 34.42
N GLU B 528 -6.11 4.18 33.28
CA GLU B 528 -6.31 3.52 32.00
C GLU B 528 -5.29 2.40 31.77
N TRP B 529 -4.01 2.65 32.07
CA TRP B 529 -3.03 1.56 32.01
C TRP B 529 -3.35 0.48 33.03
N THR B 530 -3.78 0.89 34.24
CA THR B 530 -4.05 -0.08 35.29
C THR B 530 -5.16 -1.04 34.90
N ALA B 531 -6.14 -0.58 34.11
CA ALA B 531 -7.23 -1.42 33.64
C ALA B 531 -6.75 -2.46 32.63
N ASN B 532 -5.51 -2.37 32.17
CA ASN B 532 -4.91 -3.34 31.26
C ASN B 532 -4.03 -4.35 31.96
N VAL B 533 -4.10 -4.41 33.30
CA VAL B 533 -3.41 -5.41 34.10
C VAL B 533 -4.43 -6.46 34.54
N TYR B 534 -4.04 -7.72 34.41
CA TYR B 534 -4.88 -8.85 34.79
C TYR B 534 -4.75 -9.15 36.28
N LYS B 535 -5.73 -9.87 36.80
CA LYS B 535 -5.72 -10.23 38.22
C LYS B 535 -4.39 -10.85 38.64
N MET B 536 -3.84 -11.73 37.80
N MET B 536 -3.84 -11.74 37.79
CA MET B 536 -2.60 -12.39 38.20
CA MET B 536 -2.60 -12.41 38.13
C MET B 536 -1.40 -11.45 38.17
C MET B 536 -1.43 -11.42 38.21
N GLY B 537 -1.47 -10.35 37.44
CA GLY B 537 -0.41 -9.35 37.45
C GLY B 537 0.31 -9.11 36.14
N TYR B 538 0.07 -9.92 35.12
CA TYR B 538 0.58 -9.64 33.78
C TYR B 538 -0.33 -8.61 33.10
N ALA B 539 0.10 -8.09 31.95
CA ALA B 539 -0.57 -6.97 31.31
C ALA B 539 -0.85 -7.28 29.84
N ASN B 540 -1.89 -6.64 29.30
CA ASN B 540 -2.03 -6.57 27.86
C ASN B 540 -0.82 -5.86 27.27
N HIS B 541 -0.21 -6.47 26.28
CA HIS B 541 0.98 -5.87 25.65
C HIS B 541 0.63 -4.58 24.91
N ASN B 542 -0.57 -4.51 24.34
CA ASN B 542 -1.03 -3.38 23.56
C ASN B 542 -2.49 -3.09 23.92
N PHE B 543 -2.86 -1.82 23.77
CA PHE B 543 -4.27 -1.47 23.87
C PHE B 543 -4.57 -0.24 23.02
N TYR B 544 -5.85 -0.05 22.70
CA TYR B 544 -6.28 1.20 22.08
C TYR B 544 -7.68 1.52 22.61
N TRP B 545 -8.72 0.93 21.99
CA TRP B 545 -10.06 0.99 22.57
C TRP B 545 -10.21 -0.10 23.62
N VAL B 546 -9.62 -1.27 23.37
CA VAL B 546 -9.55 -2.40 24.28
C VAL B 546 -8.12 -2.93 24.23
N GLY B 547 -7.80 -3.82 25.15
CA GLY B 547 -6.49 -4.42 25.24
C GLY B 547 -6.40 -5.77 24.58
N LYS B 548 -5.17 -6.16 24.26
CA LYS B 548 -4.90 -7.45 23.64
C LYS B 548 -3.53 -7.95 24.06
N GLN B 549 -3.27 -9.23 23.73
CA GLN B 549 -1.97 -9.88 23.95
C GLN B 549 -1.66 -10.02 25.44
N PRO B 550 -2.46 -10.82 26.17
CA PRO B 550 -2.35 -10.89 27.63
C PRO B 550 -1.05 -11.54 28.11
N GLY B 551 -0.19 -10.75 28.76
CA GLY B 551 1.04 -11.29 29.29
C GLY B 551 2.01 -11.83 28.24
N LEU B 552 1.88 -11.36 27.00
CA LEU B 552 2.74 -11.85 25.94
C LEU B 552 4.20 -11.47 26.16
N TYR B 553 4.45 -10.27 26.68
CA TYR B 553 5.80 -9.82 26.97
C TYR B 553 5.96 -9.65 28.48
N SER B 554 7.11 -10.06 28.99
CA SER B 554 7.26 -10.27 30.42
C SER B 554 7.54 -9.00 31.21
N ASP B 555 8.04 -7.95 30.57
CA ASP B 555 8.41 -6.74 31.30
C ASP B 555 7.22 -5.81 31.56
N ASP B 556 6.16 -5.92 30.76
CA ASP B 556 5.22 -4.80 30.60
C ASP B 556 4.71 -4.23 31.92
N SER B 557 4.18 -5.08 32.79
CA SER B 557 3.49 -4.56 33.97
C SER B 557 4.43 -3.78 34.88
N LEU B 558 5.71 -4.14 34.88
CA LEU B 558 6.64 -3.58 35.87
C LEU B 558 6.85 -2.09 35.66
N TRP B 559 6.72 -1.61 34.43
CA TRP B 559 6.86 -0.19 34.17
C TRP B 559 5.79 0.65 34.88
N LEU B 560 4.62 0.07 35.15
CA LEU B 560 3.54 0.84 35.77
C LEU B 560 3.91 1.30 37.16
N LEU B 561 4.76 0.54 37.87
CA LEU B 561 5.16 0.97 39.20
C LEU B 561 5.99 2.25 39.15
N GLN B 562 6.81 2.42 38.10
CA GLN B 562 7.55 3.68 37.94
C GLN B 562 6.63 4.86 37.73
N ALA B 563 5.56 4.67 36.95
CA ALA B 563 4.59 5.75 36.75
C ALA B 563 3.90 6.13 38.05
N TYR B 564 3.39 5.15 38.79
CA TYR B 564 2.73 5.48 40.05
C TYR B 564 3.73 6.09 41.04
N TYR B 565 4.96 5.57 41.08
CA TYR B 565 5.95 6.14 41.99
C TYR B 565 6.19 7.61 41.67
N ARG B 566 6.47 7.92 40.41
CA ARG B 566 6.73 9.31 40.07
C ARG B 566 5.55 10.20 40.45
N TYR B 567 4.32 9.75 40.16
CA TYR B 567 3.14 10.54 40.47
C TYR B 567 2.98 10.73 41.96
N ILE B 568 3.08 9.65 42.74
CA ILE B 568 2.81 9.73 44.17
C ILE B 568 3.91 10.49 44.90
N ILE B 569 5.18 10.29 44.50
CA ILE B 569 6.25 11.03 45.18
C ILE B 569 6.16 12.52 44.86
N TYR B 570 5.76 12.86 43.65
CA TYR B 570 5.68 14.28 43.30
C TYR B 570 4.51 14.97 44.00
N THR B 571 3.33 14.35 43.95
CA THR B 571 2.11 14.99 44.42
C THR B 571 1.76 14.64 45.86
N LYS B 572 2.32 13.56 46.39
CA LYS B 572 1.95 12.95 47.66
C LYS B 572 0.51 12.45 47.68
N ASP B 573 -0.10 12.27 46.51
CA ASP B 573 -1.50 11.84 46.41
C ASP B 573 -1.59 10.33 46.43
N THR B 574 -1.68 9.76 47.64
CA THR B 574 -1.86 8.33 47.80
C THR B 574 -3.31 7.88 47.57
N SER B 575 -4.25 8.82 47.36
CA SER B 575 -5.63 8.41 47.17
C SER B 575 -5.80 7.48 45.96
N VAL B 576 -4.89 7.57 44.98
CA VAL B 576 -5.02 6.75 43.78
C VAL B 576 -4.95 5.28 44.10
N LEU B 577 -4.32 4.91 45.23
CA LEU B 577 -4.21 3.50 45.60
C LEU B 577 -5.55 2.87 45.91
N ASN B 578 -6.55 3.68 46.27
CA ASN B 578 -7.88 3.20 46.65
C ASN B 578 -8.85 3.20 45.48
N GLU B 579 -8.43 3.67 44.31
CA GLU B 579 -9.35 3.71 43.17
C GLU B 579 -9.69 2.28 42.76
N GLU B 580 -10.98 2.02 42.56
CA GLU B 580 -11.45 0.73 42.06
C GLU B 580 -11.44 0.77 40.54
N VAL B 581 -10.55 -0.01 39.94
CA VAL B 581 -10.34 0.03 38.50
C VAL B 581 -10.66 -1.34 37.92
N PRO B 582 -11.32 -1.41 36.76
CA PRO B 582 -11.57 -2.70 36.14
C PRO B 582 -10.29 -3.51 35.99
N VAL B 583 -10.39 -4.83 36.20
CA VAL B 583 -9.30 -5.74 35.88
C VAL B 583 -9.39 -6.09 34.40
N ALA B 584 -8.24 -6.41 33.80
CA ALA B 584 -8.22 -6.71 32.37
C ALA B 584 -8.98 -7.99 32.05
N ASP B 585 -9.21 -8.85 33.05
CA ASP B 585 -9.92 -10.10 32.81
C ASP B 585 -11.38 -9.90 32.47
N GLY B 586 -11.96 -8.74 32.76
CA GLY B 586 -13.34 -8.48 32.40
C GLY B 586 -14.35 -9.09 33.35
N ASN B 587 -15.39 -9.71 32.77
CA ASN B 587 -16.62 -10.06 33.48
C ASN B 587 -17.20 -8.70 33.82
N ASN B 588 -17.12 -8.29 35.06
CA ASN B 588 -17.31 -6.88 35.40
C ASN B 588 -16.57 -6.56 36.68
N GLU B 589 -15.39 -7.14 36.82
CA GLU B 589 -14.67 -7.14 38.07
C GLU B 589 -13.73 -5.96 38.15
N LYS B 590 -13.67 -5.34 39.33
CA LYS B 590 -12.77 -4.25 39.63
C LYS B 590 -11.90 -4.65 40.80
N ARG B 591 -10.79 -3.91 40.98
CA ARG B 591 -9.83 -4.18 42.03
C ARG B 591 -9.20 -2.84 42.42
N ALA B 592 -8.94 -2.63 43.70
CA ALA B 592 -8.25 -1.42 44.11
C ALA B 592 -6.85 -1.40 43.51
N VAL B 593 -6.41 -0.22 43.09
CA VAL B 593 -5.08 -0.05 42.50
C VAL B 593 -4.02 -0.71 43.37
N ARG B 594 -4.10 -0.48 44.69
CA ARG B 594 -3.08 -1.02 45.58
C ARG B 594 -2.93 -2.53 45.41
N GLU B 595 -4.05 -3.25 45.29
CA GLU B 595 -4.00 -4.70 45.12
C GLU B 595 -3.47 -5.10 43.76
N THR B 596 -3.73 -4.29 42.74
CA THR B 596 -3.15 -4.55 41.42
C THR B 596 -1.64 -4.38 41.43
N LEU B 597 -1.13 -3.34 42.10
CA LEU B 597 0.32 -3.17 42.18
C LEU B 597 0.97 -4.34 42.91
N LYS B 598 0.33 -4.82 43.99
CA LYS B 598 0.83 -5.99 44.69
C LYS B 598 0.86 -7.21 43.78
N ALA B 599 -0.18 -7.37 42.94
CA ALA B 599 -0.24 -8.50 42.03
C ALA B 599 0.85 -8.44 40.96
N ILE B 600 1.14 -7.25 40.42
CA ILE B 600 2.23 -7.09 39.46
C ILE B 600 3.52 -7.63 40.05
N ILE B 601 3.80 -7.23 41.28
CA ILE B 601 5.04 -7.66 41.94
C ILE B 601 5.03 -9.16 42.19
N GLN B 602 3.89 -9.71 42.64
CA GLN B 602 3.82 -11.14 42.91
C GLN B 602 4.05 -11.96 41.65
N TYR B 603 3.51 -11.50 40.52
CA TYR B 603 3.69 -12.24 39.27
C TYR B 603 5.16 -12.38 38.95
N SER B 604 5.92 -11.28 39.01
CA SER B 604 7.31 -11.33 38.59
C SER B 604 8.26 -11.78 39.69
N ALA B 605 7.87 -11.66 40.96
CA ALA B 605 8.75 -12.04 42.06
C ALA B 605 8.54 -13.45 42.55
N SER B 606 7.37 -14.04 42.31
CA SER B 606 7.03 -15.30 42.97
C SER B 606 6.43 -16.33 42.03
N ILE B 607 5.55 -15.92 41.11
CA ILE B 607 4.84 -16.90 40.29
C ILE B 607 5.63 -17.18 39.03
N SER B 608 5.79 -16.15 38.20
CA SER B 608 6.45 -16.29 36.91
C SER B 608 7.96 -16.04 37.07
N VAL B 609 8.59 -16.99 37.77
CA VAL B 609 10.03 -16.96 38.01
C VAL B 609 10.62 -18.30 37.58
N GLY B 610 11.91 -18.30 37.29
CA GLY B 610 12.65 -19.48 36.89
C GLY B 610 13.44 -20.09 38.02
N ASP B 611 14.42 -20.92 37.64
CA ASP B 611 15.16 -21.74 38.60
C ASP B 611 15.97 -20.89 39.58
N HIS B 612 16.26 -19.63 39.25
CA HIS B 612 17.01 -18.74 40.14
C HIS B 612 16.10 -17.75 40.86
N GLY B 613 14.79 -17.90 40.72
CA GLY B 613 13.87 -16.95 41.30
C GLY B 613 13.82 -15.60 40.65
N LEU B 614 14.31 -15.47 39.41
CA LEU B 614 14.20 -14.24 38.64
C LEU B 614 13.04 -14.33 37.66
N PRO B 615 12.52 -13.19 37.19
CA PRO B 615 11.34 -13.23 36.31
C PRO B 615 11.63 -13.99 35.03
N LEU B 616 10.64 -14.76 34.59
CA LEU B 616 10.76 -15.42 33.30
C LEU B 616 10.81 -14.42 32.16
N LEU B 617 11.56 -14.78 31.13
CA LEU B 617 11.66 -13.97 29.92
C LEU B 617 10.41 -14.07 29.05
N ASP B 618 9.80 -15.24 29.00
CA ASP B 618 8.64 -15.52 28.15
C ASP B 618 9.02 -15.27 26.68
N LEU B 619 8.10 -14.80 25.83
CA LEU B 619 8.43 -14.61 24.43
C LEU B 619 9.65 -13.71 24.29
N ALA B 620 9.64 -12.60 25.03
CA ALA B 620 10.69 -11.60 25.07
C ALA B 620 10.27 -10.58 26.13
N ASP B 621 11.21 -9.69 26.46
CA ASP B 621 10.97 -8.64 27.44
C ASP B 621 11.04 -7.30 26.72
N TRP B 622 11.62 -6.27 27.33
CA TRP B 622 11.80 -5.01 26.63
C TRP B 622 12.48 -5.21 25.28
N ASN B 623 13.42 -6.16 25.19
CA ASN B 623 14.19 -6.41 23.96
C ASN B 623 13.50 -7.49 23.13
N ASP B 624 12.94 -7.08 22.01
CA ASP B 624 12.21 -8.01 21.15
C ASP B 624 13.09 -9.00 20.41
N SER B 625 14.41 -8.86 20.48
N SER B 625 14.41 -8.86 20.48
CA SER B 625 15.29 -9.83 19.83
CA SER B 625 15.31 -9.81 19.83
C SER B 625 15.64 -11.01 20.72
C SER B 625 15.59 -11.03 20.70
N LEU B 626 15.27 -10.97 21.99
CA LEU B 626 15.59 -12.07 22.92
C LEU B 626 14.56 -13.19 22.82
N LYS B 627 14.35 -13.65 21.59
CA LYS B 627 13.48 -14.80 21.33
C LYS B 627 14.27 -16.08 21.59
N ILE B 628 14.65 -16.25 22.86
CA ILE B 628 15.52 -17.34 23.29
C ILE B 628 14.72 -18.62 23.49
N ASP B 629 13.47 -18.52 23.92
CA ASP B 629 12.63 -19.66 24.28
C ASP B 629 11.54 -19.83 23.22
N SER B 630 11.68 -20.84 22.37
CA SER B 630 10.81 -20.97 21.19
C SER B 630 9.43 -21.54 21.51
N ASN B 631 9.23 -22.09 22.71
CA ASN B 631 7.95 -22.62 23.13
C ASN B 631 7.36 -21.79 24.28
N SER B 632 7.60 -20.48 24.25
CA SER B 632 7.09 -19.61 25.29
C SER B 632 5.57 -19.56 25.27
N ILE B 633 5.00 -19.06 26.37
CA ILE B 633 3.57 -18.93 26.53
C ILE B 633 3.22 -17.53 27.02
N ASP B 634 2.01 -17.09 26.67
CA ASP B 634 1.49 -15.83 27.18
C ASP B 634 0.87 -16.04 28.56
N GLY B 635 0.39 -14.93 29.14
CA GLY B 635 -0.10 -14.97 30.51
C GLY B 635 -1.39 -15.75 30.66
N ALA B 636 -2.28 -15.67 29.66
CA ALA B 636 -3.52 -16.43 29.74
C ALA B 636 -3.24 -17.93 29.71
N THR B 637 -2.33 -18.37 28.83
CA THR B 637 -1.94 -19.78 28.79
C THR B 637 -1.25 -20.18 30.08
N LYS B 638 -0.29 -19.37 30.53
CA LYS B 638 0.38 -19.63 31.79
C LYS B 638 -0.61 -19.76 32.94
N GLU B 639 -1.59 -18.87 33.01
CA GLU B 639 -2.57 -18.91 34.09
C GLU B 639 -3.29 -20.27 34.11
N LYS B 640 -3.73 -20.74 32.94
CA LYS B 640 -4.42 -22.02 32.88
C LYS B 640 -3.52 -23.17 33.34
N LEU B 641 -2.28 -23.19 32.84
CA LEU B 641 -1.35 -24.24 33.24
C LEU B 641 -1.01 -24.13 34.73
N TYR B 642 -0.89 -22.91 35.24
CA TYR B 642 -0.54 -22.73 36.65
C TYR B 642 -1.61 -23.32 37.55
N TYR B 643 -2.88 -23.04 37.28
CA TYR B 643 -3.94 -23.60 38.12
C TYR B 643 -3.96 -25.11 38.02
N GLU B 644 -3.70 -25.67 36.83
CA GLU B 644 -3.62 -27.12 36.75
C GLU B 644 -2.43 -27.65 37.54
N GLN B 645 -1.33 -26.89 37.59
CA GLN B 645 -0.17 -27.31 38.36
C GLN B 645 -0.49 -27.30 39.85
N LEU B 646 -1.13 -26.24 40.33
CA LEU B 646 -1.49 -26.17 41.75
C LEU B 646 -2.36 -27.35 42.14
N LYS B 647 -3.31 -27.73 41.27
CA LYS B 647 -4.21 -28.83 41.56
C LYS B 647 -3.45 -30.15 41.60
N LYS B 648 -2.53 -30.35 40.66
CA LYS B 648 -1.85 -31.63 40.53
C LYS B 648 -0.79 -31.84 41.60
N THR B 649 -0.12 -30.78 42.05
CA THR B 649 0.93 -30.90 43.06
C THR B 649 0.49 -30.42 44.44
N ASN B 650 -0.80 -30.15 44.62
CA ASN B 650 -1.33 -29.62 45.88
C ASN B 650 -0.55 -28.39 46.35
N GLY B 651 -0.45 -27.40 45.47
CA GLY B 651 0.20 -26.15 45.79
C GLY B 651 -0.79 -25.07 46.20
N LYS B 652 -0.25 -23.89 46.51
CA LYS B 652 -1.05 -22.74 46.87
C LYS B 652 -0.74 -21.57 45.95
N TYR B 653 -1.77 -20.77 45.68
CA TYR B 653 -1.57 -19.60 44.85
C TYR B 653 -0.44 -18.75 45.41
N GLY B 654 0.47 -18.33 44.53
CA GLY B 654 1.66 -17.62 44.93
C GLY B 654 2.91 -18.47 44.86
N ASP B 655 2.75 -19.79 44.81
CA ASP B 655 3.87 -20.68 44.55
C ASP B 655 4.39 -20.48 43.13
N ARG B 656 5.62 -20.89 42.90
CA ARG B 656 6.25 -20.73 41.60
C ARG B 656 5.55 -21.59 40.54
N PHE B 657 5.39 -21.01 39.35
CA PHE B 657 5.07 -21.78 38.15
C PHE B 657 6.32 -22.53 37.72
N MET B 658 6.26 -23.86 37.69
N MET B 658 6.25 -23.86 37.70
CA MET B 658 7.47 -24.65 37.48
CA MET B 658 7.40 -24.72 37.45
C MET B 658 7.73 -24.84 36.00
C MET B 658 7.70 -24.75 35.95
N SER B 659 8.96 -24.58 35.59
CA SER B 659 9.36 -24.68 34.19
C SER B 659 10.88 -24.61 34.10
N ASP B 660 11.40 -24.92 32.91
CA ASP B 660 12.79 -24.68 32.55
C ASP B 660 12.96 -23.46 31.65
N TYR B 661 11.97 -22.55 31.66
CA TYR B 661 12.05 -21.33 30.88
C TYR B 661 13.21 -20.45 31.35
N SER B 662 13.72 -19.64 30.44
CA SER B 662 14.82 -18.74 30.72
C SER B 662 14.32 -17.53 31.54
N GLU B 663 15.25 -16.87 32.23
CA GLU B 663 14.97 -15.74 33.10
C GLU B 663 15.56 -14.45 32.53
N SER B 664 14.81 -13.36 32.69
CA SER B 664 15.26 -12.04 32.27
C SER B 664 15.88 -11.28 33.43
N VAL B 665 17.18 -10.96 33.30
CA VAL B 665 17.83 -10.17 34.34
C VAL B 665 17.37 -8.71 34.28
N MET B 666 17.09 -8.18 33.07
CA MET B 666 16.53 -6.84 33.01
C MET B 666 15.20 -6.76 33.76
N ASN B 667 14.34 -7.76 33.58
CA ASN B 667 13.09 -7.77 34.33
C ASN B 667 13.36 -7.82 35.84
N ALA B 668 14.41 -8.56 36.25
CA ALA B 668 14.74 -8.61 37.67
C ALA B 668 15.04 -7.22 38.21
N PHE B 669 15.75 -6.41 37.44
CA PHE B 669 16.04 -5.03 37.87
C PHE B 669 14.76 -4.18 37.87
N LEU B 670 13.97 -4.26 36.82
CA LEU B 670 12.70 -3.54 36.80
C LEU B 670 11.85 -3.92 38.00
N LEU B 671 11.86 -5.20 38.36
CA LEU B 671 11.10 -5.67 39.51
C LEU B 671 11.67 -5.13 40.82
N LYS B 672 12.99 -5.23 40.99
CA LYS B 672 13.58 -4.73 42.22
C LYS B 672 13.23 -3.26 42.42
N LEU B 673 13.35 -2.45 41.36
CA LEU B 673 12.97 -1.05 41.45
C LEU B 673 11.49 -0.91 41.79
N ALA B 674 10.64 -1.68 41.12
CA ALA B 674 9.21 -1.64 41.39
C ALA B 674 8.90 -1.94 42.85
N ILE B 675 9.59 -2.92 43.44
CA ILE B 675 9.38 -3.26 44.84
C ILE B 675 9.81 -2.12 45.74
N ASP B 676 10.99 -1.55 45.48
CA ASP B 676 11.41 -0.39 46.26
C ASP B 676 10.36 0.71 46.17
N HIS B 677 9.85 0.96 44.97
CA HIS B 677 8.85 2.00 44.78
C HIS B 677 7.60 1.71 45.60
N LEU B 678 7.12 0.46 45.56
CA LEU B 678 5.93 0.15 46.35
C LEU B 678 6.20 0.24 47.85
N ALA B 679 7.40 -0.12 48.30
CA ALA B 679 7.71 0.05 49.72
C ALA B 679 7.62 1.50 50.12
N GLU B 680 8.17 2.38 49.30
CA GLU B 680 8.15 3.81 49.60
C GLU B 680 6.73 4.37 49.52
N ILE B 681 5.98 3.99 48.50
CA ILE B 681 4.57 4.37 48.41
C ILE B 681 3.81 3.93 49.66
N ALA B 682 4.00 2.67 50.06
CA ALA B 682 3.31 2.16 51.23
C ALA B 682 3.68 2.96 52.47
N THR B 683 4.95 3.31 52.63
CA THR B 683 5.35 4.09 53.80
C THR B 683 4.65 5.44 53.81
N LEU B 684 4.58 6.09 52.65
CA LEU B 684 3.89 7.38 52.56
C LEU B 684 2.41 7.22 52.89
N ASP B 685 1.82 6.09 52.49
CA ASP B 685 0.43 5.76 52.74
C ASP B 685 0.21 5.22 54.15
N ASN B 686 1.24 5.22 54.99
CA ASN B 686 1.14 4.74 56.37
C ASN B 686 0.68 3.29 56.43
N ASP B 687 1.06 2.49 55.43
CA ASP B 687 0.71 1.07 55.33
C ASP B 687 1.94 0.29 55.76
N THR B 688 2.06 0.07 57.07
CA THR B 688 3.30 -0.48 57.63
C THR B 688 3.53 -1.92 57.19
N GLN B 689 2.45 -2.71 57.09
N GLN B 689 2.45 -2.71 57.09
CA GLN B 689 2.61 -4.11 56.71
CA GLN B 689 2.61 -4.11 56.72
C GLN B 689 3.17 -4.22 55.29
C GLN B 689 3.14 -4.24 55.29
N LEU B 690 2.56 -3.49 54.35
CA LEU B 690 3.04 -3.55 52.98
C LEU B 690 4.46 -3.00 52.84
N ALA B 691 4.76 -1.90 53.54
CA ALA B 691 6.12 -1.37 53.48
C ALA B 691 7.15 -2.39 53.95
N GLN B 692 6.85 -3.09 55.05
N GLN B 692 6.87 -3.07 55.07
CA GLN B 692 7.76 -4.10 55.57
CA GLN B 692 7.81 -4.06 55.57
C GLN B 692 7.89 -5.27 54.60
C GLN B 692 7.93 -5.24 54.62
N GLN B 693 6.77 -5.76 54.08
N GLN B 693 6.79 -5.70 54.08
CA GLN B 693 6.82 -6.87 53.15
CA GLN B 693 6.83 -6.85 53.17
C GLN B 693 7.66 -6.52 51.92
C GLN B 693 7.65 -6.52 51.93
N MET B 694 7.47 -5.32 51.38
CA MET B 694 8.19 -4.93 50.17
C MET B 694 9.67 -4.70 50.46
N SER B 695 9.98 -4.08 51.59
N SER B 695 9.99 -4.07 51.59
CA SER B 695 11.39 -3.91 51.97
CA SER B 695 11.39 -3.88 51.93
C SER B 695 12.11 -5.24 52.04
C SER B 695 12.11 -5.23 52.07
N GLU B 696 11.49 -6.23 52.69
N GLU B 696 11.46 -6.20 52.70
CA GLU B 696 12.14 -7.54 52.81
CA GLU B 696 12.08 -7.52 52.83
C GLU B 696 12.22 -8.22 51.45
C GLU B 696 12.21 -8.19 51.47
N LEU B 697 11.18 -8.07 50.62
CA LEU B 697 11.22 -8.70 49.30
C LEU B 697 12.31 -8.07 48.43
N SER B 698 12.51 -6.76 48.54
CA SER B 698 13.57 -6.11 47.77
C SER B 698 14.93 -6.69 48.13
N LYS B 699 15.18 -6.89 49.43
N LYS B 699 15.17 -6.91 49.43
CA LYS B 699 16.44 -7.49 49.85
CA LYS B 699 16.43 -7.51 49.85
C LYS B 699 16.59 -8.90 49.29
C LYS B 699 16.56 -8.93 49.30
N GLU B 700 15.52 -9.68 49.32
N GLU B 700 15.48 -9.71 49.35
CA GLU B 700 15.56 -11.04 48.80
CA GLU B 700 15.52 -11.06 48.79
C GLU B 700 15.85 -11.04 47.30
C GLU B 700 15.86 -11.03 47.31
N VAL B 701 15.15 -10.19 46.54
CA VAL B 701 15.37 -10.14 45.09
C VAL B 701 16.78 -9.66 44.78
N THR B 702 17.25 -8.66 45.51
CA THR B 702 18.62 -8.19 45.32
C THR B 702 19.62 -9.32 45.53
N ASP B 703 19.40 -10.13 46.56
CA ASP B 703 20.27 -11.27 46.82
C ASP B 703 20.24 -12.27 45.67
N ARG B 704 19.05 -12.54 45.13
CA ARG B 704 18.97 -13.46 43.99
C ARG B 704 19.77 -12.93 42.81
N ILE B 705 19.65 -11.62 42.52
CA ILE B 705 20.34 -11.03 41.39
C ILE B 705 21.84 -11.10 41.58
N GLN B 706 22.31 -10.74 42.78
CA GLN B 706 23.74 -10.72 43.03
C GLN B 706 24.31 -12.13 42.97
N LYS B 707 23.60 -13.09 43.54
CA LYS B 707 24.11 -14.46 43.60
C LYS B 707 24.09 -15.12 42.23
N HIS B 708 23.07 -14.85 41.42
CA HIS B 708 22.86 -15.64 40.22
C HIS B 708 23.06 -14.89 38.92
N ALA B 709 23.16 -13.56 38.94
CA ALA B 709 23.28 -12.79 37.72
C ALA B 709 24.54 -11.96 37.59
N TRP B 710 25.29 -11.71 38.66
CA TRP B 710 26.60 -11.12 38.50
C TRP B 710 27.57 -12.21 38.04
N LYS B 711 28.17 -12.03 36.86
CA LYS B 711 29.02 -13.03 36.22
C LYS B 711 30.36 -12.39 35.89
N GLU B 712 31.20 -12.29 36.91
N GLU B 712 31.25 -12.37 36.88
CA GLU B 712 32.59 -11.87 36.83
CA GLU B 712 32.64 -11.93 36.73
C GLU B 712 32.83 -10.41 36.47
C GLU B 712 32.78 -10.43 36.48
N ASN B 713 32.31 -9.94 35.33
CA ASN B 713 32.56 -8.57 34.91
C ASN B 713 31.32 -7.82 34.47
N PHE B 714 30.13 -8.37 34.66
CA PHE B 714 28.92 -7.72 34.20
C PHE B 714 27.74 -8.46 34.81
N PHE B 715 26.59 -7.79 34.88
CA PHE B 715 25.35 -8.48 35.12
C PHE B 715 24.90 -9.11 33.80
N ALA B 716 24.59 -10.40 33.87
CA ALA B 716 24.07 -11.09 32.71
C ALA B 716 22.74 -10.46 32.29
N ARG B 717 22.28 -10.86 31.12
CA ARG B 717 21.03 -10.39 30.54
C ARG B 717 19.93 -11.42 30.61
N VAL B 718 20.29 -12.70 30.43
CA VAL B 718 19.36 -13.82 30.47
C VAL B 718 20.06 -14.96 31.19
N LEU B 719 19.33 -15.64 32.08
CA LEU B 719 19.80 -16.90 32.64
C LEU B 719 19.06 -18.04 31.95
N ILE B 720 19.82 -19.07 31.57
CA ILE B 720 19.32 -20.15 30.75
C ILE B 720 19.26 -21.40 31.62
N ASN B 721 18.09 -22.04 31.62
CA ASN B 721 17.81 -23.10 32.58
C ASN B 721 17.55 -24.46 31.95
N ARG B 722 17.59 -24.57 30.63
CA ARG B 722 17.20 -25.82 29.98
C ARG B 722 18.35 -26.75 29.64
N TYR B 723 19.60 -26.39 29.96
CA TYR B 723 20.74 -27.26 29.65
C TYR B 723 21.35 -27.72 30.97
N LYS B 724 20.83 -28.85 31.49
CA LYS B 724 21.22 -29.27 32.83
C LYS B 724 22.66 -29.75 32.89
N ASP B 725 23.28 -30.05 31.74
CA ASP B 725 24.69 -30.38 31.69
C ASP B 725 25.59 -29.14 31.76
N GLY B 726 25.03 -27.94 31.77
CA GLY B 726 25.81 -26.73 31.87
C GLY B 726 26.33 -26.20 30.55
N SER B 727 25.90 -26.76 29.42
CA SER B 727 26.48 -26.35 28.15
C SER B 727 26.33 -24.84 27.94
N TYR B 728 25.17 -24.30 28.29
CA TYR B 728 24.94 -22.87 28.37
C TYR B 728 24.11 -22.59 29.60
N THR B 729 24.47 -21.54 30.35
CA THR B 729 23.70 -21.16 31.51
C THR B 729 23.42 -19.66 31.60
N TYR B 730 24.09 -18.82 30.81
CA TYR B 730 23.74 -17.41 30.84
C TYR B 730 24.15 -16.76 29.54
N LEU B 731 23.58 -15.59 29.30
CA LEU B 731 23.90 -14.72 28.17
C LEU B 731 24.07 -13.33 28.74
N GLY B 732 25.20 -12.69 28.46
CA GLY B 732 25.39 -11.31 28.84
C GLY B 732 26.57 -10.97 29.71
N ALA B 733 27.60 -11.81 29.75
CA ALA B 733 28.83 -11.42 30.44
C ALA B 733 29.98 -12.30 29.96
N LYS B 734 31.18 -11.97 30.44
CA LYS B 734 32.33 -12.80 30.14
C LYS B 734 32.02 -14.27 30.40
N GLY B 735 32.44 -15.15 29.49
CA GLY B 735 32.31 -16.57 29.66
C GLY B 735 30.98 -17.14 29.22
N ASP B 736 30.08 -16.33 28.66
CA ASP B 736 28.77 -16.83 28.26
C ASP B 736 28.81 -17.74 27.05
N LYS B 737 29.91 -17.75 26.30
CA LYS B 737 30.13 -18.58 25.12
C LYS B 737 29.28 -18.19 23.93
N LEU B 738 28.66 -17.01 23.95
CA LEU B 738 27.69 -16.62 22.94
C LEU B 738 28.14 -15.43 22.09
N SER B 739 29.38 -14.99 22.21
CA SER B 739 29.83 -13.91 21.37
C SER B 739 29.96 -14.35 19.92
N ALA B 740 29.58 -13.46 19.01
CA ALA B 740 29.85 -13.61 17.58
C ALA B 740 31.07 -12.83 17.13
N ASP B 741 31.75 -12.14 18.03
CA ASP B 741 32.95 -11.37 17.72
C ASP B 741 34.13 -12.11 18.33
N PRO B 742 35.05 -12.66 17.54
CA PRO B 742 36.16 -13.42 18.14
C PRO B 742 37.04 -12.59 19.04
N ASN B 743 36.99 -11.27 18.95
CA ASN B 743 37.80 -10.42 19.82
C ASN B 743 37.09 -10.04 21.11
N ILE B 744 35.87 -10.53 21.34
CA ILE B 744 35.14 -10.23 22.57
C ILE B 744 34.75 -11.54 23.22
N ASP B 745 35.17 -11.71 24.46
CA ASP B 745 34.73 -12.82 25.32
C ASP B 745 33.48 -12.34 26.05
N GLY B 746 32.33 -12.87 25.65
CA GLY B 746 31.05 -12.52 26.22
C GLY B 746 30.24 -11.63 25.29
N VAL B 747 28.96 -11.60 25.57
CA VAL B 747 28.03 -10.62 25.00
C VAL B 747 27.67 -9.64 26.11
N TYR B 748 27.68 -8.35 25.82
CA TYR B 748 27.37 -7.34 26.81
C TYR B 748 26.20 -6.49 26.35
N PHE B 749 25.17 -6.41 27.20
CA PHE B 749 23.96 -5.63 26.94
C PHE B 749 23.97 -4.34 27.74
N LEU B 750 23.89 -3.22 27.02
CA LEU B 750 23.85 -1.91 27.66
C LEU B 750 22.81 -1.84 28.78
N ASN B 751 21.64 -2.43 28.58
CA ASN B 751 20.58 -2.36 29.57
C ASN B 751 20.88 -3.16 30.84
N SER B 752 21.75 -4.19 30.79
CA SER B 752 22.16 -4.85 32.03
C SER B 752 22.84 -3.86 32.94
N PHE B 753 23.75 -3.05 32.36
CA PHE B 753 24.38 -1.99 33.12
C PHE B 753 23.33 -0.99 33.58
N ALA B 754 22.57 -0.44 32.62
CA ALA B 754 21.71 0.70 32.94
C ALA B 754 20.74 0.36 34.06
N TRP B 755 20.08 -0.78 33.96
CA TRP B 755 19.04 -1.15 34.92
C TRP B 755 19.61 -1.68 36.22
N SER B 756 20.86 -2.18 36.22
CA SER B 756 21.49 -2.52 37.48
C SER B 756 21.73 -1.29 38.35
N VAL B 757 21.93 -0.15 37.69
CA VAL B 757 22.16 1.11 38.39
C VAL B 757 20.84 1.82 38.70
N LEU B 758 19.93 1.88 37.73
CA LEU B 758 18.65 2.53 37.97
C LEU B 758 17.88 1.85 39.08
N SER B 759 18.11 0.56 39.30
CA SER B 759 17.43 -0.17 40.35
C SER B 759 18.24 -0.21 41.64
N ASP B 760 19.41 0.43 41.66
N ASP B 760 19.40 0.44 41.68
CA ASP B 760 20.27 0.50 42.85
CA ASP B 760 20.22 0.47 42.91
C ASP B 760 20.68 -0.88 43.35
C ASP B 760 20.61 -0.92 43.37
N VAL B 761 21.02 -1.77 42.43
CA VAL B 761 21.62 -3.07 42.75
C VAL B 761 23.14 -3.05 42.64
N ALA B 762 23.69 -2.43 41.61
CA ALA B 762 25.12 -2.51 41.36
C ALA B 762 25.92 -1.77 42.42
N THR B 763 26.93 -2.43 42.94
CA THR B 763 27.85 -1.78 43.87
C THR B 763 28.79 -0.85 43.11
N ASP B 764 29.50 0.00 43.84
CA ASP B 764 30.42 0.93 43.19
C ASP B 764 31.47 0.16 42.39
N GLU B 765 31.99 -0.94 42.93
N GLU B 765 31.97 -0.94 42.94
CA GLU B 765 33.00 -1.72 42.21
CA GLU B 765 32.97 -1.72 42.22
C GLU B 765 32.39 -2.36 40.97
C GLU B 765 32.38 -2.34 40.97
N GLN B 766 31.15 -2.85 41.06
CA GLN B 766 30.49 -3.41 39.89
C GLN B 766 30.32 -2.35 38.81
N ILE B 767 29.97 -1.13 39.22
CA ILE B 767 29.84 -0.03 38.27
C ILE B 767 31.18 0.25 37.59
N ALA B 768 32.26 0.33 38.38
CA ALA B 768 33.58 0.58 37.79
C ALA B 768 33.95 -0.48 36.75
N ILE B 769 33.69 -1.75 37.06
CA ILE B 769 34.02 -2.83 36.14
C ILE B 769 33.19 -2.74 34.88
N MET B 770 31.89 -2.49 35.03
CA MET B 770 31.01 -2.44 33.86
C MET B 770 31.32 -1.22 32.99
N VAL B 771 31.63 -0.09 33.60
CA VAL B 771 31.97 1.08 32.79
C VAL B 771 33.23 0.84 31.96
N ASP B 772 34.19 0.11 32.52
CA ASP B 772 35.38 -0.28 31.78
C ASP B 772 35.01 -1.12 30.56
N VAL B 773 34.13 -2.11 30.75
CA VAL B 773 33.70 -2.94 29.63
C VAL B 773 32.98 -2.08 28.59
N ILE B 774 32.10 -1.19 29.04
CA ILE B 774 31.38 -0.31 28.12
C ILE B 774 32.35 0.53 27.30
N LYS B 775 33.32 1.15 27.96
N LYS B 775 33.33 1.13 27.98
CA LYS B 775 34.27 1.97 27.19
CA LYS B 775 34.31 1.97 27.28
C LYS B 775 34.95 1.12 26.13
C LYS B 775 35.05 1.17 26.21
N LYS B 776 35.33 -0.09 26.49
CA LYS B 776 36.07 -0.93 25.56
C LYS B 776 35.23 -1.50 24.44
N HIS B 777 33.96 -1.82 24.69
CA HIS B 777 33.21 -2.63 23.74
C HIS B 777 31.82 -2.15 23.38
N LEU B 778 31.23 -1.20 24.11
CA LEU B 778 29.91 -0.67 23.75
C LEU B 778 29.94 0.79 23.30
N LEU B 779 31.00 1.53 23.57
CA LEU B 779 31.06 2.94 23.19
C LEU B 779 31.71 3.07 21.83
N THR B 780 30.95 3.48 20.84
CA THR B 780 31.43 3.71 19.49
C THR B 780 31.61 5.20 19.26
N PRO B 781 32.18 5.58 18.11
CA PRO B 781 32.29 7.01 17.80
C PRO B 781 30.95 7.69 17.65
N TYR B 782 29.88 6.93 17.50
CA TYR B 782 28.54 7.48 17.38
C TYR B 782 27.66 7.18 18.58
N GLY B 783 28.25 6.73 19.67
CA GLY B 783 27.51 6.55 20.91
C GLY B 783 27.49 5.11 21.36
N LEU B 784 26.61 4.84 22.32
CA LEU B 784 26.53 3.56 23.02
C LEU B 784 25.65 2.60 22.24
N ARG B 785 26.24 1.53 21.73
N ARG B 785 26.23 1.53 21.73
CA ARG B 785 25.44 0.50 21.07
CA ARG B 785 25.42 0.52 21.07
C ARG B 785 24.68 -0.32 22.12
C ARG B 785 24.68 -0.31 22.11
N LEU B 786 23.62 -0.98 21.64
CA LEU B 786 22.72 -1.67 22.54
C LEU B 786 23.33 -2.96 23.10
N VAL B 787 24.15 -3.62 22.29
CA VAL B 787 24.68 -4.94 22.61
C VAL B 787 25.88 -5.18 21.72
N THR B 788 26.79 -6.03 22.17
CA THR B 788 27.91 -6.48 21.36
C THR B 788 27.47 -7.67 20.52
N PRO B 789 28.27 -8.10 19.54
CA PRO B 789 27.79 -9.14 18.62
C PRO B 789 27.58 -10.49 19.29
N ALA B 790 26.42 -11.10 19.03
CA ALA B 790 26.01 -12.34 19.66
C ALA B 790 25.64 -13.38 18.62
N ASP B 791 25.86 -14.65 18.96
CA ASP B 791 25.48 -15.77 18.10
C ASP B 791 24.44 -16.59 18.83
N LEU B 792 23.19 -16.13 18.78
CA LEU B 792 22.14 -16.79 19.54
C LEU B 792 21.65 -18.08 18.87
N ASN B 793 22.07 -18.35 17.63
CA ASN B 793 21.73 -19.64 17.01
C ASN B 793 22.19 -20.81 17.85
N LYS B 794 23.22 -20.61 18.67
CA LYS B 794 23.74 -21.73 19.46
C LYS B 794 22.71 -22.22 20.46
N ILE B 795 21.80 -21.36 20.90
CA ILE B 795 20.78 -21.72 21.87
C ILE B 795 19.37 -21.52 21.35
N ALA B 796 19.19 -20.70 20.32
CA ALA B 796 17.87 -20.29 19.87
C ALA B 796 17.76 -20.63 18.39
N ASN B 797 18.08 -21.89 18.06
CA ASN B 797 17.85 -22.49 16.76
C ASN B 797 16.82 -21.74 15.95
N ASP B 798 15.75 -21.30 16.63
CA ASP B 798 14.73 -20.43 16.06
C ASP B 798 15.30 -19.22 15.34
N THR B 799 16.53 -18.83 15.62
CA THR B 799 16.95 -17.43 15.47
C THR B 799 16.96 -16.98 14.01
N ALA B 800 16.23 -15.90 13.76
CA ALA B 800 16.31 -15.15 12.51
C ALA B 800 17.75 -14.88 12.10
N THR B 801 18.14 -15.34 10.91
CA THR B 801 19.34 -14.77 10.32
C THR B 801 19.12 -13.27 10.13
N GLY B 802 20.22 -12.54 9.97
CA GLY B 802 20.15 -11.09 10.07
C GLY B 802 19.45 -10.45 8.90
N HIS B 803 18.88 -9.27 9.15
N HIS B 803 18.85 -9.28 9.17
CA HIS B 803 18.18 -8.55 8.10
CA HIS B 803 18.14 -8.53 8.15
C HIS B 803 18.86 -7.25 7.69
C HIS B 803 18.87 -7.29 7.67
N TYR B 804 19.92 -6.85 8.37
CA TYR B 804 20.46 -5.51 8.19
C TYR B 804 21.94 -5.52 7.87
N PHE B 805 22.32 -4.63 6.97
CA PHE B 805 23.72 -4.30 6.79
C PHE B 805 24.27 -3.69 8.09
N PHE B 806 25.58 -3.82 8.26
CA PHE B 806 26.21 -3.29 9.46
C PHE B 806 25.87 -1.81 9.59
N GLY B 807 25.47 -1.41 10.80
CA GLY B 807 25.14 -0.05 11.14
C GLY B 807 23.67 0.19 11.36
N ASP B 808 22.80 -0.61 10.74
CA ASP B 808 21.36 -0.37 10.83
C ASP B 808 20.71 -1.27 11.88
N ARG B 809 19.85 -0.65 12.68
CA ARG B 809 18.98 -1.33 13.64
C ARG B 809 19.76 -2.43 14.37
N GLU B 810 19.27 -3.67 14.29
N GLU B 810 19.27 -3.67 14.33
CA GLU B 810 19.83 -4.72 15.13
CA GLU B 810 19.85 -4.70 15.18
C GLU B 810 21.30 -4.96 14.84
C GLU B 810 21.28 -5.07 14.79
N ASN B 811 21.76 -4.69 13.62
CA ASN B 811 23.15 -4.98 13.27
C ASN B 811 24.05 -3.80 13.66
N GLY B 812 24.11 -3.54 14.96
CA GLY B 812 25.11 -2.66 15.51
C GLY B 812 24.74 -1.19 15.66
N ALA B 813 23.48 -0.80 15.49
CA ALA B 813 23.14 0.61 15.58
C ALA B 813 23.26 1.12 17.01
N VAL B 814 23.37 2.43 17.14
CA VAL B 814 23.14 3.12 18.40
C VAL B 814 21.64 3.40 18.48
N PHE B 815 20.94 2.59 19.25
CA PHE B 815 19.53 2.82 19.56
C PHE B 815 19.46 3.90 20.62
N LYS B 816 18.91 5.05 20.24
N LYS B 816 18.93 5.06 20.24
CA LYS B 816 19.07 6.23 21.07
CA LYS B 816 19.08 6.23 21.08
C LYS B 816 18.23 6.16 22.35
C LYS B 816 18.24 6.16 22.36
N HIS B 817 17.10 5.46 22.33
CA HIS B 817 16.33 5.29 23.56
C HIS B 817 17.13 4.51 24.59
N ALA B 818 17.65 3.35 24.21
CA ALA B 818 18.52 2.60 25.11
C ALA B 818 19.72 3.43 25.54
N SER B 819 20.30 4.21 24.62
N SER B 819 20.30 4.19 24.62
CA SER B 819 21.45 5.02 25.00
CA SER B 819 21.43 5.03 24.99
C SER B 819 21.06 6.00 26.09
C SER B 819 21.05 6.00 26.09
N MET B 820 19.83 6.53 26.05
CA MET B 820 19.39 7.49 27.06
C MET B 820 19.07 6.80 28.38
N MET B 821 18.62 5.54 28.35
CA MET B 821 18.48 4.82 29.61
C MET B 821 19.85 4.60 30.26
N ALA B 822 20.87 4.31 29.46
CA ALA B 822 22.21 4.17 29.99
C ALA B 822 22.72 5.50 30.53
N VAL B 823 22.41 6.59 29.84
CA VAL B 823 22.83 7.90 30.35
C VAL B 823 22.12 8.22 31.67
N ALA B 824 20.85 7.84 31.83
CA ALA B 824 20.17 8.02 33.11
C ALA B 824 20.93 7.33 34.23
N ALA B 825 21.41 6.10 33.96
CA ALA B 825 22.22 5.37 34.92
C ALA B 825 23.55 6.04 35.19
N LEU B 826 24.23 6.51 34.13
CA LEU B 826 25.50 7.19 34.32
C LEU B 826 25.34 8.44 35.19
N ILE B 827 24.25 9.18 34.99
CA ILE B 827 23.98 10.39 35.77
C ILE B 827 23.72 10.01 37.22
N LYS B 828 22.84 9.04 37.44
CA LYS B 828 22.51 8.63 38.80
C LYS B 828 23.76 8.18 39.54
N ALA B 829 24.60 7.41 38.88
CA ALA B 829 25.83 6.93 39.51
C ALA B 829 26.82 8.07 39.73
N ALA B 830 26.91 8.99 38.76
CA ALA B 830 27.88 10.07 38.91
C ALA B 830 27.58 10.95 40.11
N LYS B 831 26.30 11.03 40.51
CA LYS B 831 25.94 11.82 41.67
C LYS B 831 26.37 11.18 42.98
N LYS B 832 26.47 9.85 43.00
N LYS B 832 26.48 9.85 43.02
CA LYS B 832 26.54 9.08 44.24
CA LYS B 832 26.62 9.18 44.31
C LYS B 832 27.82 8.28 44.47
C LYS B 832 27.81 8.22 44.48
N VAL B 833 28.47 7.76 43.42
CA VAL B 833 29.61 6.86 43.64
C VAL B 833 30.69 7.58 44.47
N LYS B 834 31.41 6.82 45.28
CA LYS B 834 32.41 7.45 46.13
C LYS B 834 33.59 7.98 45.33
N ASP B 835 34.03 7.26 44.30
CA ASP B 835 35.23 7.61 43.54
C ASP B 835 34.90 8.73 42.56
N ASN B 836 35.45 9.91 42.82
CA ASN B 836 35.21 11.07 41.97
C ASN B 836 35.73 10.88 40.56
N GLU B 837 36.79 10.08 40.37
CA GLU B 837 37.29 9.84 39.02
C GLU B 837 36.33 8.98 38.21
N LEU B 838 35.69 8.01 38.85
CA LEU B 838 34.63 7.25 38.18
C LEU B 838 33.46 8.17 37.83
N ALA B 839 33.04 9.00 38.78
CA ALA B 839 31.96 9.96 38.53
C ALA B 839 32.29 10.85 37.34
N LYS B 840 33.52 11.39 37.31
CA LYS B 840 33.91 12.29 36.23
C LYS B 840 33.83 11.60 34.88
N GLU B 841 34.31 10.36 34.82
CA GLU B 841 34.31 9.62 33.57
C GLU B 841 32.90 9.31 33.13
N MET B 842 32.03 8.92 34.06
CA MET B 842 30.66 8.61 33.69
C MET B 842 29.93 9.84 33.19
N ALA B 843 30.19 11.01 33.80
CA ALA B 843 29.57 12.24 33.33
C ALA B 843 30.09 12.62 31.95
N ARG B 844 31.37 12.36 31.67
CA ARG B 844 31.89 12.59 30.33
C ARG B 844 31.16 11.75 29.30
N ILE B 845 30.95 10.47 29.61
CA ILE B 845 30.23 9.61 28.67
C ILE B 845 28.79 10.09 28.51
N ALA B 846 28.16 10.49 29.61
CA ALA B 846 26.80 11.00 29.58
C ALA B 846 26.66 12.18 28.62
N TYR B 847 27.54 13.17 28.75
CA TYR B 847 27.43 14.33 27.90
C TYR B 847 27.83 14.04 26.46
N PHE B 848 28.78 13.13 26.25
CA PHE B 848 29.13 12.70 24.89
C PHE B 848 27.90 12.13 24.20
N MET B 849 27.17 11.28 24.90
CA MET B 849 26.00 10.65 24.31
C MET B 849 24.85 11.65 24.13
N ILE B 850 24.64 12.51 25.13
CA ILE B 850 23.64 13.56 24.98
C ILE B 850 23.92 14.40 23.74
N ASP B 851 25.19 14.77 23.51
CA ASP B 851 25.52 15.60 22.36
C ASP B 851 25.16 14.91 21.05
N LEU B 852 25.21 13.58 21.02
CA LEU B 852 24.89 12.82 19.82
C LEU B 852 23.38 12.64 19.60
N VAL B 853 22.54 12.99 20.57
CA VAL B 853 21.10 12.87 20.42
C VAL B 853 20.34 14.20 20.40
N LEU B 854 20.93 15.29 20.89
CA LEU B 854 20.22 16.57 20.89
C LEU B 854 19.83 16.97 19.48
N PRO B 855 18.54 17.14 19.17
CA PRO B 855 18.17 17.37 17.77
C PRO B 855 18.82 18.59 17.15
N TYR B 856 18.96 19.70 17.88
CA TYR B 856 19.44 20.90 17.22
C TYR B 856 20.85 20.72 16.66
N LYS B 857 21.64 19.81 17.27
CA LYS B 857 23.00 19.58 16.80
C LYS B 857 23.03 18.88 15.47
N ASN B 858 21.88 18.35 15.01
CA ASN B 858 21.84 17.77 13.67
C ASN B 858 22.12 18.81 12.58
N LEU B 859 22.03 20.11 12.89
CA LEU B 859 22.38 21.13 11.91
C LEU B 859 23.89 21.45 11.88
N GLU B 860 24.71 20.78 12.67
CA GLU B 860 26.15 21.05 12.61
C GLU B 860 26.83 20.44 11.38
N ASN B 861 26.42 19.27 10.99
CA ASN B 861 26.96 18.58 9.81
C ASN B 861 25.80 17.81 9.20
N PRO B 862 24.77 18.54 8.72
CA PRO B 862 23.47 17.90 8.44
C PRO B 862 23.49 16.90 7.31
N PHE B 863 24.33 17.07 6.29
CA PHE B 863 24.31 16.11 5.19
C PHE B 863 24.97 14.80 5.53
N GLN B 864 25.71 14.73 6.64
CA GLN B 864 26.15 13.46 7.14
C GLN B 864 25.21 12.90 8.21
N VAL B 865 24.90 13.70 9.22
CA VAL B 865 24.14 13.16 10.37
C VAL B 865 22.64 13.15 10.16
N ALA B 866 22.13 13.94 9.21
CA ALA B 866 20.68 14.00 8.92
C ALA B 866 19.86 14.09 10.21
N GLY B 867 18.83 13.28 10.38
CA GLY B 867 17.97 13.37 11.54
C GLY B 867 16.85 14.37 11.33
N ASN B 868 16.74 15.30 12.25
CA ASN B 868 15.71 16.35 12.25
C ASN B 868 16.10 17.31 13.37
N PRO B 869 16.25 18.60 13.10
CA PRO B 869 16.84 19.48 14.11
C PRO B 869 15.87 19.94 15.20
N ARG B 870 14.62 19.50 15.16
CA ARG B 870 13.64 19.86 16.17
C ARG B 870 12.97 18.67 16.85
N ILE B 871 13.14 17.47 16.33
CA ILE B 871 12.42 16.29 16.75
C ILE B 871 13.44 15.15 16.77
N SER B 872 13.39 14.35 17.82
N SER B 872 13.42 14.36 17.83
N SER B 872 13.46 14.37 17.84
CA SER B 872 14.27 13.20 17.93
CA SER B 872 14.35 13.25 17.94
CA SER B 872 14.46 13.32 17.91
C SER B 872 14.09 12.27 16.75
C SER B 872 14.05 12.20 16.86
C SER B 872 14.06 12.14 17.03
N THR B 873 15.06 11.38 16.58
CA THR B 873 14.94 10.28 15.64
C THR B 873 15.39 9.04 16.42
N GLN B 874 15.18 7.85 15.86
CA GLN B 874 15.29 6.63 16.65
C GLN B 874 16.71 6.06 16.80
N TYR B 875 17.53 6.07 15.75
CA TYR B 875 18.82 5.41 15.87
C TYR B 875 19.87 6.15 15.07
N ILE B 876 21.13 5.90 15.43
CA ILE B 876 22.27 6.37 14.65
C ILE B 876 22.90 5.15 13.97
N ASN B 877 23.06 5.23 12.65
CA ASN B 877 23.76 4.22 11.90
C ASN B 877 25.25 4.32 12.21
N THR B 878 25.80 3.25 12.76
CA THR B 878 27.18 3.29 13.23
C THR B 878 28.20 3.14 12.11
N ASP B 879 27.75 2.90 10.89
CA ASP B 879 28.65 2.89 9.75
C ASP B 879 28.81 4.28 9.16
N THR B 880 27.77 5.11 9.20
CA THR B 880 27.78 6.41 8.52
C THR B 880 27.60 7.61 9.44
N GLY B 881 27.10 7.43 10.65
CA GLY B 881 26.72 8.52 11.53
C GLY B 881 25.36 9.12 11.27
N GLU B 882 24.59 8.54 10.35
CA GLU B 882 23.28 9.10 10.02
C GLU B 882 22.26 8.78 11.10
N ASN B 883 21.52 9.81 11.53
CA ASN B 883 20.35 9.66 12.41
C ASN B 883 19.16 9.28 11.54
N ILE B 884 18.61 8.09 11.81
N ILE B 884 18.61 8.10 11.79
CA ILE B 884 17.53 7.48 11.04
CA ILE B 884 17.53 7.53 10.98
C ILE B 884 16.24 7.56 11.84
C ILE B 884 16.24 7.47 11.79
N GLY B 885 15.12 7.77 11.12
CA GLY B 885 13.84 7.74 11.75
C GLY B 885 13.44 6.34 12.18
N PRO B 886 12.24 6.23 12.79
CA PRO B 886 11.17 7.24 12.86
C PRO B 886 11.44 8.34 13.89
N LEU B 887 10.50 9.29 13.94
CA LEU B 887 10.59 10.48 14.78
C LEU B 887 10.20 10.17 16.22
N LEU B 888 9.08 9.54 16.46
CA LEU B 888 8.64 9.31 17.83
C LEU B 888 9.42 8.14 18.40
N SER B 889 9.96 8.31 19.61
N SER B 889 9.90 8.28 19.63
CA SER B 889 10.77 7.26 20.22
CA SER B 889 10.67 7.22 20.25
C SER B 889 11.04 7.63 21.68
C SER B 889 10.97 7.61 21.69
N GLY B 890 11.41 6.61 22.46
CA GLY B 890 11.77 6.84 23.85
C GLY B 890 12.95 7.77 24.04
N THR B 891 13.68 8.06 22.96
CA THR B 891 14.80 8.98 23.04
C THR B 891 14.37 10.30 23.64
N ALA B 892 13.27 10.86 23.15
CA ALA B 892 12.88 12.20 23.61
C ALA B 892 12.51 12.18 25.08
N THR B 893 11.76 11.16 25.50
CA THR B 893 11.30 11.06 26.88
C THR B 893 12.49 11.00 27.82
N TRP B 894 13.43 10.10 27.53
CA TRP B 894 14.57 9.93 28.41
C TRP B 894 15.58 11.05 28.30
N LEU B 895 15.71 11.68 27.12
CA LEU B 895 16.55 12.87 27.04
C LEU B 895 16.02 13.95 27.96
N ASN B 896 14.69 14.12 28.00
CA ASN B 896 14.09 15.10 28.89
C ASN B 896 14.41 14.79 30.35
N LEU B 897 14.19 13.53 30.75
CA LEU B 897 14.50 13.14 32.11
C LEU B 897 15.97 13.38 32.42
N ASN B 898 16.85 13.04 31.48
CA ASN B 898 18.28 13.13 31.73
C ASN B 898 18.77 14.56 31.89
N LEU B 899 18.29 15.47 31.05
CA LEU B 899 18.76 16.86 31.16
C LEU B 899 18.29 17.49 32.46
N ILE B 900 17.07 17.17 32.89
CA ILE B 900 16.57 17.67 34.18
C ILE B 900 17.36 17.05 35.31
N SER B 901 17.70 15.76 35.20
N SER B 901 17.72 15.78 35.19
CA SER B 901 18.51 15.09 36.20
CA SER B 901 18.49 15.12 36.24
C SER B 901 19.88 15.74 36.31
C SER B 901 19.91 15.68 36.32
N LEU B 902 20.50 16.03 35.17
CA LEU B 902 21.83 16.66 35.19
C LEU B 902 21.76 18.04 35.81
N ALA B 903 20.67 18.79 35.55
CA ALA B 903 20.45 20.08 36.19
C ALA B 903 20.29 19.95 37.69
N GLY B 904 20.06 18.73 38.18
CA GLY B 904 20.10 18.43 39.60
C GLY B 904 18.80 18.05 40.23
N ILE B 905 17.71 17.94 39.48
CA ILE B 905 16.38 17.82 40.07
C ILE B 905 16.00 16.35 40.16
N GLU B 906 15.76 15.88 41.37
CA GLU B 906 15.15 14.58 41.61
C GLU B 906 14.15 14.77 42.72
N TYR B 907 12.93 14.26 42.53
CA TYR B 907 11.91 14.36 43.55
C TYR B 907 11.97 13.15 44.47
N THR B 908 12.03 13.43 45.77
CA THR B 908 12.20 12.41 46.78
C THR B 908 11.18 12.64 47.89
N ARG B 909 11.25 11.79 48.91
N ARG B 909 11.25 11.80 48.92
CA ARG B 909 10.28 11.83 50.00
CA ARG B 909 10.27 11.83 49.99
C ARG B 909 10.11 13.24 50.56
C ARG B 909 10.11 13.23 50.57
N ASP B 910 11.22 13.92 50.83
CA ASP B 910 11.18 15.16 51.58
C ASP B 910 11.29 16.41 50.72
N GLY B 911 11.25 16.26 49.40
CA GLY B 911 11.25 17.42 48.52
C GLY B 911 12.06 17.17 47.27
N ILE B 912 12.95 18.10 46.96
CA ILE B 912 13.78 18.07 45.77
C ILE B 912 15.19 17.78 46.22
N SER B 913 15.68 16.58 45.95
N SER B 913 15.66 16.57 45.97
CA SER B 913 17.09 16.25 46.21
CA SER B 913 17.07 16.24 46.17
C SER B 913 17.92 16.86 45.09
C SER B 913 17.85 16.92 45.06
N PHE B 914 18.65 17.92 45.41
CA PHE B 914 19.33 18.78 44.45
C PHE B 914 20.79 18.37 44.39
N ASN B 915 21.28 17.99 43.20
CA ASN B 915 22.60 17.42 43.05
C ASN B 915 23.02 17.55 41.59
N PRO B 916 23.37 18.75 41.15
CA PRO B 916 23.62 18.98 39.72
C PRO B 916 25.00 18.51 39.29
N ILE B 917 25.06 18.04 38.03
CA ILE B 917 26.30 17.55 37.41
C ILE B 917 26.48 18.35 36.12
N LEU B 918 27.26 19.43 36.20
CA LEU B 918 27.49 20.30 35.06
C LEU B 918 28.58 19.77 34.14
N ARG B 919 28.64 20.32 32.94
CA ARG B 919 29.75 20.03 32.06
C ARG B 919 31.03 20.65 32.61
N GLU B 920 32.16 20.01 32.31
CA GLU B 920 33.42 20.51 32.85
C GLU B 920 33.72 21.94 32.39
N GLU B 921 33.38 22.26 31.15
CA GLU B 921 33.68 23.58 30.62
C GLU B 921 32.68 24.64 31.04
N GLU B 922 31.54 24.25 31.59
CA GLU B 922 30.54 25.21 32.03
C GLU B 922 30.96 25.83 33.36
N THR B 923 30.75 27.13 33.49
CA THR B 923 30.95 27.82 34.75
C THR B 923 29.64 28.28 35.39
N GLN B 924 28.53 28.17 34.67
N GLN B 924 28.51 28.06 34.72
CA GLN B 924 27.23 28.62 35.16
CA GLN B 924 27.25 28.60 35.21
C GLN B 924 26.16 27.68 34.64
C GLN B 924 26.10 27.82 34.59
N LEU B 925 25.06 27.59 35.38
CA LEU B 925 23.85 26.95 34.88
C LEU B 925 22.67 27.58 35.61
N ASN B 926 21.73 28.12 34.86
CA ASN B 926 20.55 28.77 35.40
C ASN B 926 19.31 28.17 34.76
N PHE B 927 18.30 27.94 35.58
CA PHE B 927 17.02 27.45 35.09
C PHE B 927 15.93 27.81 36.07
N THR B 928 14.69 27.75 35.60
CA THR B 928 13.53 27.94 36.44
C THR B 928 12.72 26.65 36.45
N LEU B 929 12.03 26.44 37.57
CA LEU B 929 11.26 25.24 37.83
C LEU B 929 9.93 25.64 38.44
N LYS B 930 8.84 25.16 37.87
CA LYS B 930 7.52 25.37 38.44
C LYS B 930 7.13 24.17 39.27
N ALA B 931 6.43 24.43 40.37
CA ALA B 931 5.78 23.41 41.18
C ALA B 931 4.32 23.82 41.33
N PRO B 932 3.47 22.91 41.78
CA PRO B 932 2.02 23.22 41.81
C PRO B 932 1.68 24.45 42.61
N LYS B 933 2.41 24.73 43.69
CA LYS B 933 2.07 25.85 44.56
C LYS B 933 3.30 26.69 44.91
N SER B 934 4.33 26.66 44.07
CA SER B 934 5.48 27.54 44.25
C SER B 934 6.28 27.50 42.96
N SER B 935 7.34 28.30 42.91
CA SER B 935 8.28 28.26 41.80
C SER B 935 9.69 28.50 42.33
N TYR B 936 10.67 28.21 41.48
CA TYR B 936 12.07 28.26 41.83
C TYR B 936 12.89 28.89 40.72
N LYS B 937 13.90 29.66 41.13
CA LYS B 937 14.98 30.07 40.24
C LYS B 937 16.26 29.44 40.77
N PHE B 938 16.91 28.62 39.95
CA PHE B 938 18.12 27.93 40.31
C PHE B 938 19.30 28.57 39.60
N SER B 939 20.38 28.80 40.34
CA SER B 939 21.62 29.31 39.79
C SER B 939 22.78 28.49 40.35
N ILE B 940 23.61 27.94 39.48
CA ILE B 940 24.76 27.14 39.85
C ILE B 940 26.00 27.77 39.24
N THR B 941 27.04 27.96 40.05
N THR B 941 27.04 27.94 40.04
CA THR B 941 28.32 28.46 39.58
CA THR B 941 28.33 28.44 39.56
C THR B 941 29.42 27.48 39.98
C THR B 941 29.45 27.51 39.99
N LYS B 942 30.46 27.38 39.13
CA LYS B 942 31.60 26.53 39.43
C LYS B 942 32.78 27.02 38.61
N PRO B 943 34.01 26.73 39.03
CA PRO B 943 35.15 26.89 38.13
C PRO B 943 35.11 25.83 37.04
N VAL B 944 35.90 26.07 35.99
CA VAL B 944 36.12 25.04 34.99
C VAL B 944 36.68 23.79 35.67
N GLY B 945 36.21 22.63 35.20
CA GLY B 945 36.59 21.34 35.75
C GLY B 945 35.37 20.59 36.25
N PHE B 946 35.61 19.35 36.65
CA PHE B 946 34.52 18.52 37.15
C PHE B 946 34.23 18.84 38.60
N ALA B 947 32.98 19.17 38.89
CA ALA B 947 32.55 19.44 40.25
C ALA B 947 31.24 18.73 40.54
N ARG B 948 31.12 18.18 41.74
CA ARG B 948 29.87 17.59 42.19
C ARG B 948 29.82 17.66 43.71
N MET B 949 28.61 17.68 44.26
CA MET B 949 28.46 17.83 45.70
C MET B 949 29.15 16.71 46.48
N GLU B 950 29.20 15.49 45.94
CA GLU B 950 29.75 14.40 46.71
C GLU B 950 31.20 14.65 47.09
N SER B 951 31.95 15.33 46.22
CA SER B 951 33.40 15.41 46.36
C SER B 951 33.98 16.81 46.36
N SER B 952 33.23 17.83 45.97
CA SER B 952 33.73 19.18 45.85
C SER B 952 33.15 20.05 46.96
N GLU B 953 33.91 21.06 47.36
N GLU B 953 33.93 21.06 47.35
CA GLU B 953 33.40 22.00 48.34
CA GLU B 953 33.43 22.05 48.29
C GLU B 953 32.40 22.94 47.69
C GLU B 953 32.36 22.90 47.64
N TYR B 954 31.34 23.26 48.41
CA TYR B 954 30.27 24.08 47.86
C TYR B 954 29.56 24.80 48.99
N GLU B 955 28.82 25.83 48.61
CA GLU B 955 27.87 26.50 49.50
C GLU B 955 26.53 26.55 48.77
N LEU B 956 25.47 26.18 49.49
CA LEU B 956 24.12 26.15 48.99
C LEU B 956 23.28 27.15 49.78
N PHE B 957 22.52 27.98 49.07
CA PHE B 957 21.63 28.94 49.71
C PHE B 957 20.23 28.79 49.14
N VAL B 958 19.23 28.95 50.01
CA VAL B 958 17.83 29.01 49.59
C VAL B 958 17.23 30.26 50.22
N ASP B 959 16.69 31.15 49.37
CA ASP B 959 16.10 32.41 49.83
C ASP B 959 17.08 33.22 50.66
N GLY B 960 18.35 33.20 50.24
CA GLY B 960 19.38 33.98 50.85
C GLY B 960 19.98 33.42 52.11
N GLN B 961 19.51 32.25 52.57
CA GLN B 961 20.03 31.65 53.78
C GLN B 961 20.88 30.44 53.39
N LYS B 962 22.13 30.42 53.87
N LYS B 962 22.12 30.41 53.88
CA LYS B 962 22.95 29.24 53.69
CA LYS B 962 22.95 29.24 53.67
C LYS B 962 22.28 28.06 54.39
C LYS B 962 22.34 28.05 54.40
N ILE B 963 22.29 26.90 53.72
CA ILE B 963 21.71 25.68 54.27
C ILE B 963 22.66 24.52 53.99
N ASP B 964 22.58 23.49 54.83
CA ASP B 964 23.33 22.26 54.62
C ASP B 964 22.50 21.17 53.97
N ASN B 965 21.19 21.18 54.18
CA ASN B 965 20.30 20.15 53.67
C ASN B 965 20.11 20.36 52.17
N THR B 966 20.60 19.41 51.36
CA THR B 966 20.49 19.50 49.91
C THR B 966 19.15 19.00 49.39
N VAL B 967 18.26 18.56 50.27
CA VAL B 967 16.89 18.26 49.90
C VAL B 967 16.09 19.53 50.13
N ILE B 968 15.78 20.24 49.05
N ILE B 968 15.80 20.24 49.04
CA ILE B 968 15.08 21.51 49.10
CA ILE B 968 15.07 21.51 49.07
C ILE B 968 13.59 21.24 49.26
C ILE B 968 13.59 21.21 49.28
N PRO B 969 12.89 21.95 50.16
CA PRO B 969 11.45 21.70 50.31
C PRO B 969 10.70 21.93 49.02
N MET B 970 9.61 21.19 48.84
CA MET B 970 8.59 21.48 47.84
C MET B 970 7.66 22.53 48.46
N TYR B 971 7.89 23.79 48.14
CA TYR B 971 7.16 24.86 48.81
C TYR B 971 5.72 24.95 48.30
N THR B 972 4.84 25.40 49.18
CA THR B 972 3.43 25.57 48.84
C THR B 972 2.94 26.96 49.19
N ASP B 973 3.85 27.94 49.27
CA ASP B 973 3.51 29.28 49.69
C ASP B 973 3.21 30.23 48.53
N GLU B 974 3.15 29.70 47.30
CA GLU B 974 2.82 30.49 46.11
C GLU B 974 3.81 31.63 45.91
N LYS B 975 5.07 31.40 46.27
CA LYS B 975 6.15 32.35 46.09
C LYS B 975 7.25 31.73 45.23
N GLU B 976 8.08 32.62 44.68
CA GLU B 976 9.28 32.22 43.96
C GLU B 976 10.44 32.13 44.93
N HIS B 977 11.13 31.00 44.90
CA HIS B 977 12.26 30.74 45.80
C HIS B 977 13.55 30.72 45.00
N ILE B 978 14.59 31.30 45.59
CA ILE B 978 15.87 31.51 44.93
C ILE B 978 16.84 30.49 45.50
N VAL B 979 17.34 29.59 44.65
CA VAL B 979 18.31 28.58 45.05
C VAL B 979 19.62 28.90 44.35
N THR B 980 20.70 29.07 45.13
N THR B 980 20.68 29.11 45.13
CA THR B 980 22.01 29.37 44.60
CA THR B 980 22.01 29.36 44.57
C THR B 980 23.01 28.34 45.12
C THR B 980 22.97 28.32 45.11
N LEU B 981 23.77 27.76 44.21
CA LEU B 981 24.82 26.80 44.55
C LEU B 981 26.14 27.31 43.97
N LYS B 982 27.17 27.39 44.83
CA LYS B 982 28.47 27.86 44.39
C LYS B 982 29.51 26.80 44.75
N PHE B 983 30.10 26.19 43.74
CA PHE B 983 31.20 25.25 43.95
C PHE B 983 32.49 26.04 44.08
N LYS B 984 33.34 25.62 45.02
CA LYS B 984 34.54 26.39 45.33
C LYS B 984 35.74 25.85 44.59
#